data_1RJA
#
_entry.id   1RJA
#
_entity_poly.entity_id   1
_entity_poly.type   'polypeptide(L)'
_entity_poly.pdbx_seq_one_letter_code
;SEPWFFGCISRSEAVRRLQAEGNATGAFLIRVSEKPSADYVLSVRDTQAVRHYKIWRRAGGRLHLNEAVSFLSLPELVNY
HRAQSLSHGLRLAAPCRKHE
;
_entity_poly.pdbx_strand_id   A
#
# COMPACT_ATOMS: atom_id res chain seq x y z
N SER A 1 -0.34 6.13 -11.69
CA SER A 1 0.64 5.66 -10.67
C SER A 1 0.75 6.65 -9.52
N GLU A 2 0.17 6.29 -8.38
CA GLU A 2 0.20 7.15 -7.20
C GLU A 2 -0.51 6.48 -6.03
N PRO A 3 0.27 6.03 -5.03
CA PRO A 3 -0.28 5.36 -3.85
C PRO A 3 -0.87 6.36 -2.85
N TRP A 4 -0.16 7.45 -2.62
CA TRP A 4 -0.62 8.48 -1.69
C TRP A 4 -0.18 8.14 -0.27
N PHE A 5 1.03 8.54 0.09
CA PHE A 5 1.56 8.28 1.42
C PHE A 5 0.72 8.96 2.50
N PHE A 6 0.15 8.17 3.39
CA PHE A 6 -0.68 8.70 4.47
C PHE A 6 -0.40 7.96 5.78
N GLY A 7 0.56 8.48 6.54
CA GLY A 7 0.91 7.85 7.80
C GLY A 7 0.06 8.36 8.95
N CYS A 8 -1.16 8.79 8.64
CA CYS A 8 -2.06 9.28 9.67
C CYS A 8 -3.48 8.74 9.46
N ILE A 9 -3.56 7.53 8.91
CA ILE A 9 -4.85 6.90 8.65
C ILE A 9 -4.93 5.53 9.32
N SER A 10 -5.90 5.38 10.22
CA SER A 10 -6.09 4.11 10.93
C SER A 10 -6.57 3.02 9.98
N ARG A 11 -6.57 1.78 10.47
CA ARG A 11 -7.01 0.65 9.66
C ARG A 11 -8.48 0.80 9.27
N SER A 12 -9.17 1.74 9.91
CA SER A 12 -10.58 1.98 9.63
C SER A 12 -10.74 2.91 8.44
N GLU A 13 -10.00 4.01 8.45
CA GLU A 13 -10.06 5.00 7.38
C GLU A 13 -9.64 4.38 6.04
N ALA A 14 -8.56 3.59 6.08
CA ALA A 14 -8.06 2.93 4.89
C ALA A 14 -9.06 1.92 4.34
N VAL A 15 -9.60 1.09 5.24
CA VAL A 15 -10.57 0.08 4.86
C VAL A 15 -11.76 0.71 4.14
N ARG A 16 -12.20 1.85 4.62
CA ARG A 16 -13.34 2.56 4.04
C ARG A 16 -12.89 3.40 2.85
N ARG A 17 -11.58 3.61 2.73
CA ARG A 17 -11.03 4.39 1.64
C ARG A 17 -10.86 3.54 0.38
N LEU A 18 -10.14 2.44 0.50
CA LEU A 18 -9.91 1.55 -0.61
C LEU A 18 -11.22 0.98 -1.14
N GLN A 19 -12.10 0.60 -0.22
CA GLN A 19 -13.40 0.04 -0.57
C GLN A 19 -14.31 1.11 -1.17
N ALA A 20 -14.12 2.35 -0.73
CA ALA A 20 -14.92 3.47 -1.22
C ALA A 20 -15.14 3.37 -2.72
N GLU A 21 -16.04 4.20 -3.24
CA GLU A 21 -16.33 4.21 -4.67
C GLU A 21 -15.41 5.16 -5.41
N GLY A 22 -14.27 5.47 -4.80
CA GLY A 22 -13.31 6.36 -5.42
C GLY A 22 -12.22 5.62 -6.16
N ASN A 23 -12.23 4.29 -6.05
CA ASN A 23 -11.24 3.47 -6.72
C ASN A 23 -11.90 2.27 -7.40
N ALA A 24 -11.61 2.10 -8.69
CA ALA A 24 -12.17 0.99 -9.46
C ALA A 24 -11.25 -0.22 -9.43
N THR A 25 -10.77 -0.56 -8.24
CA THR A 25 -9.88 -1.70 -8.06
C THR A 25 -8.45 -1.32 -8.46
N GLY A 26 -7.51 -1.57 -7.55
CA GLY A 26 -6.12 -1.25 -7.83
C GLY A 26 -5.58 -0.17 -6.92
N ALA A 27 -6.49 0.56 -6.28
CA ALA A 27 -6.11 1.64 -5.38
C ALA A 27 -5.15 1.13 -4.31
N PHE A 28 -4.22 2.00 -3.90
CA PHE A 28 -3.24 1.63 -2.87
C PHE A 28 -2.72 2.87 -2.16
N LEU A 29 -2.54 2.76 -0.85
CA LEU A 29 -2.04 3.88 -0.05
C LEU A 29 -0.94 3.42 0.90
N ILE A 30 0.03 4.29 1.16
CA ILE A 30 1.13 3.98 2.05
C ILE A 30 1.00 4.75 3.37
N ARG A 31 0.63 4.04 4.43
CA ARG A 31 0.48 4.67 5.74
C ARG A 31 1.54 4.16 6.71
N VAL A 32 1.36 4.46 7.99
CA VAL A 32 2.30 4.03 9.02
C VAL A 32 1.84 2.75 9.69
N SER A 33 2.79 1.96 10.18
CA SER A 33 2.49 0.70 10.83
C SER A 33 1.94 0.94 12.24
N GLU A 34 0.60 0.92 12.35
CA GLU A 34 -0.05 1.13 13.63
C GLU A 34 0.26 -0.01 14.60
N LYS A 35 0.52 -1.19 14.04
CA LYS A 35 0.82 -2.36 14.86
C LYS A 35 2.32 -2.64 14.87
N PRO A 36 2.95 -2.74 13.69
CA PRO A 36 4.38 -3.01 13.57
C PRO A 36 5.23 -1.95 14.27
N SER A 37 6.48 -1.81 13.84
CA SER A 37 7.39 -0.83 14.41
C SER A 37 8.28 -0.21 13.33
N ALA A 38 8.44 1.10 13.40
CA ALA A 38 9.27 1.82 12.43
C ALA A 38 9.14 1.20 11.04
N ASP A 39 7.93 1.25 10.49
CA ASP A 39 7.68 0.70 9.17
C ASP A 39 6.47 1.37 8.52
N TYR A 40 6.02 0.82 7.39
CA TYR A 40 4.87 1.36 6.68
C TYR A 40 3.98 0.24 6.16
N VAL A 41 2.67 0.48 6.18
CA VAL A 41 1.71 -0.51 5.70
C VAL A 41 0.92 0.01 4.50
N LEU A 42 0.69 -0.86 3.53
CA LEU A 42 -0.05 -0.48 2.34
C LEU A 42 -1.38 -1.24 2.25
N SER A 43 -2.41 -0.56 1.78
CA SER A 43 -3.73 -1.16 1.64
C SER A 43 -4.27 -0.98 0.24
N VAL A 44 -4.75 -2.07 -0.36
CA VAL A 44 -5.29 -2.03 -1.71
C VAL A 44 -6.67 -2.68 -1.77
N ARG A 45 -7.59 -2.01 -2.45
CA ARG A 45 -8.95 -2.53 -2.60
C ARG A 45 -8.97 -3.79 -3.44
N ASP A 46 -7.83 -4.10 -4.06
CA ASP A 46 -7.72 -5.29 -4.91
C ASP A 46 -8.78 -5.28 -6.00
N THR A 47 -9.94 -5.87 -5.69
CA THR A 47 -11.05 -5.94 -6.64
C THR A 47 -12.39 -5.93 -5.92
N GLN A 48 -12.36 -5.51 -4.65
CA GLN A 48 -13.58 -5.45 -3.85
C GLN A 48 -13.27 -5.04 -2.42
N ALA A 49 -13.00 -6.03 -1.57
CA ALA A 49 -12.68 -5.78 -0.17
C ALA A 49 -11.40 -4.95 -0.05
N VAL A 50 -10.89 -4.85 1.18
CA VAL A 50 -9.67 -4.09 1.43
C VAL A 50 -8.55 -4.99 1.93
N ARG A 51 -7.41 -4.95 1.24
CA ARG A 51 -6.26 -5.77 1.61
C ARG A 51 -5.08 -4.89 2.03
N HIS A 52 -4.50 -5.21 3.19
CA HIS A 52 -3.38 -4.44 3.71
C HIS A 52 -2.10 -5.27 3.67
N TYR A 53 -0.97 -4.62 3.85
CA TYR A 53 0.33 -5.30 3.84
C TYR A 53 1.36 -4.51 4.65
N LYS A 54 2.26 -5.24 5.31
CA LYS A 54 3.29 -4.62 6.11
C LYS A 54 4.57 -4.41 5.30
N ILE A 55 5.10 -3.19 5.33
CA ILE A 55 6.31 -2.87 4.60
C ILE A 55 7.51 -2.78 5.53
N TRP A 56 8.34 -3.81 5.53
CA TRP A 56 9.52 -3.85 6.38
C TRP A 56 10.72 -3.22 5.67
N ARG A 57 11.38 -2.29 6.37
CA ARG A 57 12.54 -1.61 5.80
C ARG A 57 13.83 -2.35 6.14
N ARG A 58 14.85 -2.17 5.32
CA ARG A 58 16.14 -2.82 5.53
C ARG A 58 17.06 -1.95 6.37
N ALA A 59 16.47 -1.16 7.27
CA ALA A 59 17.24 -0.28 8.14
C ALA A 59 18.38 0.39 7.37
N GLY A 60 18.05 1.41 6.57
CA GLY A 60 19.06 2.10 5.81
C GLY A 60 18.49 2.78 4.58
N GLY A 61 17.55 2.10 3.91
CA GLY A 61 16.94 2.66 2.73
C GLY A 61 16.45 1.60 1.76
N ARG A 62 15.48 0.81 2.19
CA ARG A 62 14.94 -0.26 1.36
C ARG A 62 13.70 -0.88 2.00
N LEU A 63 12.55 -0.68 1.36
CA LEU A 63 11.30 -1.22 1.87
C LEU A 63 10.91 -2.49 1.13
N HIS A 64 10.31 -3.43 1.86
CA HIS A 64 9.89 -4.70 1.27
C HIS A 64 8.71 -5.29 2.04
N LEU A 65 7.58 -5.44 1.36
CA LEU A 65 6.39 -5.99 1.98
C LEU A 65 6.54 -7.49 2.22
N ASN A 66 7.56 -8.08 1.61
CA ASN A 66 7.82 -9.50 1.76
C ASN A 66 9.30 -9.82 1.51
N GLU A 67 9.65 -11.09 1.64
CA GLU A 67 11.03 -11.52 1.44
C GLU A 67 11.33 -11.72 -0.05
N ALA A 68 10.39 -11.31 -0.89
CA ALA A 68 10.56 -11.43 -2.34
C ALA A 68 10.19 -10.15 -3.06
N VAL A 69 10.02 -9.07 -2.28
CA VAL A 69 9.66 -7.77 -2.85
C VAL A 69 10.32 -6.64 -2.06
N SER A 70 11.57 -6.35 -2.39
CA SER A 70 12.31 -5.29 -1.72
C SER A 70 12.71 -4.19 -2.72
N PHE A 71 12.67 -2.95 -2.26
CA PHE A 71 13.03 -1.82 -3.10
C PHE A 71 13.70 -0.71 -2.29
N LEU A 72 14.82 -0.21 -2.80
CA LEU A 72 15.57 0.83 -2.13
C LEU A 72 14.64 1.80 -1.39
N SER A 73 13.55 2.20 -2.05
CA SER A 73 12.60 3.12 -1.44
C SER A 73 11.17 2.65 -1.66
N LEU A 74 10.22 3.40 -1.10
CA LEU A 74 8.81 3.07 -1.22
C LEU A 74 8.31 3.30 -2.65
N PRO A 75 8.39 4.54 -3.14
CA PRO A 75 7.95 4.89 -4.49
C PRO A 75 8.41 3.87 -5.53
N GLU A 76 9.62 3.36 -5.35
CA GLU A 76 10.17 2.37 -6.27
C GLU A 76 9.58 0.99 -5.99
N LEU A 77 9.43 0.67 -4.71
CA LEU A 77 8.87 -0.62 -4.31
C LEU A 77 7.50 -0.84 -4.96
N VAL A 78 6.69 0.22 -4.99
CA VAL A 78 5.36 0.14 -5.58
C VAL A 78 5.44 -0.11 -7.08
N ASN A 79 6.25 0.68 -7.76
CA ASN A 79 6.42 0.54 -9.21
C ASN A 79 6.39 -0.93 -9.61
N TYR A 80 7.11 -1.75 -8.87
CA TYR A 80 7.17 -3.18 -9.16
C TYR A 80 5.85 -3.86 -8.82
N HIS A 81 5.21 -3.40 -7.75
CA HIS A 81 3.94 -3.96 -7.32
C HIS A 81 2.89 -3.82 -8.41
N ARG A 82 2.92 -2.70 -9.11
CA ARG A 82 1.96 -2.44 -10.19
C ARG A 82 2.16 -3.41 -11.34
N ALA A 83 3.41 -3.59 -11.75
CA ALA A 83 3.74 -4.50 -12.84
C ALA A 83 3.52 -5.96 -12.41
N GLN A 84 4.20 -6.35 -11.34
CA GLN A 84 4.07 -7.71 -10.83
C GLN A 84 3.03 -7.79 -9.73
N SER A 85 2.11 -8.75 -9.85
CA SER A 85 1.06 -8.93 -8.87
C SER A 85 1.45 -10.00 -7.84
N LEU A 86 2.73 -10.38 -7.84
CA LEU A 86 3.23 -11.37 -6.92
C LEU A 86 2.63 -11.19 -5.53
N SER A 87 3.29 -10.39 -4.71
CA SER A 87 2.81 -10.13 -3.35
C SER A 87 1.68 -9.11 -3.35
N HIS A 88 0.67 -9.37 -4.16
CA HIS A 88 -0.48 -8.47 -4.26
C HIS A 88 -1.65 -9.15 -5.00
N GLY A 89 -2.80 -9.18 -4.35
CA GLY A 89 -3.97 -9.79 -4.94
C GLY A 89 -4.47 -9.04 -6.16
N LEU A 90 -3.87 -7.87 -6.41
CA LEU A 90 -4.26 -7.05 -7.56
C LEU A 90 -3.23 -5.96 -7.81
N ARG A 91 -2.57 -6.03 -8.97
CA ARG A 91 -1.56 -5.04 -9.33
C ARG A 91 -2.08 -3.63 -9.13
N LEU A 92 -1.36 -2.86 -8.32
CA LEU A 92 -1.74 -1.47 -8.04
C LEU A 92 -2.13 -0.74 -9.33
N ALA A 93 -2.68 0.46 -9.17
CA ALA A 93 -3.10 1.26 -10.32
C ALA A 93 -3.04 2.75 -10.00
N ALA A 94 -4.12 3.26 -9.40
CA ALA A 94 -4.20 4.67 -9.04
C ALA A 94 -4.27 4.85 -7.53
N PRO A 95 -4.22 6.12 -7.06
CA PRO A 95 -4.28 6.43 -5.63
C PRO A 95 -5.66 6.18 -5.04
N CYS A 96 -5.70 5.84 -3.75
CA CYS A 96 -6.96 5.58 -3.07
C CYS A 96 -7.74 6.87 -2.85
N ARG A 97 -8.86 7.00 -3.56
CA ARG A 97 -9.69 8.19 -3.45
C ARG A 97 -10.57 8.13 -2.21
N LYS A 98 -11.04 9.29 -1.75
CA LYS A 98 -11.89 9.36 -0.57
C LYS A 98 -13.11 10.24 -0.83
N HIS A 99 -13.65 10.82 0.24
CA HIS A 99 -14.81 11.69 0.12
C HIS A 99 -14.64 12.94 0.97
N GLU A 100 -14.09 13.99 0.36
CA GLU A 100 -13.87 15.25 1.07
C GLU A 100 -13.27 16.30 0.13
N SER A 1 2.85 3.76 -9.17
CA SER A 1 3.39 5.10 -9.47
C SER A 1 2.49 6.20 -8.94
N GLU A 2 1.67 5.86 -7.94
CA GLU A 2 0.75 6.82 -7.34
C GLU A 2 -0.04 6.17 -6.21
N PRO A 3 0.61 5.96 -5.05
CA PRO A 3 -0.01 5.34 -3.87
C PRO A 3 -0.63 6.35 -2.92
N TRP A 4 0.04 7.49 -2.75
CA TRP A 4 -0.40 8.53 -1.82
C TRP A 4 -0.08 8.08 -0.39
N PHE A 5 1.10 8.45 0.09
CA PHE A 5 1.54 8.08 1.43
C PHE A 5 0.80 8.86 2.50
N PHE A 6 0.20 8.14 3.44
CA PHE A 6 -0.53 8.76 4.53
C PHE A 6 -0.16 8.09 5.85
N GLY A 7 0.77 8.70 6.59
CA GLY A 7 1.19 8.13 7.84
C GLY A 7 0.25 8.48 8.98
N CYS A 8 -0.94 8.95 8.65
CA CYS A 8 -1.92 9.30 9.67
C CYS A 8 -3.20 8.49 9.55
N ILE A 9 -3.34 7.74 8.46
CA ILE A 9 -4.53 6.92 8.27
C ILE A 9 -4.39 5.56 8.93
N SER A 10 -5.42 5.16 9.66
CA SER A 10 -5.42 3.87 10.34
C SER A 10 -6.16 2.84 9.52
N ARG A 11 -6.15 1.59 9.99
CA ARG A 11 -6.82 0.51 9.28
C ARG A 11 -8.31 0.80 9.12
N SER A 12 -8.83 1.70 9.94
CA SER A 12 -10.24 2.07 9.88
C SER A 12 -10.57 2.80 8.59
N GLU A 13 -9.81 3.86 8.30
CA GLU A 13 -10.05 4.65 7.10
C GLU A 13 -9.64 3.90 5.84
N ALA A 14 -8.39 3.44 5.81
CA ALA A 14 -7.87 2.72 4.65
C ALA A 14 -8.81 1.60 4.24
N VAL A 15 -9.58 1.09 5.20
CA VAL A 15 -10.52 0.02 4.91
C VAL A 15 -11.73 0.56 4.13
N ARG A 16 -12.29 1.66 4.62
CA ARG A 16 -13.45 2.27 3.97
C ARG A 16 -13.01 3.23 2.87
N ARG A 17 -11.72 3.55 2.84
CA ARG A 17 -11.16 4.45 1.84
C ARG A 17 -10.82 3.68 0.57
N LEU A 18 -10.18 2.53 0.74
CA LEU A 18 -9.82 1.68 -0.38
C LEU A 18 -11.08 1.12 -1.03
N GLN A 19 -12.01 0.76 -0.17
CA GLN A 19 -13.30 0.21 -0.59
C GLN A 19 -14.22 1.28 -1.18
N ALA A 20 -13.97 2.54 -0.82
CA ALA A 20 -14.79 3.65 -1.30
C ALA A 20 -14.98 3.58 -2.82
N GLU A 21 -15.80 4.46 -3.38
CA GLU A 21 -16.04 4.47 -4.82
C GLU A 21 -15.07 5.38 -5.54
N GLY A 22 -14.04 5.77 -4.84
CA GLY A 22 -13.00 6.60 -5.40
C GLY A 22 -11.83 5.78 -5.88
N ASN A 23 -11.85 4.49 -5.55
CA ASN A 23 -10.79 3.57 -5.92
C ASN A 23 -11.28 2.52 -6.91
N ALA A 24 -10.73 2.55 -8.12
CA ALA A 24 -11.11 1.61 -9.15
C ALA A 24 -10.13 0.45 -9.22
N THR A 25 -10.11 -0.34 -8.15
CA THR A 25 -9.23 -1.50 -8.03
C THR A 25 -7.76 -1.11 -8.21
N GLY A 26 -6.91 -1.75 -7.42
CA GLY A 26 -5.49 -1.44 -7.47
C GLY A 26 -5.15 -0.26 -6.61
N ALA A 27 -6.14 0.61 -6.35
CA ALA A 27 -5.94 1.78 -5.52
C ALA A 27 -5.12 1.40 -4.29
N PHE A 28 -3.99 2.05 -4.11
CA PHE A 28 -3.11 1.73 -3.00
C PHE A 28 -2.74 3.00 -2.24
N LEU A 29 -2.27 2.79 -1.02
CA LEU A 29 -1.87 3.90 -0.15
C LEU A 29 -0.85 3.43 0.88
N ILE A 30 0.13 4.25 1.16
CA ILE A 30 1.15 3.86 2.14
C ILE A 30 1.00 4.64 3.42
N ARG A 31 0.65 3.94 4.50
CA ARG A 31 0.49 4.58 5.80
C ARG A 31 1.52 4.06 6.78
N VAL A 32 1.48 4.56 8.00
CA VAL A 32 2.41 4.13 9.03
C VAL A 32 1.93 2.85 9.71
N SER A 33 2.86 1.92 9.88
CA SER A 33 2.56 0.65 10.52
C SER A 33 1.88 0.83 11.87
N GLU A 34 0.56 0.64 11.90
CA GLU A 34 -0.19 0.77 13.14
C GLU A 34 0.16 -0.37 14.09
N LYS A 35 0.66 -1.45 13.53
CA LYS A 35 1.06 -2.62 14.30
C LYS A 35 2.59 -2.77 14.30
N PRO A 36 3.21 -2.85 13.11
CA PRO A 36 4.67 -2.98 12.99
C PRO A 36 5.41 -1.83 13.68
N SER A 37 6.68 -1.66 13.36
CA SER A 37 7.48 -0.59 13.95
C SER A 37 8.47 0.00 12.94
N ALA A 38 8.53 1.32 12.88
CA ALA A 38 9.44 2.01 11.96
C ALA A 38 9.27 1.49 10.53
N ASP A 39 8.02 1.24 10.14
CA ASP A 39 7.72 0.73 8.81
C ASP A 39 6.51 1.46 8.22
N TYR A 40 5.97 0.89 7.14
CA TYR A 40 4.80 1.47 6.49
C TYR A 40 3.92 0.35 5.99
N VAL A 41 2.65 0.49 6.19
CA VAL A 41 1.71 -0.52 5.76
C VAL A 41 0.95 -0.04 4.54
N LEU A 42 0.97 -0.86 3.50
CA LEU A 42 0.32 -0.51 2.27
C LEU A 42 -0.96 -1.30 2.10
N SER A 43 -2.00 -0.62 1.69
CA SER A 43 -3.27 -1.29 1.47
C SER A 43 -3.74 -1.04 0.07
N VAL A 44 -4.63 -1.89 -0.39
CA VAL A 44 -5.14 -1.78 -1.73
C VAL A 44 -6.55 -2.31 -1.85
N ARG A 45 -7.39 -1.59 -2.59
CA ARG A 45 -8.76 -2.03 -2.81
C ARG A 45 -8.75 -3.32 -3.61
N ASP A 46 -7.58 -3.63 -4.16
CA ASP A 46 -7.41 -4.85 -4.94
C ASP A 46 -8.46 -4.92 -6.06
N THR A 47 -9.54 -5.64 -5.80
CA THR A 47 -10.62 -5.78 -6.78
C THR A 47 -11.96 -5.38 -6.18
N GLN A 48 -12.03 -5.35 -4.86
CA GLN A 48 -13.24 -4.98 -4.14
C GLN A 48 -12.92 -4.61 -2.70
N ALA A 49 -12.62 -5.64 -1.92
CA ALA A 49 -12.28 -5.46 -0.51
C ALA A 49 -10.96 -4.71 -0.37
N VAL A 50 -10.45 -4.62 0.86
CA VAL A 50 -9.18 -3.94 1.10
C VAL A 50 -8.13 -4.95 1.54
N ARG A 51 -6.99 -4.89 0.88
CA ARG A 51 -5.89 -5.78 1.18
C ARG A 51 -4.72 -5.00 1.74
N HIS A 52 -4.50 -5.10 3.05
CA HIS A 52 -3.42 -4.37 3.69
C HIS A 52 -2.12 -5.16 3.58
N TYR A 53 -1.00 -4.47 3.78
CA TYR A 53 0.31 -5.09 3.69
C TYR A 53 1.35 -4.34 4.51
N LYS A 54 2.16 -5.08 5.26
CA LYS A 54 3.22 -4.49 6.06
C LYS A 54 4.46 -4.28 5.21
N ILE A 55 4.85 -3.03 5.00
CA ILE A 55 6.03 -2.72 4.21
C ILE A 55 7.20 -2.48 5.14
N TRP A 56 8.02 -3.50 5.30
CA TRP A 56 9.16 -3.44 6.21
C TRP A 56 10.38 -2.83 5.52
N ARG A 57 11.22 -2.16 6.31
CA ARG A 57 12.42 -1.53 5.80
C ARG A 57 13.62 -2.47 5.90
N ARG A 58 14.70 -2.14 5.21
CA ARG A 58 15.90 -2.96 5.23
C ARG A 58 16.97 -2.36 6.12
N ALA A 59 16.54 -1.58 7.11
CA ALA A 59 17.47 -0.94 8.05
C ALA A 59 18.55 -0.17 7.30
N GLY A 60 18.23 0.27 6.09
CA GLY A 60 19.18 1.02 5.29
C GLY A 60 18.60 1.53 4.00
N GLY A 61 17.31 1.86 4.02
CA GLY A 61 16.65 2.36 2.83
C GLY A 61 16.26 1.26 1.86
N ARG A 62 15.12 0.63 2.11
CA ARG A 62 14.63 -0.45 1.25
C ARG A 62 13.39 -1.09 1.85
N LEU A 63 12.26 -0.85 1.21
CA LEU A 63 10.99 -1.40 1.65
C LEU A 63 10.74 -2.76 1.02
N HIS A 64 10.11 -3.64 1.77
CA HIS A 64 9.80 -4.97 1.28
C HIS A 64 8.61 -5.56 2.02
N LEU A 65 7.45 -5.51 1.37
CA LEU A 65 6.23 -6.04 1.96
C LEU A 65 6.35 -7.55 2.11
N ASN A 66 7.28 -8.12 1.35
CA ASN A 66 7.54 -9.56 1.38
C ASN A 66 9.03 -9.83 1.16
N GLU A 67 9.42 -11.10 1.27
CA GLU A 67 10.81 -11.48 1.09
C GLU A 67 11.20 -11.56 -0.39
N ALA A 68 10.44 -10.88 -1.25
CA ALA A 68 10.74 -10.89 -2.67
C ALA A 68 10.35 -9.56 -3.34
N VAL A 69 10.09 -8.53 -2.54
CA VAL A 69 9.71 -7.23 -3.10
C VAL A 69 10.45 -6.08 -2.39
N SER A 70 11.78 -6.14 -2.40
CA SER A 70 12.58 -5.11 -1.75
C SER A 70 12.83 -3.93 -2.68
N PHE A 71 12.68 -2.71 -2.14
CA PHE A 71 12.88 -1.49 -2.93
C PHE A 71 13.24 -0.32 -2.03
N LEU A 72 14.40 0.28 -2.32
CA LEU A 72 14.93 1.43 -1.60
C LEU A 72 13.86 2.26 -0.87
N SER A 73 12.71 2.44 -1.51
CA SER A 73 11.64 3.22 -0.91
C SER A 73 10.27 2.73 -1.38
N LEU A 74 9.21 3.33 -0.83
CA LEU A 74 7.85 2.96 -1.19
C LEU A 74 7.62 3.14 -2.69
N PRO A 75 7.73 4.38 -3.20
CA PRO A 75 7.53 4.70 -4.61
C PRO A 75 8.09 3.62 -5.54
N GLU A 76 9.30 3.15 -5.25
CA GLU A 76 9.91 2.10 -6.06
C GLU A 76 9.32 0.76 -5.68
N LEU A 77 9.11 0.56 -4.38
CA LEU A 77 8.54 -0.69 -3.87
C LEU A 77 7.17 -0.93 -4.51
N VAL A 78 6.35 0.11 -4.53
CA VAL A 78 5.02 0.00 -5.12
C VAL A 78 5.11 -0.21 -6.63
N ASN A 79 6.14 0.37 -7.23
CA ASN A 79 6.36 0.23 -8.68
C ASN A 79 6.30 -1.23 -9.09
N TYR A 80 7.14 -2.05 -8.47
CA TYR A 80 7.17 -3.48 -8.77
C TYR A 80 5.83 -4.11 -8.44
N HIS A 81 5.19 -3.61 -7.39
CA HIS A 81 3.88 -4.13 -6.98
C HIS A 81 2.87 -3.91 -8.09
N ARG A 82 3.01 -2.82 -8.83
CA ARG A 82 2.10 -2.51 -9.91
C ARG A 82 2.28 -3.47 -11.07
N ALA A 83 3.50 -3.94 -11.23
CA ALA A 83 3.79 -4.89 -12.28
C ALA A 83 3.30 -6.26 -11.85
N GLN A 84 3.95 -6.79 -10.82
CA GLN A 84 3.60 -8.08 -10.26
C GLN A 84 2.71 -7.94 -9.03
N SER A 85 1.81 -8.90 -8.84
CA SER A 85 0.93 -8.90 -7.67
C SER A 85 1.53 -9.79 -6.57
N LEU A 86 2.81 -10.14 -6.72
CA LEU A 86 3.52 -10.99 -5.76
C LEU A 86 3.26 -10.54 -4.33
N SER A 87 2.72 -11.45 -3.53
CA SER A 87 2.43 -11.16 -2.12
C SER A 87 1.61 -9.88 -2.00
N HIS A 88 0.88 -9.54 -3.05
CA HIS A 88 0.06 -8.34 -3.05
C HIS A 88 -1.20 -8.56 -3.89
N GLY A 89 -2.33 -8.70 -3.19
CA GLY A 89 -3.62 -8.94 -3.83
C GLY A 89 -3.72 -8.52 -5.29
N LEU A 90 -3.54 -7.23 -5.55
CA LEU A 90 -3.64 -6.70 -6.90
C LEU A 90 -2.45 -5.80 -7.22
N ARG A 91 -2.34 -5.43 -8.48
CA ARG A 91 -1.26 -4.57 -8.94
C ARG A 91 -1.58 -3.10 -8.69
N LEU A 92 -0.78 -2.47 -7.82
CA LEU A 92 -0.97 -1.06 -7.49
C LEU A 92 -1.15 -0.21 -8.76
N ALA A 93 -2.41 0.06 -9.10
CA ALA A 93 -2.73 0.84 -10.30
C ALA A 93 -2.81 2.33 -10.02
N ALA A 94 -3.94 2.78 -9.46
CA ALA A 94 -4.14 4.19 -9.17
C ALA A 94 -3.97 4.47 -7.67
N PRO A 95 -4.02 5.75 -7.27
CA PRO A 95 -3.87 6.15 -5.86
C PRO A 95 -5.18 6.07 -5.09
N CYS A 96 -5.06 5.95 -3.77
CA CYS A 96 -6.23 5.88 -2.91
C CYS A 96 -6.96 7.23 -2.89
N ARG A 97 -8.21 7.23 -3.35
CA ARG A 97 -9.00 8.45 -3.39
C ARG A 97 -9.13 9.08 -2.00
N LYS A 98 -8.63 10.31 -1.87
CA LYS A 98 -8.69 11.02 -0.60
C LYS A 98 -9.04 12.49 -0.83
N HIS A 99 -8.02 13.30 -1.15
CA HIS A 99 -8.23 14.72 -1.39
C HIS A 99 -7.34 15.21 -2.52
N GLU A 100 -7.59 16.44 -2.96
CA GLU A 100 -6.81 17.03 -4.05
C GLU A 100 -6.84 18.56 -3.97
N SER A 1 1.36 5.91 -12.05
CA SER A 1 0.88 5.36 -10.75
C SER A 1 0.58 6.47 -9.75
N GLU A 2 -0.18 6.14 -8.72
CA GLU A 2 -0.53 7.10 -7.68
C GLU A 2 -0.95 6.41 -6.40
N PRO A 3 -0.04 6.27 -5.42
CA PRO A 3 -0.34 5.61 -4.15
C PRO A 3 -0.89 6.58 -3.10
N TRP A 4 -0.22 7.71 -2.93
CA TRP A 4 -0.62 8.70 -1.93
C TRP A 4 -0.22 8.23 -0.53
N PHE A 5 0.95 8.65 -0.08
CA PHE A 5 1.45 8.26 1.22
C PHE A 5 0.76 9.04 2.33
N PHE A 6 0.13 8.32 3.24
CA PHE A 6 -0.57 8.95 4.37
C PHE A 6 -0.23 8.23 5.67
N GLY A 7 0.74 8.78 6.40
CA GLY A 7 1.14 8.18 7.65
C GLY A 7 0.27 8.60 8.81
N CYS A 8 -0.91 9.10 8.51
CA CYS A 8 -1.83 9.53 9.56
C CYS A 8 -3.18 8.83 9.46
N ILE A 9 -3.38 8.04 8.41
CA ILE A 9 -4.64 7.32 8.24
C ILE A 9 -4.69 6.09 9.12
N SER A 10 -5.83 5.90 9.79
CA SER A 10 -6.01 4.76 10.68
C SER A 10 -6.42 3.52 9.88
N ARG A 11 -6.17 2.34 10.45
CA ARG A 11 -6.51 1.08 9.78
C ARG A 11 -7.99 1.04 9.42
N SER A 12 -8.79 1.75 10.20
CA SER A 12 -10.22 1.80 9.98
C SER A 12 -10.56 2.59 8.73
N GLU A 13 -9.73 3.58 8.42
CA GLU A 13 -9.96 4.42 7.23
C GLU A 13 -9.51 3.72 5.96
N ALA A 14 -8.28 3.22 5.95
CA ALA A 14 -7.74 2.55 4.78
C ALA A 14 -8.63 1.40 4.33
N VAL A 15 -9.34 0.80 5.28
CA VAL A 15 -10.24 -0.31 4.94
C VAL A 15 -11.51 0.21 4.26
N ARG A 16 -12.10 1.26 4.83
CA ARG A 16 -13.30 1.86 4.24
C ARG A 16 -12.94 2.82 3.12
N ARG A 17 -11.67 3.18 3.05
CA ARG A 17 -11.17 4.08 2.04
C ARG A 17 -10.82 3.33 0.75
N LEU A 18 -10.12 2.21 0.90
CA LEU A 18 -9.76 1.39 -0.25
C LEU A 18 -11.01 0.86 -0.93
N GLN A 19 -11.95 0.45 -0.10
CA GLN A 19 -13.22 -0.10 -0.56
C GLN A 19 -14.16 1.02 -1.03
N ALA A 20 -13.92 2.25 -0.58
CA ALA A 20 -14.74 3.39 -0.98
C ALA A 20 -15.00 3.40 -2.49
N GLU A 21 -15.89 4.29 -2.94
CA GLU A 21 -16.18 4.38 -4.37
C GLU A 21 -15.25 5.33 -5.09
N GLY A 22 -14.18 5.66 -4.42
CA GLY A 22 -13.15 6.52 -4.99
C GLY A 22 -12.02 5.71 -5.58
N ASN A 23 -12.04 4.41 -5.30
CA ASN A 23 -11.01 3.50 -5.77
C ASN A 23 -11.52 2.58 -6.87
N ALA A 24 -10.80 2.57 -7.99
CA ALA A 24 -11.18 1.73 -9.11
C ALA A 24 -10.22 0.56 -9.26
N THR A 25 -10.18 -0.25 -8.22
CA THR A 25 -9.31 -1.43 -8.19
C THR A 25 -7.84 -1.04 -8.31
N GLY A 26 -7.00 -1.70 -7.51
CA GLY A 26 -5.58 -1.40 -7.51
C GLY A 26 -5.26 -0.21 -6.65
N ALA A 27 -6.28 0.60 -6.34
CA ALA A 27 -6.10 1.78 -5.50
C ALA A 27 -5.19 1.44 -4.32
N PHE A 28 -4.08 2.15 -4.17
CA PHE A 28 -3.17 1.86 -3.08
C PHE A 28 -2.78 3.13 -2.34
N LEU A 29 -2.30 2.94 -1.13
CA LEU A 29 -1.90 4.03 -0.26
C LEU A 29 -0.87 3.56 0.76
N ILE A 30 0.13 4.37 1.02
CA ILE A 30 1.13 3.99 1.98
C ILE A 30 1.03 4.82 3.24
N ARG A 31 0.67 4.15 4.33
CA ARG A 31 0.53 4.82 5.62
C ARG A 31 1.61 4.35 6.57
N VAL A 32 1.53 4.79 7.82
CA VAL A 32 2.52 4.38 8.80
C VAL A 32 2.08 3.12 9.53
N SER A 33 3.02 2.21 9.69
CA SER A 33 2.77 0.95 10.36
C SER A 33 2.12 1.14 11.72
N GLU A 34 0.78 1.14 11.74
CA GLU A 34 0.04 1.29 12.99
C GLU A 34 0.29 0.09 13.89
N LYS A 35 0.77 -0.99 13.29
CA LYS A 35 1.06 -2.22 14.02
C LYS A 35 2.57 -2.47 14.06
N PRO A 36 3.24 -2.57 12.89
CA PRO A 36 4.68 -2.79 12.82
C PRO A 36 5.46 -1.73 13.62
N SER A 37 6.79 -1.80 13.58
CA SER A 37 7.62 -0.85 14.31
C SER A 37 7.83 0.43 13.51
N ALA A 38 8.92 0.50 12.75
CA ALA A 38 9.22 1.68 11.94
C ALA A 38 9.14 1.35 10.45
N ASP A 39 7.96 0.95 10.01
CA ASP A 39 7.74 0.59 8.62
C ASP A 39 6.57 1.37 8.03
N TYR A 40 6.03 0.87 6.92
CA TYR A 40 4.88 1.50 6.27
C TYR A 40 3.94 0.43 5.81
N VAL A 41 2.66 0.64 6.02
CA VAL A 41 1.69 -0.36 5.61
C VAL A 41 0.92 0.12 4.39
N LEU A 42 0.88 -0.73 3.39
CA LEU A 42 0.20 -0.40 2.15
C LEU A 42 -1.08 -1.20 2.00
N SER A 43 -2.15 -0.53 1.59
CA SER A 43 -3.42 -1.20 1.39
C SER A 43 -3.98 -0.94 0.02
N VAL A 44 -4.55 -1.98 -0.56
CA VAL A 44 -5.12 -1.89 -1.89
C VAL A 44 -6.50 -2.51 -1.97
N ARG A 45 -7.39 -1.87 -2.73
CA ARG A 45 -8.73 -2.39 -2.93
C ARG A 45 -8.65 -3.75 -3.60
N ASP A 46 -7.47 -4.04 -4.16
CA ASP A 46 -7.21 -5.31 -4.84
C ASP A 46 -8.37 -5.75 -5.73
N THR A 47 -9.15 -4.79 -6.22
CA THR A 47 -10.30 -5.04 -7.10
C THR A 47 -11.61 -4.96 -6.35
N GLN A 48 -11.57 -5.24 -5.06
CA GLN A 48 -12.76 -5.20 -4.23
C GLN A 48 -12.40 -5.05 -2.75
N ALA A 49 -12.68 -6.07 -1.94
CA ALA A 49 -12.37 -6.03 -0.52
C ALA A 49 -10.95 -5.55 -0.28
N VAL A 50 -10.78 -4.62 0.67
CA VAL A 50 -9.46 -4.08 0.96
C VAL A 50 -8.51 -5.16 1.43
N ARG A 51 -7.23 -4.89 1.26
CA ARG A 51 -6.18 -5.81 1.66
C ARG A 51 -4.95 -5.01 2.02
N HIS A 52 -4.65 -4.94 3.32
CA HIS A 52 -3.52 -4.18 3.79
C HIS A 52 -2.24 -4.98 3.72
N TYR A 53 -1.12 -4.27 3.80
CA TYR A 53 0.17 -4.93 3.70
C TYR A 53 1.23 -4.20 4.50
N LYS A 54 2.02 -4.95 5.26
CA LYS A 54 3.09 -4.38 6.06
C LYS A 54 4.34 -4.24 5.20
N ILE A 55 4.71 -3.01 4.89
CA ILE A 55 5.89 -2.73 4.09
C ILE A 55 7.07 -2.49 5.02
N TRP A 56 7.82 -3.54 5.29
CA TRP A 56 8.95 -3.48 6.21
C TRP A 56 10.22 -2.95 5.54
N ARG A 57 10.87 -2.00 6.22
CA ARG A 57 12.10 -1.40 5.72
C ARG A 57 13.31 -2.22 6.15
N ARG A 58 14.36 -2.21 5.34
CA ARG A 58 15.56 -2.97 5.64
C ARG A 58 16.58 -2.14 6.41
N ALA A 59 16.08 -1.31 7.33
CA ALA A 59 16.96 -0.46 8.15
C ALA A 59 18.03 0.21 7.31
N GLY A 60 17.63 1.21 6.53
CA GLY A 60 18.58 1.92 5.69
C GLY A 60 17.97 2.32 4.36
N GLY A 61 17.30 1.38 3.70
CA GLY A 61 16.69 1.67 2.42
C GLY A 61 16.33 0.43 1.64
N ARG A 62 15.15 -0.12 1.91
CA ARG A 62 14.69 -1.33 1.22
C ARG A 62 13.38 -1.84 1.83
N LEU A 63 12.28 -1.44 1.22
CA LEU A 63 10.95 -1.86 1.67
C LEU A 63 10.60 -3.21 1.09
N HIS A 64 9.84 -4.00 1.85
CA HIS A 64 9.43 -5.32 1.38
C HIS A 64 8.16 -5.78 2.07
N LEU A 65 7.04 -5.68 1.37
CA LEU A 65 5.76 -6.09 1.93
C LEU A 65 5.73 -7.61 2.10
N ASN A 66 6.51 -8.28 1.27
CA ASN A 66 6.62 -9.74 1.30
C ASN A 66 8.08 -10.15 1.28
N GLU A 67 8.32 -11.45 1.48
CA GLU A 67 9.68 -11.97 1.49
C GLU A 67 10.23 -12.16 0.06
N ALA A 68 9.65 -11.47 -0.91
CA ALA A 68 10.10 -11.58 -2.29
C ALA A 68 9.89 -10.27 -3.06
N VAL A 69 9.65 -9.17 -2.34
CA VAL A 69 9.43 -7.89 -3.01
C VAL A 69 10.16 -6.75 -2.28
N SER A 70 11.49 -6.81 -2.28
CA SER A 70 12.29 -5.78 -1.61
C SER A 70 12.61 -4.63 -2.57
N PHE A 71 12.47 -3.40 -2.07
CA PHE A 71 12.75 -2.21 -2.87
C PHE A 71 13.14 -1.03 -1.99
N LEU A 72 14.36 -0.54 -2.24
CA LEU A 72 14.96 0.60 -1.53
C LEU A 72 13.94 1.48 -0.81
N SER A 73 12.86 1.84 -1.49
CA SER A 73 11.84 2.71 -0.90
C SER A 73 10.45 2.40 -1.42
N LEU A 74 9.49 3.25 -1.04
CA LEU A 74 8.10 3.08 -1.45
C LEU A 74 7.92 3.30 -2.95
N PRO A 75 8.24 4.51 -3.45
CA PRO A 75 8.11 4.84 -4.87
C PRO A 75 8.59 3.72 -5.75
N GLU A 76 9.64 3.04 -5.30
CA GLU A 76 10.20 1.92 -6.04
C GLU A 76 9.57 0.62 -5.57
N LEU A 77 9.12 0.59 -4.30
CA LEU A 77 8.49 -0.61 -3.76
C LEU A 77 7.14 -0.82 -4.43
N VAL A 78 6.40 0.28 -4.62
CA VAL A 78 5.10 0.22 -5.26
C VAL A 78 5.30 0.03 -6.77
N ASN A 79 6.36 0.65 -7.30
CA ASN A 79 6.66 0.54 -8.73
C ASN A 79 6.61 -0.92 -9.18
N TYR A 80 7.27 -1.79 -8.40
CA TYR A 80 7.28 -3.21 -8.70
C TYR A 80 5.88 -3.78 -8.46
N HIS A 81 5.22 -3.25 -7.44
CA HIS A 81 3.87 -3.69 -7.10
C HIS A 81 2.91 -3.37 -8.24
N ARG A 82 3.22 -2.29 -8.97
CA ARG A 82 2.39 -1.86 -10.09
C ARG A 82 2.68 -2.65 -11.34
N ALA A 83 3.94 -2.99 -11.52
CA ALA A 83 4.35 -3.76 -12.67
C ALA A 83 3.92 -5.21 -12.47
N GLN A 84 4.52 -5.84 -11.48
CA GLN A 84 4.22 -7.23 -11.15
C GLN A 84 3.25 -7.33 -9.98
N SER A 85 2.25 -8.20 -10.11
CA SER A 85 1.28 -8.43 -9.05
C SER A 85 1.71 -9.65 -8.22
N LEU A 86 3.02 -9.88 -8.15
CA LEU A 86 3.59 -11.02 -7.43
C LEU A 86 2.69 -11.53 -6.31
N SER A 87 2.73 -10.87 -5.16
CA SER A 87 1.91 -11.25 -4.02
C SER A 87 1.22 -10.05 -3.40
N HIS A 88 0.71 -9.17 -4.26
CA HIS A 88 0.04 -7.97 -3.78
C HIS A 88 -1.33 -7.82 -4.43
N GLY A 89 -2.25 -7.16 -3.73
CA GLY A 89 -3.58 -6.97 -4.24
C GLY A 89 -3.60 -6.23 -5.57
N LEU A 90 -3.47 -6.98 -6.65
CA LEU A 90 -3.46 -6.40 -8.00
C LEU A 90 -2.25 -5.52 -8.21
N ARG A 91 -2.13 -4.98 -9.41
CA ARG A 91 -1.03 -4.10 -9.76
C ARG A 91 -1.36 -2.66 -9.38
N LEU A 92 -0.68 -2.15 -8.35
CA LEU A 92 -0.90 -0.78 -7.88
C LEU A 92 -1.06 0.20 -9.03
N ALA A 93 -2.30 0.56 -9.31
CA ALA A 93 -2.62 1.47 -10.42
C ALA A 93 -3.11 2.84 -9.94
N ALA A 94 -4.31 2.88 -9.37
CA ALA A 94 -4.89 4.13 -8.90
C ALA A 94 -4.57 4.40 -7.43
N PRO A 95 -4.96 5.59 -6.92
CA PRO A 95 -4.73 5.99 -5.54
C PRO A 95 -5.93 5.78 -4.65
N CYS A 96 -5.72 5.86 -3.33
CA CYS A 96 -6.79 5.69 -2.36
C CYS A 96 -7.62 6.96 -2.22
N ARG A 97 -8.86 6.83 -1.81
CA ARG A 97 -9.74 7.99 -1.64
C ARG A 97 -10.71 7.77 -0.47
N LYS A 98 -10.89 8.81 0.34
CA LYS A 98 -11.80 8.75 1.48
C LYS A 98 -12.89 9.79 1.37
N HIS A 99 -13.77 9.83 2.37
CA HIS A 99 -14.87 10.79 2.40
C HIS A 99 -14.54 11.98 3.29
N GLU A 100 -13.25 12.32 3.36
CA GLU A 100 -12.81 13.44 4.18
C GLU A 100 -11.96 14.41 3.37
N SER A 1 0.20 10.49 -6.79
CA SER A 1 -0.12 10.15 -8.19
C SER A 1 -0.72 8.75 -8.29
N GLU A 2 0.12 7.73 -8.15
CA GLU A 2 -0.32 6.35 -8.22
C GLU A 2 -0.84 5.87 -6.86
N PRO A 3 -0.07 6.09 -5.78
CA PRO A 3 -0.44 5.70 -4.43
C PRO A 3 -1.08 6.85 -3.66
N TRP A 4 -1.02 6.77 -2.33
CA TRP A 4 -1.54 7.80 -1.46
C TRP A 4 -0.81 7.77 -0.12
N PHE A 5 0.44 8.18 -0.14
CA PHE A 5 1.27 8.19 1.07
C PHE A 5 0.61 9.03 2.16
N PHE A 6 0.14 8.36 3.21
CA PHE A 6 -0.50 9.05 4.33
C PHE A 6 0.32 8.86 5.59
N GLY A 7 0.07 9.70 6.59
CA GLY A 7 0.82 9.61 7.83
C GLY A 7 -0.08 9.61 9.05
N CYS A 8 -1.28 9.08 8.93
CA CYS A 8 -2.21 9.04 10.06
C CYS A 8 -3.52 8.32 9.72
N ILE A 9 -3.45 7.34 8.82
CA ILE A 9 -4.65 6.58 8.46
C ILE A 9 -4.68 5.27 9.22
N SER A 10 -5.83 4.95 9.80
CA SER A 10 -5.99 3.72 10.55
C SER A 10 -6.61 2.64 9.68
N ARG A 11 -6.61 1.40 10.20
CA ARG A 11 -7.17 0.29 9.46
C ARG A 11 -8.65 0.52 9.16
N SER A 12 -9.26 1.41 9.92
CA SER A 12 -10.67 1.74 9.74
C SER A 12 -10.86 2.66 8.53
N GLU A 13 -9.89 3.55 8.30
CA GLU A 13 -9.96 4.47 7.17
C GLU A 13 -9.62 3.77 5.87
N ALA A 14 -8.40 3.24 5.78
CA ALA A 14 -7.95 2.55 4.59
C ALA A 14 -8.95 1.49 4.15
N VAL A 15 -9.61 0.87 5.13
CA VAL A 15 -10.59 -0.16 4.83
C VAL A 15 -11.77 0.44 4.06
N ARG A 16 -12.33 1.53 4.58
CA ARG A 16 -13.45 2.20 3.93
C ARG A 16 -12.97 3.15 2.84
N ARG A 17 -11.70 3.48 2.89
CA ARG A 17 -11.08 4.38 1.93
C ARG A 17 -10.79 3.64 0.63
N LEU A 18 -10.15 2.48 0.75
CA LEU A 18 -9.83 1.66 -0.41
C LEU A 18 -11.08 1.17 -1.11
N GLN A 19 -12.03 0.71 -0.31
CA GLN A 19 -13.30 0.18 -0.81
C GLN A 19 -14.23 1.30 -1.27
N ALA A 20 -13.97 2.53 -0.88
CA ALA A 20 -14.80 3.67 -1.28
C ALA A 20 -15.08 3.62 -2.78
N GLU A 21 -15.99 4.48 -3.26
CA GLU A 21 -16.31 4.50 -4.69
C GLU A 21 -15.37 5.40 -5.47
N GLY A 22 -14.30 5.77 -4.80
CA GLY A 22 -13.28 6.60 -5.42
C GLY A 22 -12.13 5.76 -5.94
N ASN A 23 -12.16 4.47 -5.63
CA ASN A 23 -11.11 3.55 -6.03
C ASN A 23 -11.62 2.48 -6.99
N ALA A 24 -10.94 2.37 -8.12
CA ALA A 24 -11.31 1.38 -9.12
C ALA A 24 -10.31 0.24 -9.13
N THR A 25 -10.27 -0.48 -8.02
CA THR A 25 -9.36 -1.61 -7.85
C THR A 25 -7.91 -1.22 -8.06
N GLY A 26 -7.04 -1.80 -7.23
CA GLY A 26 -5.62 -1.48 -7.30
C GLY A 26 -5.29 -0.27 -6.47
N ALA A 27 -6.28 0.62 -6.30
CA ALA A 27 -6.09 1.82 -5.51
C ALA A 27 -5.28 1.50 -4.26
N PHE A 28 -4.08 2.06 -4.16
CA PHE A 28 -3.22 1.78 -3.01
C PHE A 28 -2.87 3.06 -2.26
N LEU A 29 -2.34 2.88 -1.06
CA LEU A 29 -1.97 3.99 -0.20
C LEU A 29 -0.89 3.55 0.78
N ILE A 30 0.06 4.41 1.04
CA ILE A 30 1.14 4.07 1.96
C ILE A 30 1.02 4.84 3.26
N ARG A 31 0.84 4.12 4.36
CA ARG A 31 0.70 4.74 5.66
C ARG A 31 1.83 4.31 6.61
N VAL A 32 1.66 4.61 7.88
CA VAL A 32 2.64 4.26 8.88
C VAL A 32 2.27 2.96 9.59
N SER A 33 3.28 2.22 10.02
CA SER A 33 3.07 0.96 10.71
C SER A 33 2.32 1.15 12.02
N GLU A 34 1.00 0.97 11.97
CA GLU A 34 0.17 1.12 13.16
C GLU A 34 0.55 0.08 14.22
N LYS A 35 1.22 -0.96 13.78
CA LYS A 35 1.66 -2.03 14.65
C LYS A 35 3.18 -2.25 14.54
N PRO A 36 3.69 -2.59 13.34
CA PRO A 36 5.12 -2.81 13.12
C PRO A 36 5.97 -1.68 13.68
N SER A 37 7.25 -1.96 13.92
CA SER A 37 8.17 -0.95 14.45
C SER A 37 9.09 -0.42 13.36
N ALA A 38 9.06 0.89 13.14
CA ALA A 38 9.89 1.53 12.14
C ALA A 38 9.64 0.92 10.76
N ASP A 39 8.39 0.98 10.31
CA ASP A 39 8.01 0.44 9.01
C ASP A 39 6.87 1.24 8.39
N TYR A 40 6.30 0.71 7.31
CA TYR A 40 5.19 1.35 6.63
C TYR A 40 4.24 0.29 6.15
N VAL A 41 2.96 0.59 6.15
CA VAL A 41 1.99 -0.39 5.71
C VAL A 41 1.23 0.10 4.50
N LEU A 42 1.07 -0.79 3.54
CA LEU A 42 0.38 -0.45 2.31
C LEU A 42 -0.93 -1.18 2.21
N SER A 43 -1.91 -0.55 1.63
CA SER A 43 -3.21 -1.19 1.45
C SER A 43 -3.72 -0.96 0.06
N VAL A 44 -4.62 -1.83 -0.34
CA VAL A 44 -5.18 -1.73 -1.68
C VAL A 44 -6.61 -2.27 -1.74
N ARG A 45 -7.46 -1.57 -2.49
CA ARG A 45 -8.84 -2.01 -2.66
C ARG A 45 -8.85 -3.33 -3.37
N ASP A 46 -7.71 -3.70 -3.94
CA ASP A 46 -7.58 -4.95 -4.68
C ASP A 46 -8.65 -5.04 -5.77
N THR A 47 -9.72 -5.78 -5.49
CA THR A 47 -10.82 -5.94 -6.46
C THR A 47 -12.16 -5.59 -5.83
N GLN A 48 -12.18 -5.42 -4.53
CA GLN A 48 -13.40 -5.09 -3.80
C GLN A 48 -13.07 -4.65 -2.38
N ALA A 49 -12.92 -5.62 -1.50
CA ALA A 49 -12.57 -5.36 -0.12
C ALA A 49 -11.17 -4.76 -0.04
N VAL A 50 -10.64 -4.63 1.16
CA VAL A 50 -9.31 -4.06 1.34
C VAL A 50 -8.30 -5.11 1.79
N ARG A 51 -7.08 -4.96 1.30
CA ARG A 51 -5.99 -5.86 1.64
C ARG A 51 -4.78 -5.04 2.04
N HIS A 52 -4.45 -5.07 3.32
CA HIS A 52 -3.31 -4.30 3.83
C HIS A 52 -2.02 -5.06 3.67
N TYR A 53 -0.90 -4.37 3.88
CA TYR A 53 0.41 -4.99 3.73
C TYR A 53 1.47 -4.30 4.59
N LYS A 54 2.26 -5.10 5.28
CA LYS A 54 3.33 -4.59 6.12
C LYS A 54 4.58 -4.36 5.28
N ILE A 55 4.96 -3.11 5.12
CA ILE A 55 6.14 -2.74 4.34
C ILE A 55 7.31 -2.57 5.30
N TRP A 56 8.15 -3.57 5.39
CA TRP A 56 9.29 -3.54 6.30
C TRP A 56 10.50 -2.86 5.67
N ARG A 57 11.22 -2.10 6.50
CA ARG A 57 12.41 -1.39 6.04
C ARG A 57 13.65 -2.24 6.27
N ARG A 58 14.67 -2.04 5.44
CA ARG A 58 15.92 -2.79 5.56
C ARG A 58 16.95 -2.04 6.39
N ALA A 59 16.48 -1.13 7.24
CA ALA A 59 17.36 -0.35 8.11
C ALA A 59 18.48 0.30 7.30
N GLY A 60 18.23 0.53 6.02
CA GLY A 60 19.22 1.15 5.16
C GLY A 60 18.65 1.62 3.84
N GLY A 61 17.37 1.98 3.85
CA GLY A 61 16.73 2.44 2.63
C GLY A 61 16.30 1.29 1.74
N ARG A 62 15.22 0.62 2.11
CA ARG A 62 14.70 -0.50 1.33
C ARG A 62 13.43 -1.08 1.96
N LEU A 63 12.37 -1.10 1.17
CA LEU A 63 11.08 -1.62 1.63
C LEU A 63 10.77 -2.96 0.99
N HIS A 64 10.08 -3.81 1.73
CA HIS A 64 9.71 -5.12 1.23
C HIS A 64 8.48 -5.65 1.96
N LEU A 65 7.33 -5.59 1.29
CA LEU A 65 6.09 -6.07 1.88
C LEU A 65 6.22 -7.56 2.19
N ASN A 66 7.10 -8.21 1.45
CA ASN A 66 7.36 -9.64 1.61
C ASN A 66 8.82 -9.94 1.30
N GLU A 67 9.19 -11.21 1.40
CA GLU A 67 10.56 -11.62 1.12
C GLU A 67 10.83 -11.77 -0.37
N ALA A 68 10.06 -11.06 -1.20
CA ALA A 68 10.23 -11.13 -2.64
C ALA A 68 9.91 -9.80 -3.32
N VAL A 69 9.71 -8.73 -2.52
CA VAL A 69 9.40 -7.42 -3.10
C VAL A 69 10.20 -6.31 -2.43
N SER A 70 11.53 -6.42 -2.48
CA SER A 70 12.40 -5.42 -1.88
C SER A 70 12.65 -4.26 -2.82
N PHE A 71 12.55 -3.04 -2.30
CA PHE A 71 12.77 -1.83 -3.08
C PHE A 71 13.17 -0.67 -2.18
N LEU A 72 14.33 -0.09 -2.49
CA LEU A 72 14.92 1.03 -1.74
C LEU A 72 13.87 1.88 -1.00
N SER A 73 12.73 2.12 -1.63
CA SER A 73 11.67 2.92 -1.01
C SER A 73 10.29 2.45 -1.46
N LEU A 74 9.26 2.89 -0.73
CA LEU A 74 7.88 2.52 -1.07
C LEU A 74 7.57 2.89 -2.52
N PRO A 75 7.77 4.17 -2.90
CA PRO A 75 7.49 4.64 -4.26
C PRO A 75 8.01 3.66 -5.32
N GLU A 76 9.28 3.31 -5.23
CA GLU A 76 9.88 2.37 -6.17
C GLU A 76 9.31 0.99 -5.93
N LEU A 77 9.07 0.66 -4.66
CA LEU A 77 8.50 -0.62 -4.29
C LEU A 77 7.13 -0.80 -4.93
N VAL A 78 6.22 0.13 -4.66
CA VAL A 78 4.87 0.08 -5.22
C VAL A 78 4.97 -0.11 -6.73
N ASN A 79 6.06 0.39 -7.31
CA ASN A 79 6.29 0.25 -8.74
C ASN A 79 6.43 -1.23 -9.09
N TYR A 80 7.05 -1.97 -8.18
CA TYR A 80 7.23 -3.41 -8.37
C TYR A 80 5.88 -4.10 -8.22
N HIS A 81 5.12 -3.67 -7.22
CA HIS A 81 3.80 -4.21 -6.98
C HIS A 81 2.89 -3.89 -8.15
N ARG A 82 3.16 -2.76 -8.81
CA ARG A 82 2.37 -2.34 -9.95
C ARG A 82 2.71 -3.16 -11.17
N ALA A 83 3.92 -3.68 -11.19
CA ALA A 83 4.34 -4.51 -12.29
C ALA A 83 3.78 -5.91 -12.09
N GLN A 84 4.30 -6.57 -11.07
CA GLN A 84 3.87 -7.91 -10.69
C GLN A 84 2.87 -7.88 -9.54
N SER A 85 2.10 -8.95 -9.40
CA SER A 85 1.14 -9.07 -8.31
C SER A 85 1.76 -9.86 -7.15
N LEU A 86 3.07 -9.74 -7.01
CA LEU A 86 3.82 -10.45 -5.97
C LEU A 86 3.11 -10.44 -4.62
N SER A 87 2.50 -11.58 -4.29
CA SER A 87 1.78 -11.76 -3.02
C SER A 87 1.11 -10.47 -2.53
N HIS A 88 0.61 -9.68 -3.47
CA HIS A 88 -0.06 -8.43 -3.11
C HIS A 88 -1.46 -8.39 -3.72
N GLY A 89 -2.46 -8.19 -2.85
CA GLY A 89 -3.84 -8.16 -3.29
C GLY A 89 -4.07 -7.22 -4.46
N LEU A 90 -3.86 -7.73 -5.66
CA LEU A 90 -4.07 -6.96 -6.88
C LEU A 90 -2.92 -6.00 -7.15
N ARG A 91 -2.66 -5.77 -8.42
CA ARG A 91 -1.59 -4.88 -8.87
C ARG A 91 -1.87 -3.43 -8.45
N LEU A 92 -0.82 -2.73 -8.03
CA LEU A 92 -0.94 -1.33 -7.61
C LEU A 92 -1.08 -0.44 -8.83
N ALA A 93 -2.33 -0.17 -9.18
CA ALA A 93 -2.65 0.66 -10.35
C ALA A 93 -2.92 2.13 -9.98
N ALA A 94 -4.07 2.39 -9.37
CA ALA A 94 -4.45 3.75 -9.00
C ALA A 94 -4.21 4.02 -7.52
N PRO A 95 -4.49 5.26 -7.06
CA PRO A 95 -4.30 5.65 -5.67
C PRO A 95 -5.58 5.54 -4.84
N CYS A 96 -5.45 5.76 -3.54
CA CYS A 96 -6.60 5.69 -2.64
C CYS A 96 -7.36 7.01 -2.62
N ARG A 97 -8.65 6.95 -2.32
CA ARG A 97 -9.49 8.16 -2.28
C ARG A 97 -10.27 8.23 -0.97
N LYS A 98 -10.34 9.42 -0.40
CA LYS A 98 -11.06 9.63 0.85
C LYS A 98 -12.46 10.18 0.59
N HIS A 99 -13.31 10.14 1.62
CA HIS A 99 -14.67 10.63 1.51
C HIS A 99 -15.12 11.34 2.78
N GLU A 100 -15.00 10.64 3.90
CA GLU A 100 -15.38 11.20 5.19
C GLU A 100 -14.21 11.94 5.84
N SER A 1 -2.08 6.91 -11.00
CA SER A 1 -0.80 6.17 -11.07
C SER A 1 0.05 6.40 -9.82
N GLU A 2 -0.61 6.73 -8.72
CA GLU A 2 0.09 6.98 -7.47
C GLU A 2 -0.61 6.28 -6.30
N PRO A 3 0.10 6.14 -5.17
CA PRO A 3 -0.42 5.48 -3.96
C PRO A 3 -1.12 6.44 -3.00
N TRP A 4 -0.52 7.61 -2.79
CA TRP A 4 -1.05 8.60 -1.86
C TRP A 4 -0.62 8.23 -0.44
N PHE A 5 0.57 8.67 -0.06
CA PHE A 5 1.12 8.36 1.25
C PHE A 5 0.37 9.09 2.37
N PHE A 6 -0.09 8.32 3.35
CA PHE A 6 -0.80 8.86 4.50
C PHE A 6 -0.28 8.22 5.78
N GLY A 7 0.60 8.93 6.48
CA GLY A 7 1.17 8.40 7.70
C GLY A 7 0.28 8.63 8.91
N CYS A 8 -0.97 9.01 8.67
CA CYS A 8 -1.88 9.27 9.77
C CYS A 8 -3.18 8.48 9.63
N ILE A 9 -3.36 7.78 8.51
CA ILE A 9 -4.57 7.00 8.28
C ILE A 9 -4.57 5.75 9.15
N SER A 10 -5.74 5.42 9.70
CA SER A 10 -5.87 4.23 10.54
C SER A 10 -6.39 3.07 9.71
N ARG A 11 -6.19 1.85 10.21
CA ARG A 11 -6.65 0.66 9.50
C ARG A 11 -8.12 0.77 9.14
N SER A 12 -8.86 1.49 9.97
CA SER A 12 -10.28 1.69 9.75
C SER A 12 -10.53 2.55 8.52
N GLU A 13 -9.64 3.50 8.27
CA GLU A 13 -9.77 4.39 7.12
C GLU A 13 -9.35 3.69 5.84
N ALA A 14 -8.17 3.07 5.85
CA ALA A 14 -7.66 2.39 4.67
C ALA A 14 -8.61 1.29 4.21
N VAL A 15 -9.49 0.83 5.10
CA VAL A 15 -10.45 -0.21 4.74
C VAL A 15 -11.63 0.39 4.00
N ARG A 16 -12.17 1.49 4.53
CA ARG A 16 -13.30 2.17 3.90
C ARG A 16 -12.82 3.11 2.80
N ARG A 17 -11.56 3.50 2.89
CA ARG A 17 -10.95 4.40 1.92
C ARG A 17 -10.69 3.68 0.61
N LEU A 18 -10.09 2.50 0.70
CA LEU A 18 -9.78 1.70 -0.49
C LEU A 18 -11.04 1.20 -1.16
N GLN A 19 -11.96 0.71 -0.36
CA GLN A 19 -13.22 0.18 -0.86
C GLN A 19 -14.17 1.29 -1.33
N ALA A 20 -13.85 2.54 -0.98
CA ALA A 20 -14.67 3.68 -1.39
C ALA A 20 -14.97 3.62 -2.89
N GLU A 21 -15.80 4.53 -3.37
CA GLU A 21 -16.13 4.55 -4.79
C GLU A 21 -15.16 5.41 -5.58
N GLY A 22 -14.08 5.75 -4.94
CA GLY A 22 -13.03 6.53 -5.56
C GLY A 22 -11.91 5.64 -6.09
N ASN A 23 -11.98 4.35 -5.74
CA ASN A 23 -10.97 3.38 -6.15
C ASN A 23 -11.52 2.39 -7.16
N ALA A 24 -10.78 2.23 -8.25
CA ALA A 24 -11.18 1.29 -9.30
C ALA A 24 -10.22 0.11 -9.34
N THR A 25 -10.15 -0.60 -8.22
CA THR A 25 -9.28 -1.76 -8.07
C THR A 25 -7.83 -1.38 -8.28
N GLY A 26 -6.97 -1.92 -7.42
CA GLY A 26 -5.55 -1.60 -7.49
C GLY A 26 -5.23 -0.38 -6.69
N ALA A 27 -6.23 0.48 -6.48
CA ALA A 27 -6.05 1.69 -5.68
C ALA A 27 -5.29 1.34 -4.42
N PHE A 28 -4.17 2.00 -4.20
CA PHE A 28 -3.33 1.70 -3.05
C PHE A 28 -3.00 2.97 -2.29
N LEU A 29 -2.44 2.79 -1.10
CA LEU A 29 -2.07 3.91 -0.25
C LEU A 29 -0.97 3.49 0.71
N ILE A 30 -0.07 4.40 1.04
CA ILE A 30 1.02 4.07 1.94
C ILE A 30 0.96 4.87 3.23
N ARG A 31 0.82 4.15 4.34
CA ARG A 31 0.74 4.78 5.64
C ARG A 31 1.88 4.31 6.54
N VAL A 32 1.92 4.80 7.77
CA VAL A 32 2.95 4.40 8.70
C VAL A 32 2.51 3.19 9.51
N SER A 33 3.50 2.43 10.00
CA SER A 33 3.23 1.23 10.78
C SER A 33 2.26 1.51 11.93
N GLU A 34 1.02 1.06 11.76
CA GLU A 34 -0.01 1.23 12.78
C GLU A 34 -0.04 0.02 13.71
N LYS A 35 1.07 -0.72 13.72
CA LYS A 35 1.22 -1.91 14.54
C LYS A 35 2.64 -2.47 14.46
N PRO A 36 3.26 -2.53 13.25
CA PRO A 36 4.63 -3.05 13.10
C PRO A 36 5.63 -2.25 13.92
N SER A 37 6.90 -2.32 13.53
CA SER A 37 7.96 -1.61 14.22
C SER A 37 8.88 -0.89 13.24
N ALA A 38 8.76 0.43 13.17
CA ALA A 38 9.58 1.23 12.27
C ALA A 38 9.42 0.76 10.82
N ASP A 39 8.21 0.85 10.31
CA ASP A 39 7.92 0.42 8.94
C ASP A 39 6.74 1.21 8.35
N TYR A 40 6.21 0.73 7.25
CA TYR A 40 5.08 1.38 6.59
C TYR A 40 4.14 0.31 6.08
N VAL A 41 2.86 0.58 6.13
CA VAL A 41 1.88 -0.39 5.68
C VAL A 41 1.13 0.12 4.47
N LEU A 42 0.97 -0.75 3.49
CA LEU A 42 0.29 -0.39 2.26
C LEU A 42 -0.96 -1.24 2.06
N SER A 43 -2.05 -0.59 1.70
CA SER A 43 -3.30 -1.30 1.45
C SER A 43 -3.78 -1.05 0.05
N VAL A 44 -4.73 -1.86 -0.37
CA VAL A 44 -5.25 -1.75 -1.73
C VAL A 44 -6.67 -2.29 -1.82
N ARG A 45 -7.51 -1.58 -2.59
CA ARG A 45 -8.87 -2.03 -2.80
C ARG A 45 -8.85 -3.35 -3.54
N ASP A 46 -7.69 -3.66 -4.10
CA ASP A 46 -7.50 -4.91 -4.84
C ASP A 46 -8.54 -5.06 -5.94
N THR A 47 -9.64 -5.75 -5.64
CA THR A 47 -10.70 -5.97 -6.61
C THR A 47 -12.07 -5.62 -6.05
N GLN A 48 -12.13 -5.33 -4.75
CA GLN A 48 -13.39 -4.98 -4.09
C GLN A 48 -13.21 -4.93 -2.58
N ALA A 49 -12.35 -5.80 -2.09
CA ALA A 49 -12.06 -5.89 -0.67
C ALA A 49 -10.66 -5.35 -0.38
N VAL A 50 -10.55 -4.51 0.63
CA VAL A 50 -9.26 -3.93 0.98
C VAL A 50 -8.28 -4.97 1.48
N ARG A 51 -7.05 -4.86 1.00
CA ARG A 51 -5.99 -5.77 1.39
C ARG A 51 -4.81 -4.96 1.89
N HIS A 52 -4.60 -4.97 3.20
CA HIS A 52 -3.52 -4.21 3.80
C HIS A 52 -2.21 -5.00 3.75
N TYR A 53 -1.09 -4.30 3.88
CA TYR A 53 0.19 -4.97 3.80
C TYR A 53 1.26 -4.26 4.63
N LYS A 54 2.10 -5.05 5.29
CA LYS A 54 3.20 -4.52 6.09
C LYS A 54 4.42 -4.33 5.21
N ILE A 55 4.85 -3.10 5.06
CA ILE A 55 6.02 -2.78 4.26
C ILE A 55 7.20 -2.55 5.19
N TRP A 56 7.98 -3.59 5.41
CA TRP A 56 9.12 -3.52 6.31
C TRP A 56 10.36 -3.00 5.62
N ARG A 57 11.16 -2.24 6.38
CA ARG A 57 12.40 -1.67 5.86
C ARG A 57 13.54 -2.67 5.96
N ARG A 58 14.62 -2.42 5.24
CA ARG A 58 15.78 -3.30 5.25
C ARG A 58 16.78 -2.90 6.31
N ALA A 59 17.76 -2.09 5.92
CA ALA A 59 18.79 -1.62 6.85
C ALA A 59 19.34 -0.27 6.40
N GLY A 60 18.47 0.72 6.33
CA GLY A 60 18.89 2.06 5.93
C GLY A 60 17.97 2.65 4.88
N GLY A 61 17.46 1.80 3.99
CA GLY A 61 16.58 2.28 2.95
C GLY A 61 16.21 1.19 1.95
N ARG A 62 15.11 0.49 2.24
CA ARG A 62 14.65 -0.58 1.36
C ARG A 62 13.41 -1.25 1.96
N LEU A 63 12.28 -1.06 1.30
CA LEU A 63 11.03 -1.63 1.73
C LEU A 63 10.81 -3.01 1.14
N HIS A 64 10.12 -3.85 1.88
CA HIS A 64 9.83 -5.20 1.44
C HIS A 64 8.60 -5.73 2.16
N LEU A 65 7.46 -5.72 1.48
CA LEU A 65 6.22 -6.20 2.08
C LEU A 65 6.31 -7.69 2.34
N ASN A 66 7.05 -8.37 1.48
CA ASN A 66 7.24 -9.82 1.59
C ASN A 66 8.72 -10.17 1.41
N GLU A 67 9.04 -11.45 1.55
CA GLU A 67 10.42 -11.91 1.41
C GLU A 67 10.81 -12.06 -0.07
N ALA A 68 9.90 -11.71 -0.98
CA ALA A 68 10.18 -11.81 -2.40
C ALA A 68 10.08 -10.45 -3.10
N VAL A 69 10.00 -9.38 -2.31
CA VAL A 69 9.91 -8.03 -2.87
C VAL A 69 10.69 -7.03 -2.02
N SER A 70 11.66 -6.36 -2.64
CA SER A 70 12.48 -5.38 -1.94
C SER A 70 12.72 -4.14 -2.80
N PHE A 71 12.57 -2.96 -2.21
CA PHE A 71 12.78 -1.71 -2.94
C PHE A 71 13.14 -0.56 -2.00
N LEU A 72 14.29 0.05 -2.29
CA LEU A 72 14.84 1.16 -1.52
C LEU A 72 13.77 1.99 -0.80
N SER A 73 12.65 2.24 -1.47
CA SER A 73 11.57 3.03 -0.89
C SER A 73 10.21 2.52 -1.34
N LEU A 74 9.15 2.92 -0.64
CA LEU A 74 7.81 2.49 -1.00
C LEU A 74 7.47 2.91 -2.43
N PRO A 75 7.55 4.22 -2.73
CA PRO A 75 7.25 4.74 -4.07
C PRO A 75 7.83 3.86 -5.17
N GLU A 76 9.12 3.58 -5.10
CA GLU A 76 9.78 2.73 -6.08
C GLU A 76 9.24 1.31 -5.96
N LEU A 77 9.05 0.87 -4.72
CA LEU A 77 8.53 -0.45 -4.44
C LEU A 77 7.17 -0.64 -5.11
N VAL A 78 6.27 0.31 -4.86
CA VAL A 78 4.93 0.26 -5.44
C VAL A 78 5.02 0.04 -6.94
N ASN A 79 6.05 0.61 -7.56
CA ASN A 79 6.26 0.45 -8.98
C ASN A 79 6.41 -1.03 -9.31
N TYR A 80 7.11 -1.74 -8.43
CA TYR A 80 7.31 -3.17 -8.59
C TYR A 80 6.03 -3.91 -8.22
N HIS A 81 5.29 -3.34 -7.28
CA HIS A 81 4.04 -3.92 -6.83
C HIS A 81 2.96 -3.71 -7.89
N ARG A 82 3.08 -2.64 -8.67
CA ARG A 82 2.11 -2.35 -9.71
C ARG A 82 2.28 -3.28 -10.89
N ALA A 83 3.49 -3.72 -11.10
CA ALA A 83 3.78 -4.63 -12.18
C ALA A 83 3.34 -6.03 -11.78
N GLN A 84 4.00 -6.55 -10.76
CA GLN A 84 3.68 -7.87 -10.23
C GLN A 84 2.78 -7.77 -9.00
N SER A 85 1.94 -8.77 -8.80
CA SER A 85 1.07 -8.81 -7.63
C SER A 85 1.71 -9.66 -6.52
N LEU A 86 3.02 -9.88 -6.65
CA LEU A 86 3.78 -10.68 -5.68
C LEU A 86 3.42 -10.30 -4.25
N SER A 87 2.95 -11.29 -3.48
CA SER A 87 2.57 -11.07 -2.09
C SER A 87 1.66 -9.85 -1.95
N HIS A 88 0.94 -9.52 -3.02
CA HIS A 88 0.05 -8.38 -3.00
C HIS A 88 -1.22 -8.69 -3.82
N GLY A 89 -2.36 -8.59 -3.16
CA GLY A 89 -3.64 -8.89 -3.78
C GLY A 89 -3.75 -8.48 -5.24
N LEU A 90 -3.53 -7.20 -5.52
CA LEU A 90 -3.63 -6.70 -6.89
C LEU A 90 -2.48 -5.74 -7.21
N ARG A 91 -2.32 -5.44 -8.49
CA ARG A 91 -1.27 -4.54 -8.94
C ARG A 91 -1.63 -3.09 -8.62
N LEU A 92 -0.74 -2.42 -7.88
CA LEU A 92 -0.95 -1.03 -7.50
C LEU A 92 -1.10 -0.15 -8.73
N ALA A 93 -2.33 0.00 -9.16
CA ALA A 93 -2.66 0.79 -10.36
C ALA A 93 -2.81 2.28 -10.05
N ALA A 94 -4.00 2.68 -9.58
CA ALA A 94 -4.27 4.08 -9.28
C ALA A 94 -4.21 4.36 -7.77
N PRO A 95 -4.46 5.61 -7.36
CA PRO A 95 -4.43 6.01 -5.96
C PRO A 95 -5.79 5.87 -5.28
N CYS A 96 -5.79 5.78 -3.96
CA CYS A 96 -7.03 5.66 -3.21
C CYS A 96 -7.84 6.95 -3.29
N ARG A 97 -9.06 6.91 -2.77
CA ARG A 97 -9.93 8.08 -2.79
C ARG A 97 -11.09 7.91 -1.81
N LYS A 98 -11.85 8.99 -1.60
CA LYS A 98 -12.99 8.96 -0.69
C LYS A 98 -14.12 9.83 -1.22
N HIS A 99 -15.11 10.08 -0.37
CA HIS A 99 -16.27 10.89 -0.75
C HIS A 99 -16.25 12.23 -0.01
N GLU A 100 -16.06 12.16 1.31
CA GLU A 100 -16.03 13.37 2.13
C GLU A 100 -17.36 14.10 2.07
N SER A 1 6.26 8.93 -5.61
CA SER A 1 4.94 8.87 -4.94
C SER A 1 3.85 8.39 -5.90
N GLU A 2 2.73 7.93 -5.33
CA GLU A 2 1.62 7.45 -6.14
C GLU A 2 0.46 6.98 -5.25
N PRO A 3 0.69 5.96 -4.41
CA PRO A 3 -0.34 5.43 -3.50
C PRO A 3 -0.87 6.52 -2.57
N TRP A 4 -0.08 7.58 -2.40
CA TRP A 4 -0.42 8.68 -1.50
C TRP A 4 -0.08 8.28 -0.08
N PHE A 5 1.10 8.68 0.37
CA PHE A 5 1.57 8.35 1.71
C PHE A 5 0.72 9.03 2.77
N PHE A 6 0.00 8.22 3.54
CA PHE A 6 -0.84 8.74 4.61
C PHE A 6 -0.50 8.02 5.91
N GLY A 7 0.46 8.57 6.65
CA GLY A 7 0.87 7.97 7.90
C GLY A 7 -0.07 8.27 9.03
N CYS A 8 -1.24 8.83 8.72
CA CYS A 8 -2.20 9.16 9.75
C CYS A 8 -3.50 8.38 9.58
N ILE A 9 -3.61 7.62 8.48
CA ILE A 9 -4.81 6.83 8.23
C ILE A 9 -4.73 5.48 8.93
N SER A 10 -5.70 5.20 9.78
CA SER A 10 -5.75 3.94 10.51
C SER A 10 -6.29 2.82 9.64
N ARG A 11 -6.29 1.60 10.18
CA ARG A 11 -6.80 0.44 9.44
C ARG A 11 -8.28 0.59 9.14
N SER A 12 -8.93 1.48 9.88
CA SER A 12 -10.35 1.73 9.69
C SER A 12 -10.60 2.64 8.49
N GLU A 13 -9.67 3.55 8.23
CA GLU A 13 -9.80 4.47 7.11
C GLU A 13 -9.41 3.80 5.80
N ALA A 14 -8.27 3.14 5.78
CA ALA A 14 -7.80 2.48 4.57
C ALA A 14 -8.80 1.46 4.07
N VAL A 15 -9.37 0.70 5.00
CA VAL A 15 -10.36 -0.32 4.63
C VAL A 15 -11.59 0.34 4.00
N ARG A 16 -12.07 1.40 4.62
CA ARG A 16 -13.24 2.11 4.12
C ARG A 16 -12.87 3.09 3.01
N ARG A 17 -11.59 3.41 2.93
CA ARG A 17 -11.08 4.33 1.92
C ARG A 17 -10.85 3.59 0.62
N LEU A 18 -10.16 2.45 0.71
CA LEU A 18 -9.88 1.63 -0.46
C LEU A 18 -11.18 1.16 -1.08
N GLN A 19 -12.13 0.88 -0.22
CA GLN A 19 -13.46 0.42 -0.63
C GLN A 19 -14.37 1.59 -0.99
N ALA A 20 -13.98 2.80 -0.61
CA ALA A 20 -14.78 4.00 -0.88
C ALA A 20 -14.39 4.65 -2.21
N GLU A 21 -15.02 5.78 -2.51
CA GLU A 21 -14.73 6.51 -3.74
C GLU A 21 -14.80 5.62 -4.95
N GLY A 22 -14.51 6.21 -6.11
CA GLY A 22 -14.50 5.43 -7.33
C GLY A 22 -13.44 4.35 -7.25
N ASN A 23 -12.81 4.24 -6.06
CA ASN A 23 -11.76 3.25 -5.80
C ASN A 23 -11.60 2.25 -6.94
N ALA A 24 -10.78 2.63 -7.91
CA ALA A 24 -10.52 1.76 -9.06
C ALA A 24 -9.52 0.69 -8.67
N THR A 25 -9.98 -0.56 -8.69
CA THR A 25 -9.14 -1.72 -8.33
C THR A 25 -7.65 -1.41 -8.47
N GLY A 26 -6.90 -1.74 -7.43
CA GLY A 26 -5.47 -1.47 -7.42
C GLY A 26 -5.15 -0.26 -6.58
N ALA A 27 -6.17 0.54 -6.26
CA ALA A 27 -6.00 1.72 -5.43
C ALA A 27 -5.06 1.41 -4.29
N PHE A 28 -3.95 2.11 -4.20
CA PHE A 28 -2.97 1.86 -3.17
C PHE A 28 -2.67 3.12 -2.39
N LEU A 29 -2.24 2.91 -1.16
CA LEU A 29 -1.89 4.00 -0.25
C LEU A 29 -0.90 3.53 0.79
N ILE A 30 0.07 4.36 1.11
CA ILE A 30 1.07 3.97 2.09
C ILE A 30 0.90 4.74 3.39
N ARG A 31 0.59 4.02 4.46
CA ARG A 31 0.40 4.63 5.76
C ARG A 31 1.52 4.21 6.70
N VAL A 32 1.43 4.62 7.97
CA VAL A 32 2.45 4.26 8.93
C VAL A 32 2.17 2.91 9.59
N SER A 33 3.23 2.31 10.11
CA SER A 33 3.12 1.01 10.76
C SER A 33 2.18 1.05 11.97
N GLU A 34 0.88 0.96 11.70
CA GLU A 34 -0.11 0.98 12.77
C GLU A 34 0.11 -0.22 13.69
N LYS A 35 0.62 -1.29 13.12
CA LYS A 35 0.90 -2.51 13.87
C LYS A 35 2.41 -2.73 14.03
N PRO A 36 3.18 -2.66 12.92
CA PRO A 36 4.64 -2.85 12.97
C PRO A 36 5.32 -1.80 13.85
N SER A 37 6.64 -1.71 13.75
CA SER A 37 7.41 -0.75 14.55
C SER A 37 7.77 0.49 13.73
N ALA A 38 8.89 0.43 13.01
CA ALA A 38 9.34 1.56 12.20
C ALA A 38 9.25 1.21 10.71
N ASP A 39 8.04 0.90 10.27
CA ASP A 39 7.81 0.54 8.87
C ASP A 39 6.62 1.31 8.30
N TYR A 40 6.09 0.84 7.18
CA TYR A 40 4.93 1.47 6.56
C TYR A 40 4.00 0.40 6.07
N VAL A 41 2.73 0.63 6.20
CA VAL A 41 1.76 -0.35 5.75
C VAL A 41 1.00 0.15 4.55
N LEU A 42 0.97 -0.68 3.52
CA LEU A 42 0.31 -0.33 2.28
C LEU A 42 -0.98 -1.10 2.14
N SER A 43 -2.01 -0.44 1.67
CA SER A 43 -3.28 -1.11 1.47
C SER A 43 -3.78 -0.90 0.07
N VAL A 44 -4.61 -1.81 -0.39
CA VAL A 44 -5.13 -1.72 -1.74
C VAL A 44 -6.55 -2.25 -1.84
N ARG A 45 -7.33 -1.67 -2.75
CA ARG A 45 -8.69 -2.11 -2.99
C ARG A 45 -8.63 -3.40 -3.78
N ASP A 46 -7.43 -3.72 -4.27
CA ASP A 46 -7.23 -4.93 -5.06
C ASP A 46 -8.26 -5.00 -6.19
N THR A 47 -9.10 -6.04 -6.19
CA THR A 47 -10.13 -6.21 -7.19
C THR A 47 -11.51 -5.96 -6.59
N GLN A 48 -11.56 -5.87 -5.26
CA GLN A 48 -12.80 -5.62 -4.53
C GLN A 48 -12.53 -5.17 -3.11
N ALA A 49 -12.50 -6.11 -2.18
CA ALA A 49 -12.23 -5.81 -0.78
C ALA A 49 -10.87 -5.15 -0.62
N VAL A 50 -10.50 -4.86 0.62
CA VAL A 50 -9.21 -4.22 0.88
C VAL A 50 -8.17 -5.22 1.37
N ARG A 51 -6.93 -4.99 0.97
CA ARG A 51 -5.83 -5.84 1.37
C ARG A 51 -4.68 -4.99 1.88
N HIS A 52 -4.35 -5.14 3.15
CA HIS A 52 -3.28 -4.36 3.75
C HIS A 52 -1.93 -5.02 3.48
N TYR A 53 -0.86 -4.29 3.77
CA TYR A 53 0.48 -4.83 3.54
C TYR A 53 1.52 -4.16 4.43
N LYS A 54 2.30 -4.97 5.13
CA LYS A 54 3.36 -4.46 6.00
C LYS A 54 4.61 -4.22 5.18
N ILE A 55 4.91 -2.95 4.94
CA ILE A 55 6.08 -2.56 4.17
C ILE A 55 7.25 -2.36 5.13
N TRP A 56 8.04 -3.40 5.31
CA TRP A 56 9.18 -3.35 6.23
C TRP A 56 10.41 -2.76 5.58
N ARG A 57 11.08 -1.87 6.30
CA ARG A 57 12.29 -1.22 5.81
C ARG A 57 13.50 -2.10 6.07
N ARG A 58 14.61 -1.78 5.44
CA ARG A 58 15.84 -2.55 5.60
C ARG A 58 16.87 -1.79 6.44
N ALA A 59 16.38 -0.90 7.30
CA ALA A 59 17.26 -0.11 8.16
C ALA A 59 18.36 0.56 7.35
N GLY A 60 18.10 0.80 6.07
CA GLY A 60 19.08 1.43 5.21
C GLY A 60 18.50 1.80 3.86
N GLY A 61 17.20 2.09 3.83
CA GLY A 61 16.56 2.47 2.58
C GLY A 61 16.23 1.26 1.71
N ARG A 62 15.16 0.56 2.05
CA ARG A 62 14.74 -0.61 1.29
C ARG A 62 13.48 -1.23 1.88
N LEU A 63 12.35 -0.99 1.20
CA LEU A 63 11.05 -1.50 1.64
C LEU A 63 10.78 -2.87 1.04
N HIS A 64 10.06 -3.70 1.79
CA HIS A 64 9.72 -5.03 1.32
C HIS A 64 8.46 -5.53 2.03
N LEU A 65 7.33 -5.46 1.35
CA LEU A 65 6.08 -5.93 1.92
C LEU A 65 6.15 -7.43 2.19
N ASN A 66 7.02 -8.08 1.44
CA ASN A 66 7.23 -9.52 1.57
C ASN A 66 8.70 -9.86 1.39
N GLU A 67 9.05 -11.13 1.56
CA GLU A 67 10.42 -11.58 1.41
C GLU A 67 10.81 -11.76 -0.06
N ALA A 68 10.08 -11.09 -0.96
CA ALA A 68 10.37 -11.20 -2.38
C ALA A 68 10.09 -9.89 -3.12
N VAL A 69 9.86 -8.80 -2.38
CA VAL A 69 9.57 -7.52 -3.00
C VAL A 69 10.34 -6.38 -2.33
N SER A 70 11.66 -6.47 -2.33
CA SER A 70 12.50 -5.44 -1.71
C SER A 70 12.77 -4.28 -2.67
N PHE A 71 12.62 -3.06 -2.18
CA PHE A 71 12.84 -1.87 -2.99
C PHE A 71 13.21 -0.66 -2.12
N LEU A 72 14.36 -0.09 -2.43
CA LEU A 72 14.91 1.07 -1.74
C LEU A 72 13.86 1.96 -1.06
N SER A 73 12.73 2.17 -1.72
CA SER A 73 11.68 3.03 -1.15
C SER A 73 10.28 2.59 -1.57
N LEU A 74 9.28 3.10 -0.86
CA LEU A 74 7.89 2.77 -1.15
C LEU A 74 7.59 3.00 -2.63
N PRO A 75 7.92 4.20 -3.15
CA PRO A 75 7.69 4.54 -4.56
C PRO A 75 8.13 3.44 -5.49
N GLU A 76 9.40 3.05 -5.39
CA GLU A 76 9.94 2.00 -6.22
C GLU A 76 9.34 0.65 -5.82
N LEU A 77 9.13 0.48 -4.53
CA LEU A 77 8.55 -0.74 -3.99
C LEU A 77 7.15 -0.96 -4.58
N VAL A 78 6.34 0.09 -4.55
CA VAL A 78 4.99 0.02 -5.09
C VAL A 78 5.04 -0.16 -6.61
N ASN A 79 6.05 0.44 -7.24
CA ASN A 79 6.22 0.32 -8.69
C ASN A 79 6.24 -1.15 -9.10
N TYR A 80 7.05 -1.93 -8.41
CA TYR A 80 7.14 -3.36 -8.69
C TYR A 80 5.81 -4.04 -8.37
N HIS A 81 5.12 -3.52 -7.37
CA HIS A 81 3.84 -4.05 -6.97
C HIS A 81 2.81 -3.85 -8.08
N ARG A 82 2.96 -2.77 -8.83
CA ARG A 82 2.04 -2.48 -9.92
C ARG A 82 2.25 -3.44 -11.07
N ALA A 83 3.47 -3.88 -11.23
CA ALA A 83 3.80 -4.81 -12.27
C ALA A 83 3.33 -6.20 -11.86
N GLN A 84 3.98 -6.72 -10.82
CA GLN A 84 3.65 -8.02 -10.27
C GLN A 84 2.74 -7.90 -9.04
N SER A 85 1.90 -8.91 -8.83
CA SER A 85 1.01 -8.93 -7.67
C SER A 85 1.64 -9.74 -6.53
N LEU A 86 2.95 -9.95 -6.63
CA LEU A 86 3.69 -10.72 -5.63
C LEU A 86 3.31 -10.33 -4.21
N SER A 87 2.84 -11.30 -3.43
CA SER A 87 2.44 -11.06 -2.04
C SER A 87 1.59 -9.79 -1.93
N HIS A 88 0.87 -9.47 -3.00
CA HIS A 88 0.02 -8.29 -3.01
C HIS A 88 -1.24 -8.55 -3.83
N GLY A 89 -2.37 -8.64 -3.13
CA GLY A 89 -3.66 -8.91 -3.75
C GLY A 89 -3.75 -8.54 -5.22
N LEU A 90 -3.53 -7.27 -5.53
CA LEU A 90 -3.61 -6.79 -6.90
C LEU A 90 -2.47 -5.84 -7.22
N ARG A 91 -2.30 -5.54 -8.49
CA ARG A 91 -1.24 -4.63 -8.94
C ARG A 91 -1.60 -3.18 -8.64
N LEU A 92 -0.74 -2.50 -7.88
CA LEU A 92 -0.95 -1.10 -7.53
C LEU A 92 -1.19 -0.29 -8.80
N ALA A 93 -2.47 -0.11 -9.14
CA ALA A 93 -2.87 0.61 -10.35
C ALA A 93 -2.96 2.13 -10.13
N ALA A 94 -4.05 2.57 -9.53
CA ALA A 94 -4.26 4.00 -9.28
C ALA A 94 -4.16 4.33 -7.79
N PRO A 95 -4.05 5.62 -7.45
CA PRO A 95 -3.94 6.06 -6.05
C PRO A 95 -5.27 5.97 -5.31
N CYS A 96 -5.20 5.88 -3.99
CA CYS A 96 -6.40 5.81 -3.17
C CYS A 96 -7.16 7.13 -3.21
N ARG A 97 -8.44 7.06 -3.56
CA ARG A 97 -9.26 8.25 -3.63
C ARG A 97 -9.94 8.54 -2.29
N LYS A 98 -9.84 9.79 -1.85
CA LYS A 98 -10.44 10.20 -0.58
C LYS A 98 -11.33 11.43 -0.77
N HIS A 99 -12.56 11.34 -0.27
CA HIS A 99 -13.50 12.45 -0.39
C HIS A 99 -14.54 12.39 0.74
N GLU A 100 -14.09 12.05 1.94
CA GLU A 100 -14.97 11.96 3.09
C GLU A 100 -14.20 12.14 4.39
N SER A 1 -2.22 6.52 -10.68
CA SER A 1 -0.83 7.03 -10.56
C SER A 1 -0.46 7.28 -9.11
N GLU A 2 0.43 6.45 -8.58
CA GLU A 2 0.88 6.57 -7.19
C GLU A 2 -0.22 6.20 -6.21
N PRO A 3 0.15 5.84 -4.97
CA PRO A 3 -0.80 5.44 -3.92
C PRO A 3 -1.37 6.65 -3.18
N TRP A 4 -0.47 7.33 -2.47
CA TRP A 4 -0.77 8.51 -1.64
C TRP A 4 -0.23 8.27 -0.24
N PHE A 5 1.01 8.70 -0.01
CA PHE A 5 1.65 8.52 1.28
C PHE A 5 0.86 9.16 2.39
N PHE A 6 0.16 8.34 3.18
CA PHE A 6 -0.63 8.81 4.29
C PHE A 6 -0.23 8.07 5.56
N GLY A 7 0.76 8.60 6.27
CA GLY A 7 1.23 7.96 7.48
C GLY A 7 0.37 8.28 8.68
N CYS A 8 -0.81 8.84 8.43
CA CYS A 8 -1.70 9.18 9.52
C CYS A 8 -3.09 8.58 9.32
N ILE A 9 -3.21 7.63 8.40
CA ILE A 9 -4.49 6.99 8.13
C ILE A 9 -4.60 5.67 8.88
N SER A 10 -5.40 5.66 9.94
CA SER A 10 -5.59 4.46 10.75
C SER A 10 -6.17 3.33 9.90
N ARG A 11 -6.30 2.16 10.51
CA ARG A 11 -6.85 0.99 9.82
C ARG A 11 -8.32 1.21 9.46
N SER A 12 -8.93 2.22 10.08
CA SER A 12 -10.34 2.52 9.83
C SER A 12 -10.52 3.29 8.54
N GLU A 13 -9.54 4.12 8.18
CA GLU A 13 -9.62 4.91 6.96
C GLU A 13 -9.24 4.09 5.74
N ALA A 14 -8.13 3.38 5.82
CA ALA A 14 -7.66 2.58 4.69
C ALA A 14 -8.69 1.52 4.30
N VAL A 15 -9.25 0.84 5.29
CA VAL A 15 -10.25 -0.19 5.02
C VAL A 15 -11.50 0.42 4.39
N ARG A 16 -11.93 1.55 4.90
CA ARG A 16 -13.12 2.23 4.38
C ARG A 16 -12.77 3.09 3.16
N ARG A 17 -11.48 3.37 3.00
CA ARG A 17 -10.99 4.18 1.89
C ARG A 17 -10.87 3.32 0.63
N LEU A 18 -10.14 2.21 0.75
CA LEU A 18 -9.95 1.30 -0.37
C LEU A 18 -11.28 0.72 -0.83
N GLN A 19 -12.13 0.43 0.14
CA GLN A 19 -13.44 -0.14 -0.12
C GLN A 19 -14.39 0.90 -0.73
N ALA A 20 -14.15 2.18 -0.43
CA ALA A 20 -14.98 3.26 -0.96
C ALA A 20 -15.26 3.07 -2.44
N GLU A 21 -16.18 3.86 -2.99
CA GLU A 21 -16.51 3.74 -4.41
C GLU A 21 -15.63 4.64 -5.26
N GLY A 22 -14.58 5.10 -4.65
CA GLY A 22 -13.60 5.93 -5.34
C GLY A 22 -12.42 5.12 -5.83
N ASN A 23 -12.38 3.86 -5.39
CA ASN A 23 -11.29 2.95 -5.75
C ASN A 23 -11.74 1.94 -6.79
N ALA A 24 -11.16 2.01 -7.98
CA ALA A 24 -11.51 1.09 -9.05
C ALA A 24 -10.47 -0.02 -9.16
N THR A 25 -10.38 -0.83 -8.12
CA THR A 25 -9.44 -1.95 -8.06
C THR A 25 -8.00 -1.48 -8.30
N GLY A 26 -7.08 -1.98 -7.49
CA GLY A 26 -5.70 -1.58 -7.60
C GLY A 26 -5.41 -0.36 -6.77
N ALA A 27 -6.47 0.40 -6.44
CA ALA A 27 -6.33 1.58 -5.63
C ALA A 27 -5.43 1.28 -4.45
N PHE A 28 -4.33 2.01 -4.34
CA PHE A 28 -3.36 1.76 -3.29
C PHE A 28 -3.04 3.05 -2.54
N LEU A 29 -2.47 2.86 -1.36
CA LEU A 29 -2.08 3.96 -0.48
C LEU A 29 -0.97 3.52 0.45
N ILE A 30 -0.04 4.39 0.73
CA ILE A 30 1.06 4.03 1.62
C ILE A 30 1.00 4.82 2.92
N ARG A 31 0.87 4.11 4.03
CA ARG A 31 0.80 4.74 5.33
C ARG A 31 1.96 4.30 6.22
N VAL A 32 1.87 4.60 7.50
CA VAL A 32 2.90 4.22 8.43
C VAL A 32 2.53 2.94 9.17
N SER A 33 3.50 2.36 9.87
CA SER A 33 3.28 1.13 10.60
C SER A 33 2.27 1.32 11.73
N GLU A 34 0.98 1.33 11.38
CA GLU A 34 -0.07 1.50 12.37
C GLU A 34 -0.01 0.37 13.40
N LYS A 35 0.61 -0.73 13.00
CA LYS A 35 0.77 -1.88 13.88
C LYS A 35 2.26 -2.22 14.00
N PRO A 36 2.93 -2.61 12.90
CA PRO A 36 4.36 -2.94 12.91
C PRO A 36 5.18 -1.92 13.70
N SER A 37 6.44 -2.24 13.97
CA SER A 37 7.32 -1.34 14.72
C SER A 37 7.65 -0.09 13.91
N ALA A 38 8.74 -0.15 13.13
CA ALA A 38 9.15 0.99 12.31
C ALA A 38 9.05 0.64 10.83
N ASP A 39 7.84 0.35 10.38
CA ASP A 39 7.60 -0.01 8.99
C ASP A 39 6.48 0.83 8.39
N TYR A 40 6.08 0.49 7.17
CA TYR A 40 5.00 1.18 6.47
C TYR A 40 4.03 0.14 6.00
N VAL A 41 2.76 0.48 5.97
CA VAL A 41 1.76 -0.49 5.55
C VAL A 41 1.00 0.01 4.34
N LEU A 42 0.88 -0.87 3.37
CA LEU A 42 0.20 -0.55 2.13
C LEU A 42 -1.13 -1.26 2.06
N SER A 43 -2.09 -0.62 1.43
CA SER A 43 -3.40 -1.23 1.29
C SER A 43 -3.99 -0.98 -0.09
N VAL A 44 -4.63 -2.02 -0.61
CA VAL A 44 -5.22 -1.93 -1.92
C VAL A 44 -6.60 -2.58 -1.95
N ARG A 45 -7.50 -1.96 -2.71
CA ARG A 45 -8.84 -2.51 -2.86
C ARG A 45 -8.75 -3.79 -3.67
N ASP A 46 -7.60 -4.00 -4.28
CA ASP A 46 -7.36 -5.19 -5.10
C ASP A 46 -8.47 -5.35 -6.13
N THR A 47 -9.49 -6.12 -5.79
CA THR A 47 -10.62 -6.36 -6.69
C THR A 47 -11.95 -6.10 -5.99
N GLN A 48 -11.90 -5.83 -4.69
CA GLN A 48 -13.11 -5.57 -3.93
C GLN A 48 -12.76 -5.14 -2.51
N ALA A 49 -12.66 -6.10 -1.61
CA ALA A 49 -12.32 -5.84 -0.22
C ALA A 49 -10.96 -5.16 -0.13
N VAL A 50 -10.60 -4.71 1.07
CA VAL A 50 -9.32 -4.05 1.27
C VAL A 50 -8.24 -5.04 1.71
N ARG A 51 -7.15 -5.07 0.97
CA ARG A 51 -6.03 -5.94 1.28
C ARG A 51 -4.85 -5.12 1.77
N HIS A 52 -4.66 -5.09 3.08
CA HIS A 52 -3.57 -4.33 3.68
C HIS A 52 -2.28 -5.12 3.66
N TYR A 53 -1.16 -4.43 3.86
CA TYR A 53 0.14 -5.09 3.84
C TYR A 53 1.15 -4.40 4.74
N LYS A 54 2.10 -5.17 5.22
CA LYS A 54 3.18 -4.66 6.06
C LYS A 54 4.43 -4.48 5.23
N ILE A 55 4.79 -3.23 5.00
CA ILE A 55 5.97 -2.89 4.24
C ILE A 55 7.12 -2.67 5.21
N TRP A 56 7.92 -3.70 5.40
CA TRP A 56 9.02 -3.64 6.36
C TRP A 56 10.27 -3.01 5.76
N ARG A 57 10.88 -2.12 6.53
CA ARG A 57 12.09 -1.42 6.12
C ARG A 57 13.33 -2.27 6.40
N ARG A 58 14.37 -2.09 5.60
CA ARG A 58 15.60 -2.84 5.76
C ARG A 58 16.48 -2.24 6.85
N ALA A 59 17.38 -1.35 6.45
CA ALA A 59 18.29 -0.71 7.39
C ALA A 59 18.28 0.80 7.22
N GLY A 60 17.16 1.34 6.72
CA GLY A 60 17.04 2.77 6.52
C GLY A 60 17.04 3.15 5.04
N GLY A 61 16.46 2.30 4.22
CA GLY A 61 16.40 2.58 2.79
C GLY A 61 16.08 1.37 1.95
N ARG A 62 14.99 0.69 2.29
CA ARG A 62 14.57 -0.50 1.54
C ARG A 62 13.34 -1.14 2.17
N LEU A 63 12.26 -1.17 1.40
CA LEU A 63 11.00 -1.75 1.86
C LEU A 63 10.78 -3.12 1.24
N HIS A 64 10.07 -3.97 1.96
CA HIS A 64 9.78 -5.31 1.49
C HIS A 64 8.53 -5.85 2.17
N LEU A 65 7.41 -5.79 1.47
CA LEU A 65 6.16 -6.27 2.03
C LEU A 65 6.20 -7.77 2.22
N ASN A 66 7.02 -8.43 1.42
CA ASN A 66 7.19 -9.88 1.49
C ASN A 66 8.66 -10.26 1.43
N GLU A 67 8.94 -11.54 1.67
CA GLU A 67 10.32 -12.03 1.64
C GLU A 67 10.82 -12.20 0.20
N ALA A 68 9.93 -12.07 -0.77
CA ALA A 68 10.29 -12.22 -2.17
C ALA A 68 10.21 -10.88 -2.91
N VAL A 69 10.19 -9.79 -2.16
CA VAL A 69 10.11 -8.46 -2.76
C VAL A 69 10.85 -7.43 -1.90
N SER A 70 11.63 -6.56 -2.54
CA SER A 70 12.39 -5.54 -1.81
C SER A 70 12.71 -4.34 -2.70
N PHE A 71 12.52 -3.13 -2.15
CA PHE A 71 12.81 -1.91 -2.88
C PHE A 71 13.20 -0.77 -1.95
N LEU A 72 14.33 -0.16 -2.27
CA LEU A 72 14.90 0.97 -1.52
C LEU A 72 13.85 1.82 -0.80
N SER A 73 12.70 2.03 -1.43
CA SER A 73 11.64 2.84 -0.84
C SER A 73 10.27 2.37 -1.30
N LEU A 74 9.23 3.01 -0.77
CA LEU A 74 7.86 2.65 -1.12
C LEU A 74 7.48 3.13 -2.51
N PRO A 75 7.57 4.45 -2.78
CA PRO A 75 7.24 4.99 -4.10
C PRO A 75 7.81 4.12 -5.20
N GLU A 76 9.06 3.68 -5.00
CA GLU A 76 9.71 2.80 -5.95
C GLU A 76 9.21 1.39 -5.76
N LEU A 77 8.92 1.03 -4.51
CA LEU A 77 8.41 -0.29 -4.21
C LEU A 77 7.08 -0.51 -4.93
N VAL A 78 6.10 0.34 -4.62
CA VAL A 78 4.80 0.25 -5.27
C VAL A 78 4.98 0.17 -6.78
N ASN A 79 6.01 0.85 -7.27
CA ASN A 79 6.33 0.84 -8.69
C ASN A 79 6.49 -0.59 -9.19
N TYR A 80 7.09 -1.44 -8.37
CA TYR A 80 7.28 -2.83 -8.77
C TYR A 80 6.02 -3.63 -8.46
N HIS A 81 5.31 -3.22 -7.42
CA HIS A 81 4.08 -3.87 -7.03
C HIS A 81 3.03 -3.70 -8.13
N ARG A 82 3.12 -2.58 -8.85
CA ARG A 82 2.19 -2.30 -9.94
C ARG A 82 2.52 -3.15 -11.15
N ALA A 83 3.80 -3.29 -11.40
CA ALA A 83 4.27 -4.10 -12.51
C ALA A 83 3.97 -5.55 -12.18
N GLN A 84 4.64 -6.05 -11.15
CA GLN A 84 4.44 -7.41 -10.68
C GLN A 84 3.47 -7.45 -9.51
N SER A 85 2.58 -8.44 -9.49
CA SER A 85 1.62 -8.58 -8.40
C SER A 85 2.15 -9.57 -7.36
N LEU A 86 3.47 -9.57 -7.19
CA LEU A 86 4.12 -10.48 -6.24
C LEU A 86 3.54 -10.36 -4.83
N SER A 87 2.97 -11.48 -4.36
CA SER A 87 2.38 -11.55 -3.02
C SER A 87 1.63 -10.27 -2.65
N HIS A 88 0.89 -9.72 -3.59
CA HIS A 88 0.13 -8.50 -3.34
C HIS A 88 -1.25 -8.57 -4.00
N GLY A 89 -2.26 -8.11 -3.28
CA GLY A 89 -3.62 -8.14 -3.79
C GLY A 89 -3.85 -7.18 -4.95
N LEU A 90 -3.52 -7.64 -6.16
CA LEU A 90 -3.70 -6.83 -7.36
C LEU A 90 -2.66 -5.72 -7.46
N ARG A 91 -2.01 -5.65 -8.61
CA ARG A 91 -0.99 -4.63 -8.86
C ARG A 91 -1.52 -3.23 -8.58
N LEU A 92 -0.71 -2.42 -7.90
CA LEU A 92 -1.09 -1.05 -7.58
C LEU A 92 -1.34 -0.27 -8.86
N ALA A 93 -2.62 -0.06 -9.18
CA ALA A 93 -3.01 0.65 -10.40
C ALA A 93 -3.16 2.16 -10.18
N ALA A 94 -4.29 2.57 -9.62
CA ALA A 94 -4.55 3.99 -9.37
C ALA A 94 -4.53 4.32 -7.89
N PRO A 95 -4.66 5.60 -7.53
CA PRO A 95 -4.66 6.06 -6.13
C PRO A 95 -6.04 6.00 -5.51
N CYS A 96 -6.10 5.81 -4.20
CA CYS A 96 -7.36 5.75 -3.48
C CYS A 96 -8.09 7.08 -3.56
N ARG A 97 -9.32 7.11 -3.06
CA ARG A 97 -10.13 8.32 -3.08
C ARG A 97 -10.65 8.65 -1.68
N LYS A 98 -11.09 7.63 -0.95
CA LYS A 98 -11.61 7.82 0.39
C LYS A 98 -12.91 8.61 0.36
N HIS A 99 -13.38 9.01 1.55
CA HIS A 99 -14.62 9.78 1.65
C HIS A 99 -14.32 11.25 1.88
N GLU A 100 -13.21 11.72 1.31
CA GLU A 100 -12.82 13.12 1.44
C GLU A 100 -12.63 13.50 2.91
N SER A 1 2.50 5.10 -11.51
CA SER A 1 1.96 4.58 -10.23
C SER A 1 1.76 5.69 -9.22
N GLU A 2 0.62 5.68 -8.54
CA GLU A 2 0.31 6.69 -7.53
C GLU A 2 -0.34 6.07 -6.31
N PRO A 3 0.41 5.91 -5.21
CA PRO A 3 -0.09 5.32 -3.97
C PRO A 3 -0.71 6.35 -3.02
N TRP A 4 -0.02 7.48 -2.85
CA TRP A 4 -0.47 8.53 -1.95
C TRP A 4 -0.17 8.13 -0.51
N PHE A 5 1.00 8.55 -0.03
CA PHE A 5 1.42 8.23 1.33
C PHE A 5 0.56 8.97 2.34
N PHE A 6 -0.01 8.23 3.29
CA PHE A 6 -0.86 8.83 4.30
C PHE A 6 -0.10 9.04 5.60
N GLY A 7 -0.49 10.05 6.36
CA GLY A 7 0.18 10.35 7.61
C GLY A 7 -0.57 9.81 8.82
N CYS A 8 -1.87 9.60 8.68
CA CYS A 8 -2.68 9.10 9.77
C CYS A 8 -3.99 8.48 9.28
N ILE A 9 -3.91 7.25 8.78
CA ILE A 9 -5.09 6.54 8.29
C ILE A 9 -5.23 5.20 8.98
N SER A 10 -5.92 5.20 10.13
CA SER A 10 -6.12 3.96 10.88
C SER A 10 -6.64 2.85 9.98
N ARG A 11 -6.44 1.60 10.40
CA ARG A 11 -6.88 0.46 9.62
C ARG A 11 -8.35 0.58 9.25
N SER A 12 -9.09 1.31 10.06
CA SER A 12 -10.51 1.52 9.84
C SER A 12 -10.75 2.40 8.62
N GLU A 13 -9.80 3.31 8.37
CA GLU A 13 -9.92 4.22 7.22
C GLU A 13 -9.53 3.53 5.93
N ALA A 14 -8.30 3.06 5.85
CA ALA A 14 -7.80 2.38 4.64
C ALA A 14 -8.80 1.35 4.16
N VAL A 15 -9.55 0.78 5.09
CA VAL A 15 -10.56 -0.22 4.74
C VAL A 15 -11.73 0.43 4.00
N ARG A 16 -12.29 1.48 4.61
CA ARG A 16 -13.41 2.19 4.01
C ARG A 16 -12.95 3.18 2.94
N ARG A 17 -11.67 3.50 2.98
CA ARG A 17 -11.07 4.43 2.03
C ARG A 17 -10.82 3.72 0.70
N LEU A 18 -10.14 2.58 0.78
CA LEU A 18 -9.84 1.79 -0.42
C LEU A 18 -11.13 1.32 -1.08
N GLN A 19 -12.07 0.92 -0.25
CA GLN A 19 -13.36 0.43 -0.69
C GLN A 19 -14.25 1.56 -1.23
N ALA A 20 -13.94 2.79 -0.85
CA ALA A 20 -14.71 3.95 -1.30
C ALA A 20 -14.95 3.90 -2.81
N GLU A 21 -15.78 4.79 -3.32
CA GLU A 21 -16.07 4.82 -4.75
C GLU A 21 -15.08 5.69 -5.51
N GLY A 22 -14.01 6.01 -4.83
CA GLY A 22 -12.94 6.80 -5.41
C GLY A 22 -11.82 5.92 -5.93
N ASN A 23 -11.90 4.63 -5.59
CA ASN A 23 -10.88 3.67 -5.99
C ASN A 23 -11.43 2.67 -7.01
N ALA A 24 -10.76 2.58 -8.15
CA ALA A 24 -11.16 1.66 -9.19
C ALA A 24 -10.23 0.45 -9.24
N THR A 25 -10.23 -0.29 -8.14
CA THR A 25 -9.38 -1.48 -8.00
C THR A 25 -7.91 -1.13 -8.21
N GLY A 26 -7.05 -1.72 -7.38
CA GLY A 26 -5.64 -1.44 -7.46
C GLY A 26 -5.27 -0.22 -6.65
N ALA A 27 -6.24 0.65 -6.40
CA ALA A 27 -6.02 1.84 -5.60
C ALA A 27 -5.24 1.47 -4.36
N PHE A 28 -4.07 2.07 -4.17
CA PHE A 28 -3.25 1.74 -3.03
C PHE A 28 -2.86 3.00 -2.27
N LEU A 29 -2.37 2.79 -1.07
CA LEU A 29 -1.97 3.89 -0.19
C LEU A 29 -0.93 3.43 0.81
N ILE A 30 0.02 4.28 1.12
CA ILE A 30 1.05 3.90 2.07
C ILE A 30 1.00 4.75 3.32
N ARG A 31 0.72 4.09 4.43
CA ARG A 31 0.63 4.75 5.72
C ARG A 31 1.78 4.31 6.62
N VAL A 32 1.69 4.65 7.89
CA VAL A 32 2.71 4.26 8.84
C VAL A 32 2.29 3.01 9.61
N SER A 33 3.27 2.26 10.06
CA SER A 33 3.03 1.03 10.80
C SER A 33 2.19 1.25 12.05
N GLU A 34 0.91 0.90 11.98
CA GLU A 34 0.02 1.03 13.11
C GLU A 34 0.30 -0.11 14.10
N LYS A 35 0.88 -1.17 13.56
CA LYS A 35 1.22 -2.35 14.35
C LYS A 35 2.74 -2.55 14.38
N PRO A 36 3.40 -2.64 13.20
CA PRO A 36 4.85 -2.82 13.12
C PRO A 36 5.60 -1.72 13.87
N SER A 37 6.91 -1.63 13.64
CA SER A 37 7.73 -0.62 14.31
C SER A 37 8.10 0.54 13.37
N ALA A 38 9.27 0.43 12.73
CA ALA A 38 9.73 1.48 11.81
C ALA A 38 9.52 1.06 10.37
N ASP A 39 8.27 0.74 10.04
CA ASP A 39 7.93 0.32 8.69
C ASP A 39 6.73 1.10 8.15
N TYR A 40 6.23 0.68 7.00
CA TYR A 40 5.07 1.32 6.39
C TYR A 40 4.13 0.25 5.93
N VAL A 41 2.84 0.49 6.05
CA VAL A 41 1.87 -0.50 5.64
C VAL A 41 1.08 0.00 4.46
N LEU A 42 0.99 -0.81 3.42
CA LEU A 42 0.29 -0.44 2.22
C LEU A 42 -0.96 -1.26 2.02
N SER A 43 -2.06 -0.60 1.69
CA SER A 43 -3.30 -1.29 1.44
C SER A 43 -3.81 -1.00 0.05
N VAL A 44 -4.75 -1.80 -0.38
CA VAL A 44 -5.29 -1.65 -1.72
C VAL A 44 -6.70 -2.21 -1.83
N ARG A 45 -7.54 -1.53 -2.60
CA ARG A 45 -8.90 -1.99 -2.83
C ARG A 45 -8.85 -3.29 -3.61
N ASP A 46 -7.67 -3.60 -4.11
CA ASP A 46 -7.45 -4.81 -4.90
C ASP A 46 -8.45 -4.92 -6.04
N THR A 47 -9.58 -5.56 -5.79
CA THR A 47 -10.62 -5.73 -6.80
C THR A 47 -12.02 -5.55 -6.20
N GLN A 48 -12.07 -5.02 -4.98
CA GLN A 48 -13.33 -4.79 -4.29
C GLN A 48 -13.07 -4.40 -2.84
N ALA A 49 -12.83 -5.41 -2.02
CA ALA A 49 -12.54 -5.19 -0.60
C ALA A 49 -11.16 -4.58 -0.44
N VAL A 50 -10.69 -4.50 0.79
CA VAL A 50 -9.37 -3.93 1.05
C VAL A 50 -8.37 -4.99 1.46
N ARG A 51 -7.13 -4.79 1.04
CA ARG A 51 -6.05 -5.70 1.36
C ARG A 51 -4.83 -4.92 1.83
N HIS A 52 -4.59 -4.97 3.14
CA HIS A 52 -3.47 -4.25 3.72
C HIS A 52 -2.19 -5.04 3.63
N TYR A 53 -1.05 -4.37 3.75
CA TYR A 53 0.23 -5.04 3.64
C TYR A 53 1.31 -4.32 4.44
N LYS A 54 2.10 -5.11 5.15
CA LYS A 54 3.19 -4.58 5.96
C LYS A 54 4.43 -4.41 5.09
N ILE A 55 4.87 -3.17 4.93
CA ILE A 55 6.05 -2.86 4.15
C ILE A 55 7.20 -2.61 5.10
N TRP A 56 8.06 -3.61 5.27
CA TRP A 56 9.16 -3.52 6.22
C TRP A 56 10.37 -2.82 5.62
N ARG A 57 10.98 -1.95 6.42
CA ARG A 57 12.14 -1.18 6.00
C ARG A 57 13.43 -1.94 6.33
N ARG A 58 14.46 -1.69 5.53
CA ARG A 58 15.75 -2.34 5.72
C ARG A 58 16.67 -1.52 6.64
N ALA A 59 16.08 -0.55 7.35
CA ALA A 59 16.85 0.30 8.25
C ALA A 59 18.00 0.98 7.52
N GLY A 60 17.87 1.11 6.20
CA GLY A 60 18.90 1.74 5.41
C GLY A 60 18.40 2.20 4.05
N GLY A 61 17.09 2.46 3.96
CA GLY A 61 16.51 2.91 2.71
C GLY A 61 16.09 1.75 1.82
N ARG A 62 15.00 1.09 2.20
CA ARG A 62 14.48 -0.04 1.43
C ARG A 62 13.14 -0.50 2.00
N LEU A 63 12.32 -1.11 1.15
CA LEU A 63 11.02 -1.60 1.58
C LEU A 63 10.76 -2.98 0.99
N HIS A 64 10.17 -3.85 1.78
CA HIS A 64 9.87 -5.20 1.34
C HIS A 64 8.66 -5.75 2.07
N LEU A 65 7.51 -5.72 1.41
CA LEU A 65 6.30 -6.24 2.02
C LEU A 65 6.40 -7.76 2.17
N ASN A 66 7.33 -8.34 1.42
CA ASN A 66 7.58 -9.77 1.45
C ASN A 66 9.08 -10.05 1.45
N GLU A 67 9.46 -11.30 1.67
CA GLU A 67 10.86 -11.68 1.68
C GLU A 67 11.43 -11.83 0.27
N ALA A 68 10.80 -11.18 -0.71
CA ALA A 68 11.26 -11.25 -2.09
C ALA A 68 10.88 -10.01 -2.89
N VAL A 69 10.51 -8.93 -2.20
CA VAL A 69 10.13 -7.70 -2.88
C VAL A 69 10.74 -6.46 -2.21
N SER A 70 12.07 -6.43 -2.17
CA SER A 70 12.79 -5.31 -1.55
C SER A 70 12.96 -4.15 -2.54
N PHE A 71 12.73 -2.93 -2.06
CA PHE A 71 12.86 -1.74 -2.90
C PHE A 71 13.28 -0.52 -2.08
N LEU A 72 14.41 0.05 -2.47
CA LEU A 72 14.99 1.24 -1.83
C LEU A 72 13.96 2.11 -1.10
N SER A 73 12.78 2.27 -1.68
CA SER A 73 11.74 3.09 -1.07
C SER A 73 10.35 2.65 -1.51
N LEU A 74 9.35 3.39 -1.08
CA LEU A 74 7.96 3.09 -1.41
C LEU A 74 7.69 3.28 -2.90
N PRO A 75 7.89 4.51 -3.43
CA PRO A 75 7.65 4.82 -4.84
C PRO A 75 8.17 3.71 -5.75
N GLU A 76 9.32 3.15 -5.36
CA GLU A 76 9.90 2.05 -6.12
C GLU A 76 9.36 0.72 -5.64
N LEU A 77 9.00 0.66 -4.36
CA LEU A 77 8.45 -0.57 -3.79
C LEU A 77 7.10 -0.85 -4.44
N VAL A 78 6.32 0.20 -4.66
CA VAL A 78 5.02 0.06 -5.29
C VAL A 78 5.19 -0.20 -6.78
N ASN A 79 6.22 0.40 -7.37
CA ASN A 79 6.49 0.23 -8.79
C ASN A 79 6.42 -1.25 -9.19
N TYR A 80 7.18 -2.08 -8.48
CA TYR A 80 7.18 -3.51 -8.74
C TYR A 80 5.82 -4.10 -8.40
N HIS A 81 5.22 -3.59 -7.32
CA HIS A 81 3.90 -4.05 -6.90
C HIS A 81 2.87 -3.81 -7.98
N ARG A 82 3.04 -2.70 -8.70
CA ARG A 82 2.12 -2.33 -9.75
C ARG A 82 2.21 -3.30 -10.91
N ALA A 83 3.41 -3.66 -11.26
CA ALA A 83 3.63 -4.59 -12.33
C ALA A 83 3.22 -5.98 -11.91
N GLN A 84 3.93 -6.51 -10.93
CA GLN A 84 3.67 -7.84 -10.40
C GLN A 84 2.83 -7.81 -9.12
N SER A 85 1.89 -8.74 -9.02
CA SER A 85 1.04 -8.86 -7.83
C SER A 85 1.62 -9.91 -6.88
N LEU A 86 2.87 -10.29 -7.09
CA LEU A 86 3.54 -11.30 -6.27
C LEU A 86 3.25 -11.11 -4.79
N SER A 87 3.79 -10.04 -4.23
CA SER A 87 3.62 -9.75 -2.81
C SER A 87 2.53 -8.69 -2.60
N HIS A 88 1.55 -8.67 -3.50
CA HIS A 88 0.45 -7.71 -3.39
C HIS A 88 -0.80 -8.25 -4.07
N GLY A 89 -1.92 -8.14 -3.36
CA GLY A 89 -3.20 -8.62 -3.87
C GLY A 89 -3.46 -8.24 -5.31
N LEU A 90 -3.35 -6.95 -5.62
CA LEU A 90 -3.61 -6.47 -6.97
C LEU A 90 -2.50 -5.55 -7.47
N ARG A 91 -2.32 -5.50 -8.77
CA ARG A 91 -1.31 -4.65 -9.38
C ARG A 91 -1.58 -3.17 -9.07
N LEU A 92 -0.82 -2.62 -8.12
CA LEU A 92 -0.96 -1.22 -7.72
C LEU A 92 -1.09 -0.31 -8.95
N ALA A 93 -2.32 0.06 -9.24
CA ALA A 93 -2.61 0.90 -10.40
C ALA A 93 -2.87 2.36 -10.03
N ALA A 94 -4.06 2.64 -9.50
CA ALA A 94 -4.43 4.01 -9.13
C ALA A 94 -4.17 4.28 -7.65
N PRO A 95 -4.41 5.53 -7.20
CA PRO A 95 -4.20 5.94 -5.82
C PRO A 95 -5.45 5.78 -4.97
N CYS A 96 -5.28 5.85 -3.65
CA CYS A 96 -6.40 5.73 -2.73
C CYS A 96 -7.13 7.06 -2.60
N ARG A 97 -8.32 7.13 -3.18
CA ARG A 97 -9.12 8.35 -3.14
C ARG A 97 -9.99 8.39 -1.89
N LYS A 98 -10.19 9.60 -1.36
CA LYS A 98 -11.01 9.78 -0.16
C LYS A 98 -12.45 10.10 -0.54
N HIS A 99 -12.63 11.18 -1.29
CA HIS A 99 -13.96 11.60 -1.72
C HIS A 99 -13.87 12.80 -2.65
N GLU A 100 -12.84 12.82 -3.50
CA GLU A 100 -12.64 13.93 -4.43
C GLU A 100 -12.50 15.25 -3.70
N SER A 1 -0.43 5.37 -10.33
CA SER A 1 0.89 5.58 -9.70
C SER A 1 0.77 6.44 -8.44
N GLU A 2 1.75 6.30 -7.54
CA GLU A 2 1.75 7.06 -6.29
C GLU A 2 0.58 6.67 -5.39
N PRO A 3 0.78 5.71 -4.47
CA PRO A 3 -0.27 5.27 -3.54
C PRO A 3 -0.77 6.39 -2.66
N TRP A 4 0.06 7.43 -2.53
CA TRP A 4 -0.26 8.58 -1.67
C TRP A 4 0.03 8.20 -0.23
N PHE A 5 1.24 8.51 0.22
CA PHE A 5 1.66 8.19 1.57
C PHE A 5 0.88 8.97 2.62
N PHE A 6 0.17 8.26 3.48
CA PHE A 6 -0.60 8.89 4.54
C PHE A 6 0.12 8.76 5.87
N GLY A 7 -0.17 9.66 6.80
CA GLY A 7 0.50 9.61 8.10
C GLY A 7 -0.46 9.52 9.26
N CYS A 8 -1.67 9.03 9.03
CA CYS A 8 -2.64 8.91 10.10
C CYS A 8 -3.95 8.26 9.63
N ILE A 9 -3.86 7.33 8.70
CA ILE A 9 -5.05 6.64 8.20
C ILE A 9 -5.18 5.26 8.84
N SER A 10 -5.79 5.23 10.03
CA SER A 10 -5.98 3.99 10.77
C SER A 10 -6.52 2.88 9.86
N ARG A 11 -6.40 1.64 10.32
CA ARG A 11 -6.87 0.49 9.55
C ARG A 11 -8.35 0.64 9.22
N SER A 12 -9.04 1.42 10.03
CA SER A 12 -10.47 1.66 9.84
C SER A 12 -10.71 2.55 8.63
N GLU A 13 -9.76 3.44 8.35
CA GLU A 13 -9.87 4.35 7.21
C GLU A 13 -9.49 3.65 5.92
N ALA A 14 -8.28 3.10 5.87
CA ALA A 14 -7.80 2.42 4.68
C ALA A 14 -8.81 1.39 4.19
N VAL A 15 -9.56 0.81 5.11
CA VAL A 15 -10.57 -0.17 4.76
C VAL A 15 -11.73 0.49 4.03
N ARG A 16 -12.34 1.47 4.68
CA ARG A 16 -13.47 2.19 4.10
C ARG A 16 -12.99 3.23 3.08
N ARG A 17 -11.68 3.39 2.97
CA ARG A 17 -11.09 4.35 2.04
C ARG A 17 -10.84 3.67 0.69
N LEU A 18 -10.18 2.52 0.73
CA LEU A 18 -9.88 1.75 -0.47
C LEU A 18 -11.15 1.38 -1.20
N GLN A 19 -12.16 1.04 -0.43
CA GLN A 19 -13.46 0.67 -0.97
C GLN A 19 -14.28 1.91 -1.33
N ALA A 20 -14.04 3.00 -0.62
CA ALA A 20 -14.76 4.26 -0.86
C ALA A 20 -14.33 4.90 -2.16
N GLU A 21 -14.98 6.01 -2.49
CA GLU A 21 -14.67 6.75 -3.70
C GLU A 21 -14.66 5.86 -4.92
N GLY A 22 -14.43 6.47 -6.07
CA GLY A 22 -14.35 5.71 -7.29
C GLY A 22 -13.18 4.76 -7.24
N ASN A 23 -12.55 4.67 -6.05
CA ASN A 23 -11.38 3.79 -5.84
C ASN A 23 -11.37 2.62 -6.80
N ALA A 24 -10.84 2.87 -7.99
CA ALA A 24 -10.74 1.83 -9.00
C ALA A 24 -9.77 0.78 -8.53
N THR A 25 -10.17 -0.47 -8.62
CA THR A 25 -9.35 -1.58 -8.16
C THR A 25 -7.86 -1.28 -8.36
N GLY A 26 -7.06 -1.71 -7.40
CA GLY A 26 -5.63 -1.44 -7.45
C GLY A 26 -5.27 -0.25 -6.60
N ALA A 27 -6.27 0.58 -6.28
CA ALA A 27 -6.05 1.76 -5.45
C ALA A 27 -5.12 1.41 -4.31
N PHE A 28 -4.00 2.11 -4.23
CA PHE A 28 -3.02 1.83 -3.21
C PHE A 28 -2.69 3.08 -2.41
N LEU A 29 -2.25 2.87 -1.18
CA LEU A 29 -1.92 3.96 -0.26
C LEU A 29 -0.92 3.47 0.78
N ILE A 30 0.04 4.31 1.14
CA ILE A 30 1.01 3.91 2.12
C ILE A 30 0.89 4.71 3.41
N ARG A 31 0.61 4.01 4.49
CA ARG A 31 0.46 4.63 5.80
C ARG A 31 1.53 4.13 6.75
N VAL A 32 1.58 4.69 7.95
CA VAL A 32 2.56 4.26 8.93
C VAL A 32 2.07 3.06 9.71
N SER A 33 2.93 2.04 9.78
CA SER A 33 2.60 0.80 10.49
C SER A 33 2.06 1.07 11.89
N GLU A 34 0.76 0.85 12.07
CA GLU A 34 0.13 1.05 13.37
C GLU A 34 0.59 -0.01 14.36
N LYS A 35 1.24 -1.05 13.85
CA LYS A 35 1.73 -2.14 14.68
C LYS A 35 3.25 -2.29 14.52
N PRO A 36 3.73 -2.58 13.29
CA PRO A 36 5.16 -2.75 13.03
C PRO A 36 5.98 -1.57 13.57
N SER A 37 7.30 -1.63 13.39
CA SER A 37 8.18 -0.57 13.87
C SER A 37 9.04 -0.01 12.73
N ALA A 38 9.05 1.31 12.62
CA ALA A 38 9.84 1.98 11.58
C ALA A 38 9.55 1.39 10.20
N ASP A 39 8.27 1.22 9.89
CA ASP A 39 7.87 0.67 8.61
C ASP A 39 6.62 1.39 8.07
N TYR A 40 6.06 0.87 7.00
CA TYR A 40 4.87 1.44 6.40
C TYR A 40 3.96 0.33 5.92
N VAL A 41 2.68 0.49 6.15
CA VAL A 41 1.73 -0.52 5.74
C VAL A 41 0.94 -0.03 4.54
N LEU A 42 0.92 -0.84 3.50
CA LEU A 42 0.25 -0.49 2.28
C LEU A 42 -1.06 -1.22 2.15
N SER A 43 -2.04 -0.57 1.55
CA SER A 43 -3.32 -1.20 1.37
C SER A 43 -3.83 -0.98 -0.03
N VAL A 44 -4.65 -1.90 -0.48
CA VAL A 44 -5.19 -1.81 -1.82
C VAL A 44 -6.59 -2.39 -1.91
N ARG A 45 -7.45 -1.73 -2.68
CA ARG A 45 -8.81 -2.23 -2.88
C ARG A 45 -8.75 -3.53 -3.65
N ASP A 46 -7.57 -3.84 -4.18
CA ASP A 46 -7.35 -5.07 -4.94
C ASP A 46 -8.37 -5.20 -6.07
N THR A 47 -9.49 -5.85 -5.77
CA THR A 47 -10.55 -6.05 -6.75
C THR A 47 -11.92 -5.67 -6.17
N GLN A 48 -11.94 -5.35 -4.88
CA GLN A 48 -13.18 -4.96 -4.21
C GLN A 48 -12.89 -4.65 -2.74
N ALA A 49 -12.79 -5.70 -1.95
CA ALA A 49 -12.51 -5.56 -0.53
C ALA A 49 -11.08 -5.05 -0.34
N VAL A 50 -10.77 -4.56 0.86
CA VAL A 50 -9.44 -4.04 1.12
C VAL A 50 -8.49 -5.13 1.60
N ARG A 51 -7.22 -4.94 1.30
CA ARG A 51 -6.18 -5.87 1.69
C ARG A 51 -4.92 -5.09 2.03
N HIS A 52 -4.58 -5.05 3.31
CA HIS A 52 -3.42 -4.31 3.77
C HIS A 52 -2.15 -5.11 3.65
N TYR A 53 -1.01 -4.44 3.82
CA TYR A 53 0.29 -5.09 3.71
C TYR A 53 1.35 -4.35 4.51
N LYS A 54 2.17 -5.10 5.24
CA LYS A 54 3.24 -4.52 6.02
C LYS A 54 4.49 -4.32 5.16
N ILE A 55 4.87 -3.06 4.95
CA ILE A 55 6.03 -2.74 4.15
C ILE A 55 7.22 -2.51 5.07
N TRP A 56 8.03 -3.55 5.24
CA TRP A 56 9.19 -3.48 6.13
C TRP A 56 10.41 -2.88 5.42
N ARG A 57 11.04 -1.93 6.10
CA ARG A 57 12.23 -1.27 5.57
C ARG A 57 13.47 -2.10 5.89
N ARG A 58 14.50 -1.96 5.07
CA ARG A 58 15.74 -2.72 5.27
C ARG A 58 16.73 -1.96 6.14
N ALA A 59 16.21 -1.15 7.06
CA ALA A 59 17.06 -0.37 7.96
C ALA A 59 18.19 0.33 7.20
N GLY A 60 17.94 0.65 5.94
CA GLY A 60 18.95 1.31 5.13
C GLY A 60 18.42 1.71 3.78
N GLY A 61 17.13 2.05 3.72
CA GLY A 61 16.52 2.44 2.46
C GLY A 61 16.21 1.26 1.56
N ARG A 62 15.12 0.57 1.85
CA ARG A 62 14.71 -0.59 1.08
C ARG A 62 13.47 -1.24 1.69
N LEU A 63 12.33 -0.97 1.09
CA LEU A 63 11.05 -1.52 1.56
C LEU A 63 10.80 -2.89 0.97
N HIS A 64 10.12 -3.74 1.73
CA HIS A 64 9.82 -5.09 1.27
C HIS A 64 8.59 -5.63 1.99
N LEU A 65 7.44 -5.57 1.31
CA LEU A 65 6.21 -6.07 1.89
C LEU A 65 6.29 -7.58 2.07
N ASN A 66 7.16 -8.19 1.29
CA ASN A 66 7.39 -9.64 1.33
C ASN A 66 8.87 -9.96 1.19
N GLU A 67 9.22 -11.22 1.33
CA GLU A 67 10.61 -11.66 1.23
C GLU A 67 11.05 -11.78 -0.23
N ALA A 68 10.34 -11.13 -1.14
CA ALA A 68 10.69 -11.18 -2.55
C ALA A 68 10.34 -9.87 -3.27
N VAL A 69 10.08 -8.81 -2.52
CA VAL A 69 9.75 -7.51 -3.12
C VAL A 69 10.47 -6.36 -2.42
N SER A 70 11.80 -6.41 -2.43
CA SER A 70 12.60 -5.37 -1.79
C SER A 70 12.84 -4.21 -2.75
N PHE A 71 12.65 -2.99 -2.26
CA PHE A 71 12.84 -1.80 -3.07
C PHE A 71 13.21 -0.60 -2.21
N LEU A 72 14.36 -0.02 -2.52
CA LEU A 72 14.92 1.16 -1.83
C LEU A 72 13.89 1.97 -1.05
N SER A 73 12.73 2.20 -1.66
CA SER A 73 11.68 2.99 -1.00
C SER A 73 10.29 2.58 -1.45
N LEU A 74 9.29 3.34 -1.01
CA LEU A 74 7.90 3.06 -1.34
C LEU A 74 7.61 3.29 -2.82
N PRO A 75 7.78 4.53 -3.31
CA PRO A 75 7.52 4.87 -4.71
C PRO A 75 8.07 3.82 -5.65
N GLU A 76 9.20 3.23 -5.27
CA GLU A 76 9.81 2.18 -6.06
C GLU A 76 9.32 0.81 -5.61
N LEU A 77 8.95 0.70 -4.34
CA LEU A 77 8.44 -0.55 -3.80
C LEU A 77 7.07 -0.84 -4.42
N VAL A 78 6.25 0.19 -4.54
CA VAL A 78 4.93 0.06 -5.11
C VAL A 78 5.03 -0.15 -6.62
N ASN A 79 5.95 0.56 -7.25
CA ASN A 79 6.16 0.45 -8.70
C ASN A 79 6.27 -1.01 -9.10
N TYR A 80 7.05 -1.77 -8.33
CA TYR A 80 7.23 -3.20 -8.59
C TYR A 80 5.95 -3.96 -8.29
N HIS A 81 5.21 -3.47 -7.29
CA HIS A 81 3.96 -4.09 -6.90
C HIS A 81 2.95 -4.02 -8.04
N ARG A 82 3.00 -2.94 -8.81
CA ARG A 82 2.08 -2.77 -9.93
C ARG A 82 2.43 -3.71 -11.05
N ALA A 83 3.71 -3.95 -11.22
CA ALA A 83 4.17 -4.87 -12.24
C ALA A 83 3.84 -6.28 -11.82
N GLN A 84 4.48 -6.71 -10.74
CA GLN A 84 4.25 -8.04 -10.18
C GLN A 84 3.27 -7.97 -9.01
N SER A 85 2.35 -8.92 -8.95
CA SER A 85 1.38 -8.97 -7.87
C SER A 85 1.86 -9.91 -6.77
N LEU A 86 3.15 -9.86 -6.49
CA LEU A 86 3.77 -10.72 -5.48
C LEU A 86 3.08 -10.58 -4.13
N SER A 87 2.40 -11.65 -3.72
CA SER A 87 1.68 -11.71 -2.44
C SER A 87 0.99 -10.39 -2.11
N HIS A 88 0.52 -9.69 -3.15
CA HIS A 88 -0.16 -8.42 -2.95
C HIS A 88 -1.49 -8.41 -3.69
N GLY A 89 -2.56 -8.19 -2.94
CA GLY A 89 -3.90 -8.17 -3.50
C GLY A 89 -4.05 -7.23 -4.67
N LEU A 90 -3.73 -7.72 -5.86
CA LEU A 90 -3.84 -6.94 -7.09
C LEU A 90 -2.69 -5.95 -7.22
N ARG A 91 -2.21 -5.79 -8.44
CA ARG A 91 -1.11 -4.87 -8.71
C ARG A 91 -1.54 -3.42 -8.52
N LEU A 92 -0.75 -2.67 -7.75
CA LEU A 92 -1.03 -1.27 -7.49
C LEU A 92 -1.31 -0.52 -8.80
N ALA A 93 -2.60 -0.31 -9.09
CA ALA A 93 -3.01 0.37 -10.33
C ALA A 93 -3.03 1.90 -10.17
N ALA A 94 -4.09 2.42 -9.54
CA ALA A 94 -4.23 3.86 -9.34
C ALA A 94 -4.20 4.21 -7.85
N PRO A 95 -4.08 5.50 -7.51
CA PRO A 95 -4.04 5.96 -6.12
C PRO A 95 -5.42 5.96 -5.47
N CYS A 96 -5.44 5.87 -4.15
CA CYS A 96 -6.71 5.86 -3.41
C CYS A 96 -7.46 7.17 -3.64
N ARG A 97 -8.47 7.42 -2.80
CA ARG A 97 -9.26 8.63 -2.93
C ARG A 97 -10.19 8.80 -1.72
N LYS A 98 -10.54 10.05 -1.42
CA LYS A 98 -11.42 10.35 -0.30
C LYS A 98 -11.96 11.77 -0.39
N HIS A 99 -12.98 12.08 0.41
CA HIS A 99 -13.58 13.40 0.41
C HIS A 99 -14.34 13.65 -0.89
N GLU A 100 -15.61 14.05 -0.77
CA GLU A 100 -16.43 14.32 -1.93
C GLU A 100 -16.99 15.75 -1.88
N SER A 1 -2.03 5.35 -10.27
CA SER A 1 -0.65 5.81 -10.57
C SER A 1 0.27 5.62 -9.37
N GLU A 2 -0.03 6.33 -8.28
CA GLU A 2 0.76 6.24 -7.07
C GLU A 2 -0.15 6.17 -5.83
N PRO A 3 0.06 5.17 -4.95
CA PRO A 3 -0.74 5.01 -3.75
C PRO A 3 -0.66 6.24 -2.84
N TRP A 4 -1.82 6.81 -2.51
CA TRP A 4 -1.85 7.99 -1.66
C TRP A 4 -1.22 7.71 -0.30
N PHE A 5 -0.07 8.30 -0.05
CA PHE A 5 0.65 8.12 1.20
C PHE A 5 -0.09 8.81 2.35
N PHE A 6 -0.35 8.07 3.41
CA PHE A 6 -1.04 8.62 4.56
C PHE A 6 -0.57 7.94 5.84
N GLY A 7 0.40 8.55 6.52
CA GLY A 7 0.92 7.99 7.74
C GLY A 7 0.06 8.32 8.94
N CYS A 8 -1.14 8.85 8.70
CA CYS A 8 -2.03 9.21 9.77
C CYS A 8 -3.37 8.47 9.66
N ILE A 9 -3.56 7.70 8.59
CA ILE A 9 -4.79 6.95 8.39
C ILE A 9 -4.78 5.64 9.17
N SER A 10 -5.84 5.38 9.92
CA SER A 10 -5.95 4.16 10.70
C SER A 10 -6.49 3.02 9.84
N ARG A 11 -6.42 1.80 10.36
CA ARG A 11 -6.89 0.64 9.62
C ARG A 11 -8.35 0.81 9.20
N SER A 12 -9.07 1.63 9.96
CA SER A 12 -10.48 1.89 9.68
C SER A 12 -10.63 2.80 8.48
N GLU A 13 -9.70 3.74 8.32
CA GLU A 13 -9.76 4.67 7.20
C GLU A 13 -9.24 4.02 5.93
N ALA A 14 -8.20 3.20 6.06
CA ALA A 14 -7.63 2.55 4.90
C ALA A 14 -8.66 1.68 4.19
N VAL A 15 -9.47 0.97 4.95
CA VAL A 15 -10.50 0.13 4.34
C VAL A 15 -11.52 0.98 3.60
N ARG A 16 -12.08 1.97 4.31
CA ARG A 16 -13.07 2.86 3.70
C ARG A 16 -12.42 3.70 2.61
N ARG A 17 -11.18 4.07 2.86
CA ARG A 17 -10.40 4.87 1.93
C ARG A 17 -10.20 4.10 0.63
N LEU A 18 -9.89 2.80 0.78
CA LEU A 18 -9.71 1.92 -0.37
C LEU A 18 -11.05 1.64 -1.03
N GLN A 19 -12.04 1.41 -0.18
CA GLN A 19 -13.40 1.09 -0.62
C GLN A 19 -14.13 2.30 -1.23
N ALA A 20 -13.48 3.47 -1.25
CA ALA A 20 -14.10 4.68 -1.81
C ALA A 20 -14.82 4.39 -3.13
N GLU A 21 -15.65 5.33 -3.59
CA GLU A 21 -16.39 5.13 -4.84
C GLU A 21 -15.56 5.47 -6.06
N GLY A 22 -14.46 6.10 -5.79
CA GLY A 22 -13.51 6.47 -6.84
C GLY A 22 -12.40 5.43 -6.93
N ASN A 23 -12.65 4.28 -6.32
CA ASN A 23 -11.69 3.18 -6.26
C ASN A 23 -12.09 2.04 -7.18
N ALA A 24 -11.22 1.75 -8.14
CA ALA A 24 -11.46 0.67 -9.09
C ALA A 24 -10.26 -0.25 -9.19
N THR A 25 -10.22 -1.17 -8.23
CA THR A 25 -9.19 -2.18 -8.09
C THR A 25 -7.76 -1.65 -8.24
N GLY A 26 -6.86 -2.22 -7.44
CA GLY A 26 -5.46 -1.81 -7.45
C GLY A 26 -5.20 -0.64 -6.54
N ALA A 27 -6.25 0.08 -6.20
CA ALA A 27 -6.14 1.21 -5.31
C ALA A 27 -5.31 0.83 -4.11
N PHE A 28 -4.22 1.54 -3.90
CA PHE A 28 -3.33 1.24 -2.80
C PHE A 28 -2.91 2.54 -2.12
N LEU A 29 -2.43 2.43 -0.90
CA LEU A 29 -2.02 3.59 -0.12
C LEU A 29 -0.94 3.20 0.85
N ILE A 30 -0.09 4.15 1.21
CA ILE A 30 0.99 3.85 2.14
C ILE A 30 0.88 4.69 3.40
N ARG A 31 0.62 3.99 4.50
CA ARG A 31 0.48 4.62 5.80
C ARG A 31 1.59 4.18 6.74
N VAL A 32 1.50 4.58 7.99
CA VAL A 32 2.51 4.21 8.97
C VAL A 32 2.09 2.96 9.73
N SER A 33 3.00 1.99 9.81
CA SER A 33 2.75 0.74 10.49
C SER A 33 2.08 0.96 11.85
N GLU A 34 0.76 0.84 11.88
CA GLU A 34 0.02 1.02 13.12
C GLU A 34 0.38 -0.06 14.13
N LYS A 35 0.98 -1.14 13.63
CA LYS A 35 1.40 -2.25 14.47
C LYS A 35 2.92 -2.38 14.47
N PRO A 36 3.54 -2.57 13.28
CA PRO A 36 5.00 -2.70 13.17
C PRO A 36 5.73 -1.50 13.76
N SER A 37 7.00 -1.35 13.42
CA SER A 37 7.81 -0.25 13.93
C SER A 37 8.76 0.28 12.86
N ALA A 38 8.81 1.60 12.71
CA ALA A 38 9.67 2.24 11.72
C ALA A 38 9.44 1.65 10.32
N ASP A 39 8.18 1.39 10.01
CA ASP A 39 7.82 0.82 8.71
C ASP A 39 6.57 1.49 8.15
N TYR A 40 6.07 0.95 7.04
CA TYR A 40 4.87 1.48 6.41
C TYR A 40 4.00 0.33 6.00
N VAL A 41 2.71 0.46 6.21
CA VAL A 41 1.79 -0.59 5.83
C VAL A 41 0.98 -0.15 4.64
N LEU A 42 0.87 -1.02 3.66
CA LEU A 42 0.17 -0.68 2.45
C LEU A 42 -1.12 -1.48 2.29
N SER A 43 -2.22 -0.80 2.03
CA SER A 43 -3.51 -1.47 1.84
C SER A 43 -4.12 -1.17 0.47
N VAL A 44 -4.41 -2.24 -0.24
CA VAL A 44 -4.98 -2.16 -1.60
C VAL A 44 -6.31 -2.88 -1.69
N ARG A 45 -7.13 -2.46 -2.62
CA ARG A 45 -8.40 -3.10 -2.84
C ARG A 45 -8.20 -4.29 -3.78
N ASP A 46 -6.97 -4.40 -4.27
CA ASP A 46 -6.62 -5.47 -5.20
C ASP A 46 -7.69 -5.61 -6.28
N THR A 47 -8.53 -6.63 -6.15
CA THR A 47 -9.61 -6.86 -7.10
C THR A 47 -10.95 -6.93 -6.36
N GLN A 48 -10.92 -6.57 -5.08
CA GLN A 48 -12.10 -6.58 -4.22
C GLN A 48 -11.69 -6.46 -2.75
N ALA A 49 -12.57 -5.91 -1.92
CA ALA A 49 -12.28 -5.75 -0.49
C ALA A 49 -10.99 -4.96 -0.30
N VAL A 50 -10.54 -4.84 0.95
CA VAL A 50 -9.31 -4.12 1.25
C VAL A 50 -8.26 -5.07 1.79
N ARG A 51 -7.11 -5.05 1.15
CA ARG A 51 -5.99 -5.90 1.54
C ARG A 51 -4.87 -5.06 2.13
N HIS A 52 -4.67 -5.15 3.43
CA HIS A 52 -3.62 -4.37 4.10
C HIS A 52 -2.31 -5.13 4.06
N TYR A 53 -1.20 -4.39 4.06
CA TYR A 53 0.08 -5.03 3.98
C TYR A 53 1.14 -4.30 4.81
N LYS A 54 2.15 -5.05 5.23
CA LYS A 54 3.25 -4.51 6.02
C LYS A 54 4.47 -4.30 5.13
N ILE A 55 4.92 -3.06 5.01
CA ILE A 55 6.07 -2.75 4.19
C ILE A 55 7.27 -2.52 5.10
N TRP A 56 8.06 -3.57 5.26
CA TRP A 56 9.23 -3.52 6.14
C TRP A 56 10.44 -2.95 5.43
N ARG A 57 11.33 -2.34 6.22
CA ARG A 57 12.55 -1.74 5.69
C ARG A 57 13.71 -2.72 5.77
N ARG A 58 14.80 -2.40 5.09
CA ARG A 58 15.99 -3.25 5.09
C ARG A 58 17.12 -2.61 5.89
N ALA A 59 16.76 -1.78 6.86
CA ALA A 59 17.75 -1.10 7.69
C ALA A 59 18.73 -0.31 6.84
N GLY A 60 18.30 0.87 6.40
CA GLY A 60 19.16 1.71 5.58
C GLY A 60 18.41 2.36 4.44
N GLY A 61 17.45 1.63 3.86
CA GLY A 61 16.67 2.16 2.76
C GLY A 61 16.29 1.10 1.76
N ARG A 62 15.18 0.40 2.03
CA ARG A 62 14.70 -0.64 1.14
C ARG A 62 13.45 -1.31 1.73
N LEU A 63 12.30 -0.99 1.15
CA LEU A 63 11.04 -1.54 1.61
C LEU A 63 10.78 -2.90 0.98
N HIS A 64 10.12 -3.76 1.72
CA HIS A 64 9.80 -5.09 1.23
C HIS A 64 8.58 -5.64 1.96
N LEU A 65 7.44 -5.61 1.29
CA LEU A 65 6.21 -6.11 1.88
C LEU A 65 6.32 -7.62 2.09
N ASN A 66 7.23 -8.23 1.32
CA ASN A 66 7.47 -9.66 1.39
C ASN A 66 8.95 -9.95 1.18
N GLU A 67 9.34 -11.21 1.30
CA GLU A 67 10.73 -11.60 1.11
C GLU A 67 11.11 -11.71 -0.35
N ALA A 68 10.37 -11.03 -1.23
CA ALA A 68 10.65 -11.07 -2.65
C ALA A 68 10.30 -9.74 -3.34
N VAL A 69 10.04 -8.69 -2.56
CA VAL A 69 9.70 -7.40 -3.13
C VAL A 69 10.43 -6.26 -2.43
N SER A 70 11.77 -6.31 -2.44
CA SER A 70 12.58 -5.29 -1.80
C SER A 70 12.81 -4.10 -2.74
N PHE A 71 12.64 -2.89 -2.21
CA PHE A 71 12.83 -1.68 -3.00
C PHE A 71 13.18 -0.48 -2.12
N LEU A 72 14.31 0.13 -2.42
CA LEU A 72 14.85 1.29 -1.69
C LEU A 72 13.78 2.12 -0.98
N SER A 73 12.61 2.30 -1.61
CA SER A 73 11.55 3.09 -1.01
C SER A 73 10.17 2.67 -1.51
N LEU A 74 9.13 3.28 -0.95
CA LEU A 74 7.76 2.98 -1.33
C LEU A 74 7.53 3.23 -2.82
N PRO A 75 7.71 4.48 -3.28
CA PRO A 75 7.52 4.86 -4.68
C PRO A 75 8.04 3.79 -5.63
N GLU A 76 9.21 3.26 -5.34
CA GLU A 76 9.80 2.21 -6.15
C GLU A 76 9.22 0.86 -5.78
N LEU A 77 8.98 0.68 -4.48
CA LEU A 77 8.40 -0.55 -3.97
C LEU A 77 7.02 -0.79 -4.58
N VAL A 78 6.25 0.28 -4.72
CA VAL A 78 4.93 0.20 -5.31
C VAL A 78 5.05 0.00 -6.82
N ASN A 79 6.09 0.60 -7.40
CA ASN A 79 6.33 0.48 -8.83
C ASN A 79 6.42 -1.00 -9.21
N TYR A 80 7.02 -1.78 -8.32
CA TYR A 80 7.16 -3.21 -8.52
C TYR A 80 5.82 -3.89 -8.28
N HIS A 81 5.05 -3.32 -7.35
CA HIS A 81 3.73 -3.84 -7.02
C HIS A 81 2.78 -3.66 -8.20
N ARG A 82 2.97 -2.57 -8.94
CA ARG A 82 2.12 -2.29 -10.10
C ARG A 82 2.46 -3.20 -11.26
N ALA A 83 3.72 -3.53 -11.37
CA ALA A 83 4.17 -4.42 -12.43
C ALA A 83 3.77 -5.84 -12.08
N GLN A 84 4.37 -6.34 -11.01
CA GLN A 84 4.07 -7.68 -10.52
C GLN A 84 3.06 -7.64 -9.37
N SER A 85 2.29 -8.70 -9.23
CA SER A 85 1.31 -8.79 -8.15
C SER A 85 1.91 -9.55 -6.97
N LEU A 86 3.24 -9.75 -6.99
CA LEU A 86 3.93 -10.47 -5.93
C LEU A 86 3.54 -9.95 -4.55
N SER A 87 3.12 -10.86 -3.68
CA SER A 87 2.69 -10.50 -2.33
C SER A 87 1.69 -9.36 -2.37
N HIS A 88 0.96 -9.26 -3.47
CA HIS A 88 -0.04 -8.22 -3.64
C HIS A 88 -1.20 -8.71 -4.51
N GLY A 89 -2.40 -8.72 -3.93
CA GLY A 89 -3.58 -9.19 -4.62
C GLY A 89 -3.66 -8.82 -6.09
N LEU A 90 -3.55 -7.54 -6.40
CA LEU A 90 -3.65 -7.08 -7.79
C LEU A 90 -2.85 -5.78 -7.99
N ARG A 91 -1.88 -5.86 -8.91
CA ARG A 91 -1.01 -4.73 -9.26
C ARG A 91 -1.58 -3.37 -8.86
N LEU A 92 -0.72 -2.52 -8.28
CA LEU A 92 -1.13 -1.18 -7.86
C LEU A 92 -1.61 -0.35 -9.04
N ALA A 93 -2.79 0.26 -8.90
CA ALA A 93 -3.35 1.07 -9.98
C ALA A 93 -4.39 2.08 -9.47
N ALA A 94 -4.09 2.76 -8.37
CA ALA A 94 -5.01 3.76 -7.81
C ALA A 94 -4.52 4.26 -6.45
N PRO A 95 -4.70 5.57 -6.18
CA PRO A 95 -4.26 6.20 -4.94
C PRO A 95 -5.33 6.19 -3.85
N CYS A 96 -5.84 5.00 -3.51
CA CYS A 96 -6.87 4.87 -2.47
C CYS A 96 -7.87 6.01 -2.54
N ARG A 97 -8.13 6.49 -3.75
CA ARG A 97 -9.07 7.60 -3.96
C ARG A 97 -8.61 8.83 -3.18
N LYS A 98 -9.53 9.77 -2.97
CA LYS A 98 -9.20 11.00 -2.24
C LYS A 98 -8.13 11.80 -2.99
N HIS A 99 -8.57 12.62 -3.94
CA HIS A 99 -7.66 13.45 -4.72
C HIS A 99 -7.91 14.93 -4.45
N GLU A 100 -7.02 15.77 -4.97
CA GLU A 100 -7.14 17.22 -4.79
C GLU A 100 -7.13 17.59 -3.31
N SER A 1 -2.96 6.28 -11.16
CA SER A 1 -1.69 7.04 -11.25
C SER A 1 -0.65 6.48 -10.28
N GLU A 2 -0.83 6.76 -9.00
CA GLU A 2 0.09 6.28 -7.97
C GLU A 2 -0.54 6.37 -6.59
N PRO A 3 -0.39 5.33 -5.75
CA PRO A 3 -0.95 5.30 -4.40
C PRO A 3 -0.75 6.61 -3.65
N TRP A 4 -1.58 6.84 -2.63
CA TRP A 4 -1.49 8.06 -1.83
C TRP A 4 -0.86 7.75 -0.48
N PHE A 5 0.36 8.25 -0.26
CA PHE A 5 1.06 8.04 0.99
C PHE A 5 0.47 8.87 2.11
N PHE A 6 0.06 8.22 3.19
CA PHE A 6 -0.52 8.90 4.33
C PHE A 6 -0.05 8.27 5.63
N GLY A 7 0.88 8.93 6.31
CA GLY A 7 1.40 8.40 7.55
C GLY A 7 0.55 8.78 8.74
N CYS A 8 -0.68 9.22 8.49
CA CYS A 8 -1.57 9.62 9.56
C CYS A 8 -2.92 8.92 9.47
N ILE A 9 -3.14 8.15 8.41
CA ILE A 9 -4.40 7.44 8.24
C ILE A 9 -4.45 6.19 9.10
N SER A 10 -5.61 5.92 9.68
CA SER A 10 -5.79 4.75 10.53
C SER A 10 -6.29 3.56 9.70
N ARG A 11 -6.16 2.36 10.27
CA ARG A 11 -6.59 1.15 9.57
C ARG A 11 -8.09 1.19 9.28
N SER A 12 -8.80 2.04 10.01
CA SER A 12 -10.24 2.18 9.83
C SER A 12 -10.57 2.90 8.52
N GLU A 13 -9.83 3.95 8.23
CA GLU A 13 -10.05 4.73 7.01
C GLU A 13 -9.56 3.98 5.79
N ALA A 14 -8.38 3.38 5.88
CA ALA A 14 -7.80 2.65 4.77
C ALA A 14 -8.72 1.52 4.30
N VAL A 15 -9.46 0.94 5.23
CA VAL A 15 -10.37 -0.14 4.90
C VAL A 15 -11.58 0.39 4.13
N ARG A 16 -12.13 1.50 4.59
CA ARG A 16 -13.29 2.10 3.92
C ARG A 16 -12.84 3.01 2.77
N ARG A 17 -11.56 3.36 2.78
CA ARG A 17 -11.00 4.23 1.75
C ARG A 17 -10.67 3.41 0.49
N LEU A 18 -10.02 2.27 0.71
CA LEU A 18 -9.65 1.39 -0.39
C LEU A 18 -10.89 0.78 -1.03
N GLN A 19 -11.83 0.43 -0.18
CA GLN A 19 -13.09 -0.18 -0.61
C GLN A 19 -14.06 0.86 -1.18
N ALA A 20 -13.84 2.13 -0.88
CA ALA A 20 -14.70 3.20 -1.37
C ALA A 20 -15.00 3.02 -2.86
N GLU A 21 -15.95 3.79 -3.38
CA GLU A 21 -16.31 3.68 -4.79
C GLU A 21 -15.40 4.53 -5.67
N GLY A 22 -14.37 5.02 -5.05
CA GLY A 22 -13.37 5.81 -5.75
C GLY A 22 -12.17 4.97 -6.16
N ASN A 23 -12.17 3.72 -5.68
CA ASN A 23 -11.08 2.80 -5.96
C ASN A 23 -11.50 1.75 -6.99
N ALA A 24 -10.86 1.78 -8.14
CA ALA A 24 -11.17 0.83 -9.20
C ALA A 24 -10.15 -0.30 -9.24
N THR A 25 -10.14 -1.09 -8.17
CA THR A 25 -9.23 -2.22 -8.04
C THR A 25 -7.78 -1.79 -8.25
N GLY A 26 -6.91 -2.25 -7.36
CA GLY A 26 -5.51 -1.90 -7.43
C GLY A 26 -5.21 -0.65 -6.61
N ALA A 27 -6.27 0.12 -6.33
CA ALA A 27 -6.12 1.33 -5.53
C ALA A 27 -5.28 1.01 -4.30
N PHE A 28 -4.24 1.79 -4.08
CA PHE A 28 -3.32 1.55 -2.97
C PHE A 28 -2.93 2.84 -2.25
N LEU A 29 -2.40 2.69 -1.04
CA LEU A 29 -1.97 3.83 -0.21
C LEU A 29 -0.90 3.40 0.79
N ILE A 30 0.08 4.26 1.05
CA ILE A 30 1.10 3.91 2.02
C ILE A 30 1.01 4.74 3.28
N ARG A 31 0.81 4.07 4.40
CA ARG A 31 0.70 4.75 5.69
C ARG A 31 1.78 4.26 6.64
N VAL A 32 1.82 4.82 7.84
CA VAL A 32 2.80 4.40 8.82
C VAL A 32 2.32 3.21 9.64
N SER A 33 3.22 2.28 9.89
CA SER A 33 2.91 1.08 10.65
C SER A 33 2.25 1.41 11.99
N GLU A 34 0.92 1.44 12.00
CA GLU A 34 0.18 1.73 13.23
C GLU A 34 0.50 0.70 14.30
N LYS A 35 0.95 -0.46 13.86
CA LYS A 35 1.32 -1.55 14.76
C LYS A 35 2.81 -1.85 14.68
N PRO A 36 3.33 -2.16 13.48
CA PRO A 36 4.76 -2.46 13.29
C PRO A 36 5.65 -1.30 13.73
N SER A 37 6.96 -1.47 13.59
CA SER A 37 7.91 -0.43 13.98
C SER A 37 8.88 -0.13 12.85
N ALA A 38 9.17 1.15 12.64
CA ALA A 38 10.09 1.59 11.59
C ALA A 38 9.72 0.97 10.25
N ASP A 39 8.43 0.94 9.96
CA ASP A 39 7.94 0.38 8.71
C ASP A 39 6.76 1.18 8.17
N TYR A 40 6.13 0.67 7.11
CA TYR A 40 4.98 1.32 6.51
C TYR A 40 4.01 0.28 6.07
N VAL A 41 2.73 0.55 6.26
CA VAL A 41 1.72 -0.42 5.87
C VAL A 41 0.98 0.06 4.64
N LEU A 42 0.90 -0.81 3.66
CA LEU A 42 0.25 -0.49 2.42
C LEU A 42 -1.05 -1.27 2.26
N SER A 43 -2.10 -0.62 1.80
CA SER A 43 -3.40 -1.29 1.62
C SER A 43 -4.03 -1.01 0.27
N VAL A 44 -4.42 -2.09 -0.40
CA VAL A 44 -5.01 -2.00 -1.74
C VAL A 44 -6.45 -2.50 -1.77
N ARG A 45 -7.22 -1.98 -2.71
CA ARG A 45 -8.57 -2.46 -2.91
C ARG A 45 -8.49 -3.74 -3.73
N ASP A 46 -7.27 -4.04 -4.19
CA ASP A 46 -7.01 -5.24 -5.00
C ASP A 46 -8.10 -5.38 -6.07
N THR A 47 -8.83 -6.49 -6.05
CA THR A 47 -9.92 -6.70 -7.01
C THR A 47 -11.27 -6.66 -6.29
N GLN A 48 -11.22 -6.55 -4.97
CA GLN A 48 -12.42 -6.49 -4.15
C GLN A 48 -12.03 -6.40 -2.68
N ALA A 49 -12.79 -5.62 -1.91
CA ALA A 49 -12.49 -5.43 -0.49
C ALA A 49 -11.13 -4.77 -0.33
N VAL A 50 -10.65 -4.68 0.92
CA VAL A 50 -9.36 -4.06 1.17
C VAL A 50 -8.35 -5.07 1.71
N ARG A 51 -7.13 -4.96 1.20
CA ARG A 51 -6.04 -5.82 1.62
C ARG A 51 -4.88 -4.98 2.11
N HIS A 52 -4.61 -5.04 3.40
CA HIS A 52 -3.53 -4.26 3.98
C HIS A 52 -2.23 -5.04 3.93
N TYR A 53 -1.11 -4.36 4.11
CA TYR A 53 0.18 -5.03 4.04
C TYR A 53 1.25 -4.30 4.83
N LYS A 54 2.02 -5.06 5.59
CA LYS A 54 3.11 -4.51 6.38
C LYS A 54 4.35 -4.40 5.51
N ILE A 55 4.71 -3.18 5.13
CA ILE A 55 5.89 -2.95 4.31
C ILE A 55 7.08 -2.83 5.24
N TRP A 56 7.89 -3.88 5.29
CA TRP A 56 9.03 -3.92 6.18
C TRP A 56 10.25 -3.24 5.57
N ARG A 57 10.85 -2.35 6.36
CA ARG A 57 12.02 -1.61 5.92
C ARG A 57 13.31 -2.37 6.23
N ARG A 58 14.36 -2.07 5.48
CA ARG A 58 15.64 -2.73 5.67
C ARG A 58 16.51 -2.01 6.69
N ALA A 59 15.90 -1.13 7.49
CA ALA A 59 16.63 -0.38 8.50
C ALA A 59 17.78 0.41 7.90
N GLY A 60 17.47 1.19 6.87
CA GLY A 60 18.49 1.99 6.20
C GLY A 60 17.98 2.64 4.93
N GLY A 61 17.07 1.96 4.25
CA GLY A 61 16.52 2.49 3.01
C GLY A 61 16.04 1.41 2.08
N ARG A 62 14.88 0.82 2.38
CA ARG A 62 14.31 -0.23 1.56
C ARG A 62 12.97 -0.68 2.12
N LEU A 63 12.18 -1.35 1.28
CA LEU A 63 10.88 -1.85 1.68
C LEU A 63 10.63 -3.21 1.07
N HIS A 64 9.95 -4.08 1.80
CA HIS A 64 9.64 -5.41 1.31
C HIS A 64 8.40 -5.95 1.99
N LEU A 65 7.27 -5.89 1.29
CA LEU A 65 6.02 -6.38 1.85
C LEU A 65 6.20 -7.85 2.24
N ASN A 66 7.04 -8.52 1.46
CA ASN A 66 7.35 -9.92 1.69
C ASN A 66 8.84 -10.16 1.48
N GLU A 67 9.27 -11.41 1.66
CA GLU A 67 10.68 -11.76 1.50
C GLU A 67 11.05 -11.94 0.03
N ALA A 68 10.36 -11.22 -0.85
CA ALA A 68 10.64 -11.32 -2.28
C ALA A 68 10.36 -10.02 -3.02
N VAL A 69 10.01 -8.96 -2.29
CA VAL A 69 9.73 -7.67 -2.94
C VAL A 69 10.44 -6.52 -2.24
N SER A 70 11.77 -6.55 -2.23
CA SER A 70 12.55 -5.49 -1.60
C SER A 70 12.76 -4.30 -2.54
N PHE A 71 12.65 -3.09 -2.00
CA PHE A 71 12.83 -1.87 -2.79
C PHE A 71 13.26 -0.69 -1.92
N LEU A 72 14.39 -0.11 -2.28
CA LEU A 72 14.99 1.04 -1.58
C LEU A 72 13.94 1.95 -0.92
N SER A 73 12.78 2.10 -1.55
CA SER A 73 11.74 2.97 -1.00
C SER A 73 10.36 2.57 -1.50
N LEU A 74 9.33 3.07 -0.82
CA LEU A 74 7.94 2.77 -1.19
C LEU A 74 7.72 3.08 -2.68
N PRO A 75 7.90 4.35 -3.08
CA PRO A 75 7.72 4.79 -4.47
C PRO A 75 8.24 3.77 -5.48
N GLU A 76 9.49 3.36 -5.31
CA GLU A 76 10.07 2.37 -6.21
C GLU A 76 9.40 1.02 -6.01
N LEU A 77 9.15 0.68 -4.74
CA LEU A 77 8.49 -0.58 -4.41
C LEU A 77 7.13 -0.65 -5.10
N VAL A 78 6.27 0.31 -4.80
CA VAL A 78 4.94 0.38 -5.39
C VAL A 78 5.06 0.29 -6.91
N ASN A 79 6.16 0.80 -7.45
CA ASN A 79 6.40 0.74 -8.88
C ASN A 79 6.51 -0.71 -9.32
N TYR A 80 7.07 -1.54 -8.44
CA TYR A 80 7.22 -2.97 -8.71
C TYR A 80 5.90 -3.67 -8.42
N HIS A 81 5.14 -3.10 -7.49
CA HIS A 81 3.84 -3.65 -7.12
C HIS A 81 2.81 -3.38 -8.21
N ARG A 82 3.01 -2.31 -8.96
CA ARG A 82 2.10 -1.94 -10.03
C ARG A 82 2.25 -2.86 -11.22
N ALA A 83 3.48 -3.04 -11.65
CA ALA A 83 3.75 -3.90 -12.77
C ALA A 83 3.49 -5.34 -12.37
N GLN A 84 4.26 -5.80 -11.39
CA GLN A 84 4.13 -7.16 -10.87
C GLN A 84 3.28 -7.21 -9.61
N SER A 85 2.42 -8.22 -9.51
CA SER A 85 1.58 -8.41 -8.33
C SER A 85 2.26 -9.41 -7.38
N LEU A 86 3.60 -9.32 -7.31
CA LEU A 86 4.41 -10.21 -6.49
C LEU A 86 3.72 -10.59 -5.19
N SER A 87 3.17 -11.80 -5.15
CA SER A 87 2.48 -12.32 -3.98
C SER A 87 1.58 -11.27 -3.34
N HIS A 88 1.08 -10.34 -4.14
CA HIS A 88 0.19 -9.30 -3.63
C HIS A 88 -1.26 -9.59 -4.02
N GLY A 89 -2.18 -9.04 -3.25
CA GLY A 89 -3.61 -9.25 -3.47
C GLY A 89 -4.04 -9.20 -4.92
N LEU A 90 -3.54 -8.24 -5.68
CA LEU A 90 -3.93 -8.11 -7.09
C LEU A 90 -2.85 -7.43 -7.92
N ARG A 91 -2.63 -6.16 -7.62
CA ARG A 91 -1.64 -5.34 -8.32
C ARG A 91 -1.92 -3.85 -8.12
N LEU A 92 -0.86 -3.06 -7.99
CA LEU A 92 -1.01 -1.61 -7.80
C LEU A 92 -1.75 -1.00 -8.98
N ALA A 93 -2.53 0.07 -8.75
CA ALA A 93 -3.27 0.72 -9.81
C ALA A 93 -3.24 2.24 -9.68
N ALA A 94 -4.13 2.79 -8.86
CA ALA A 94 -4.23 4.22 -8.66
C ALA A 94 -4.28 4.59 -7.18
N PRO A 95 -4.39 5.89 -6.84
CA PRO A 95 -4.44 6.33 -5.46
C PRO A 95 -5.82 6.13 -4.84
N CYS A 96 -5.86 5.78 -3.56
CA CYS A 96 -7.11 5.55 -2.86
C CYS A 96 -7.89 6.86 -2.73
N ARG A 97 -9.18 6.81 -3.03
CA ARG A 97 -10.03 7.99 -2.94
C ARG A 97 -11.07 7.84 -1.83
N LYS A 98 -11.95 8.82 -1.72
CA LYS A 98 -12.99 8.80 -0.70
C LYS A 98 -14.19 9.64 -1.13
N HIS A 99 -13.99 10.94 -1.22
CA HIS A 99 -15.05 11.86 -1.62
C HIS A 99 -16.25 11.75 -0.68
N GLU A 100 -16.30 12.66 0.30
CA GLU A 100 -17.39 12.66 1.27
C GLU A 100 -18.23 13.93 1.13
N SER A 1 -8.55 10.69 -6.48
CA SER A 1 -7.38 9.78 -6.56
C SER A 1 -6.31 10.16 -5.54
N GLU A 2 -6.06 9.27 -4.58
CA GLU A 2 -5.07 9.52 -3.55
C GLU A 2 -4.18 8.30 -3.29
N PRO A 3 -3.13 8.13 -4.11
CA PRO A 3 -2.16 7.02 -3.94
C PRO A 3 -1.09 7.42 -2.93
N TRP A 4 -1.11 8.70 -2.57
CA TRP A 4 -0.15 9.31 -1.65
C TRP A 4 0.12 8.47 -0.40
N PHE A 5 0.88 9.06 0.51
CA PHE A 5 1.23 8.42 1.77
C PHE A 5 0.54 9.11 2.95
N PHE A 6 -0.04 8.31 3.83
CA PHE A 6 -0.72 8.82 5.01
C PHE A 6 -0.22 8.10 6.24
N GLY A 7 0.69 8.73 6.98
CA GLY A 7 1.24 8.11 8.17
C GLY A 7 0.34 8.28 9.37
N CYS A 8 -0.89 8.73 9.14
CA CYS A 8 -1.82 8.93 10.25
C CYS A 8 -3.16 8.23 10.01
N ILE A 9 -3.32 7.61 8.84
CA ILE A 9 -4.58 6.91 8.53
C ILE A 9 -4.67 5.61 9.31
N SER A 10 -5.76 5.46 10.06
CA SER A 10 -5.97 4.25 10.86
C SER A 10 -6.49 3.12 9.98
N ARG A 11 -6.55 1.93 10.55
CA ARG A 11 -7.04 0.76 9.83
C ARG A 11 -8.50 0.92 9.42
N SER A 12 -9.18 1.85 10.08
CA SER A 12 -10.59 2.12 9.80
C SER A 12 -10.75 2.95 8.53
N GLU A 13 -9.80 3.83 8.27
CA GLU A 13 -9.86 4.69 7.09
C GLU A 13 -9.43 3.96 5.83
N ALA A 14 -8.30 3.27 5.89
CA ALA A 14 -7.79 2.54 4.74
C ALA A 14 -8.77 1.49 4.26
N VAL A 15 -9.37 0.77 5.19
CA VAL A 15 -10.34 -0.27 4.84
C VAL A 15 -11.57 0.33 4.16
N ARG A 16 -12.05 1.44 4.70
CA ARG A 16 -13.23 2.11 4.14
C ARG A 16 -12.84 3.05 3.01
N ARG A 17 -11.57 3.40 2.96
CA ARG A 17 -11.05 4.28 1.93
C ARG A 17 -10.83 3.51 0.64
N LEU A 18 -10.13 2.38 0.75
CA LEU A 18 -9.86 1.53 -0.41
C LEU A 18 -11.17 0.98 -0.98
N GLN A 19 -12.06 0.64 -0.07
CA GLN A 19 -13.37 0.08 -0.43
C GLN A 19 -14.29 1.15 -1.01
N ALA A 20 -14.01 2.42 -0.70
CA ALA A 20 -14.82 3.53 -1.19
C ALA A 20 -15.14 3.38 -2.68
N GLU A 21 -16.05 4.20 -3.20
CA GLU A 21 -16.41 4.13 -4.61
C GLU A 21 -15.48 4.97 -5.47
N GLY A 22 -14.40 5.39 -4.86
CA GLY A 22 -13.39 6.17 -5.55
C GLY A 22 -12.25 5.28 -6.02
N ASN A 23 -12.29 4.01 -5.60
CA ASN A 23 -11.25 3.05 -5.95
C ASN A 23 -11.71 2.13 -7.07
N ALA A 24 -10.91 2.07 -8.13
CA ALA A 24 -11.21 1.21 -9.26
C ALA A 24 -10.17 0.11 -9.39
N THR A 25 -10.09 -0.72 -8.35
CA THR A 25 -9.15 -1.82 -8.29
C THR A 25 -7.71 -1.33 -8.49
N GLY A 26 -6.84 -1.73 -7.57
CA GLY A 26 -5.46 -1.29 -7.62
C GLY A 26 -5.24 -0.07 -6.78
N ALA A 27 -6.33 0.63 -6.46
CA ALA A 27 -6.24 1.82 -5.63
C ALA A 27 -5.38 1.52 -4.41
N PHE A 28 -4.33 2.33 -4.17
CA PHE A 28 -3.46 2.06 -3.06
C PHE A 28 -3.08 3.34 -2.31
N LEU A 29 -2.47 3.13 -1.16
CA LEU A 29 -2.02 4.21 -0.29
C LEU A 29 -0.91 3.70 0.59
N ILE A 30 -0.12 4.58 1.17
CA ILE A 30 0.94 4.13 2.06
C ILE A 30 0.89 4.84 3.39
N ARG A 31 0.74 4.08 4.46
CA ARG A 31 0.66 4.64 5.80
C ARG A 31 1.80 4.11 6.67
N VAL A 32 1.80 4.51 7.94
CA VAL A 32 2.84 4.06 8.85
C VAL A 32 2.49 2.71 9.46
N SER A 33 3.47 2.13 10.14
CA SER A 33 3.30 0.83 10.77
C SER A 33 2.16 0.83 11.79
N GLU A 34 0.93 0.67 11.31
CA GLU A 34 -0.22 0.62 12.20
C GLU A 34 -0.15 -0.61 13.09
N LYS A 35 0.68 -1.56 12.68
CA LYS A 35 0.89 -2.79 13.42
C LYS A 35 2.39 -3.05 13.59
N PRO A 36 3.13 -3.23 12.47
CA PRO A 36 4.58 -3.48 12.52
C PRO A 36 5.30 -2.51 13.47
N SER A 37 6.60 -2.72 13.64
CA SER A 37 7.40 -1.87 14.53
C SER A 37 7.70 -0.52 13.88
N ALA A 38 8.76 -0.46 13.07
CA ALA A 38 9.15 0.77 12.41
C ALA A 38 9.15 0.59 10.89
N ASP A 39 7.96 0.36 10.34
CA ASP A 39 7.82 0.16 8.90
C ASP A 39 6.66 0.97 8.34
N TYR A 40 6.18 0.60 7.16
CA TYR A 40 5.06 1.28 6.54
C TYR A 40 4.13 0.24 5.99
N VAL A 41 2.84 0.48 6.10
CA VAL A 41 1.87 -0.49 5.61
C VAL A 41 1.06 0.08 4.47
N LEU A 42 0.92 -0.71 3.43
CA LEU A 42 0.19 -0.30 2.25
C LEU A 42 -1.12 -1.04 2.13
N SER A 43 -2.12 -0.40 1.56
CA SER A 43 -3.42 -1.06 1.37
C SER A 43 -4.00 -0.76 0.01
N VAL A 44 -4.54 -1.82 -0.60
CA VAL A 44 -5.11 -1.71 -1.93
C VAL A 44 -6.48 -2.36 -2.03
N ARG A 45 -7.33 -1.77 -2.86
CA ARG A 45 -8.66 -2.31 -3.08
C ARG A 45 -8.54 -3.54 -3.96
N ASP A 46 -7.33 -3.79 -4.46
CA ASP A 46 -7.07 -4.93 -5.32
C ASP A 46 -8.19 -5.06 -6.37
N THR A 47 -8.89 -6.19 -6.41
CA THR A 47 -9.98 -6.37 -7.35
C THR A 47 -11.33 -6.27 -6.65
N GLN A 48 -11.28 -6.28 -5.31
CA GLN A 48 -12.47 -6.19 -4.48
C GLN A 48 -12.07 -6.16 -3.01
N ALA A 49 -12.80 -5.40 -2.21
CA ALA A 49 -12.50 -5.28 -0.78
C ALA A 49 -11.14 -4.62 -0.60
N VAL A 50 -10.66 -4.58 0.64
CA VAL A 50 -9.35 -3.97 0.92
C VAL A 50 -8.32 -5.00 1.32
N ARG A 51 -7.09 -4.77 0.88
CA ARG A 51 -5.98 -5.66 1.18
C ARG A 51 -4.82 -4.84 1.73
N HIS A 52 -4.59 -4.96 3.03
CA HIS A 52 -3.52 -4.20 3.66
C HIS A 52 -2.21 -5.00 3.64
N TYR A 53 -1.08 -4.29 3.71
CA TYR A 53 0.21 -4.94 3.65
C TYR A 53 1.24 -4.25 4.54
N LYS A 54 2.19 -5.04 5.02
CA LYS A 54 3.27 -4.54 5.85
C LYS A 54 4.50 -4.34 4.99
N ILE A 55 4.87 -3.08 4.79
CA ILE A 55 6.03 -2.75 4.00
C ILE A 55 7.21 -2.55 4.95
N TRP A 56 8.00 -3.59 5.10
CA TRP A 56 9.13 -3.56 6.02
C TRP A 56 10.37 -2.93 5.40
N ARG A 57 11.01 -2.07 6.18
CA ARG A 57 12.22 -1.38 5.74
C ARG A 57 13.45 -2.25 6.00
N ARG A 58 14.49 -2.06 5.20
CA ARG A 58 15.71 -2.84 5.33
C ARG A 58 16.74 -2.13 6.21
N ALA A 59 16.26 -1.31 7.15
CA ALA A 59 17.14 -0.57 8.05
C ALA A 59 18.25 0.14 7.28
N GLY A 60 17.98 0.45 6.02
CA GLY A 60 18.98 1.14 5.21
C GLY A 60 18.43 1.57 3.86
N GLY A 61 17.12 1.83 3.81
CA GLY A 61 16.51 2.26 2.57
C GLY A 61 16.18 1.10 1.64
N ARG A 62 15.05 0.45 1.89
CA ARG A 62 14.62 -0.69 1.08
C ARG A 62 13.36 -1.32 1.65
N LEU A 63 12.22 -1.00 1.03
CA LEU A 63 10.93 -1.53 1.45
C LEU A 63 10.69 -2.90 0.84
N HIS A 64 10.00 -3.76 1.58
CA HIS A 64 9.69 -5.09 1.11
C HIS A 64 8.47 -5.65 1.81
N LEU A 65 7.32 -5.56 1.14
CA LEU A 65 6.09 -6.08 1.73
C LEU A 65 6.19 -7.59 1.90
N ASN A 66 7.11 -8.18 1.16
CA ASN A 66 7.34 -9.62 1.20
C ASN A 66 8.84 -9.92 1.17
N GLU A 67 9.19 -11.18 1.37
CA GLU A 67 10.60 -11.59 1.36
C GLU A 67 11.15 -11.73 -0.07
N ALA A 68 10.47 -11.12 -1.04
CA ALA A 68 10.91 -11.20 -2.42
C ALA A 68 10.56 -9.93 -3.21
N VAL A 69 10.22 -8.86 -2.49
CA VAL A 69 9.87 -7.60 -3.15
C VAL A 69 10.54 -6.40 -2.47
N SER A 70 11.86 -6.43 -2.41
CA SER A 70 12.61 -5.34 -1.76
C SER A 70 12.88 -4.19 -2.74
N PHE A 71 12.62 -2.97 -2.28
CA PHE A 71 12.85 -1.78 -3.09
C PHE A 71 13.19 -0.58 -2.22
N LEU A 72 14.36 -0.02 -2.48
CA LEU A 72 14.91 1.15 -1.77
C LEU A 72 13.85 1.99 -1.05
N SER A 73 12.72 2.24 -1.70
CA SER A 73 11.66 3.05 -1.10
C SER A 73 10.28 2.59 -1.54
N LEU A 74 9.26 3.03 -0.80
CA LEU A 74 7.89 2.68 -1.12
C LEU A 74 7.59 2.97 -2.59
N PRO A 75 7.85 4.21 -3.03
CA PRO A 75 7.61 4.64 -4.41
C PRO A 75 8.05 3.58 -5.41
N GLU A 76 9.31 3.19 -5.33
CA GLU A 76 9.86 2.18 -6.21
C GLU A 76 9.25 0.82 -5.88
N LEU A 77 9.02 0.58 -4.59
CA LEU A 77 8.43 -0.66 -4.14
C LEU A 77 7.04 -0.84 -4.75
N VAL A 78 6.24 0.22 -4.69
CA VAL A 78 4.90 0.20 -5.24
C VAL A 78 4.96 0.02 -6.76
N ASN A 79 6.05 0.52 -7.37
CA ASN A 79 6.24 0.39 -8.80
C ASN A 79 6.36 -1.08 -9.16
N TYR A 80 7.23 -1.79 -8.45
CA TYR A 80 7.43 -3.21 -8.67
C TYR A 80 6.18 -3.96 -8.22
N HIS A 81 5.58 -3.49 -7.13
CA HIS A 81 4.36 -4.09 -6.60
C HIS A 81 3.26 -4.04 -7.67
N ARG A 82 3.34 -3.02 -8.53
CA ARG A 82 2.36 -2.85 -9.60
C ARG A 82 2.60 -3.87 -10.70
N ALA A 83 3.84 -4.21 -10.90
CA ALA A 83 4.21 -5.18 -11.92
C ALA A 83 3.91 -6.59 -11.45
N GLN A 84 4.56 -6.99 -10.36
CA GLN A 84 4.38 -8.32 -9.78
C GLN A 84 3.37 -8.32 -8.63
N SER A 85 2.38 -9.21 -8.71
CA SER A 85 1.39 -9.36 -7.65
C SER A 85 1.79 -10.48 -6.70
N LEU A 86 3.11 -10.73 -6.63
CA LEU A 86 3.66 -11.79 -5.78
C LEU A 86 2.96 -11.87 -4.42
N SER A 87 3.24 -10.91 -3.56
CA SER A 87 2.65 -10.88 -2.23
C SER A 87 1.72 -9.70 -2.06
N HIS A 88 1.13 -9.25 -3.16
CA HIS A 88 0.21 -8.13 -3.14
C HIS A 88 -1.19 -8.57 -3.58
N GLY A 89 -2.19 -7.74 -3.30
CA GLY A 89 -3.56 -8.08 -3.63
C GLY A 89 -3.84 -8.20 -5.12
N LEU A 90 -3.45 -7.20 -5.90
CA LEU A 90 -3.71 -7.22 -7.33
C LEU A 90 -2.88 -6.17 -8.06
N ARG A 91 -1.56 -6.29 -7.95
CA ARG A 91 -0.64 -5.36 -8.60
C ARG A 91 -1.07 -3.91 -8.45
N LEU A 92 -0.39 -3.17 -7.58
CA LEU A 92 -0.69 -1.75 -7.35
C LEU A 92 -0.96 -1.05 -8.68
N ALA A 93 -2.13 -0.42 -8.81
CA ALA A 93 -2.48 0.24 -10.07
C ALA A 93 -2.83 1.71 -9.88
N ALA A 94 -4.00 1.97 -9.31
CA ALA A 94 -4.45 3.34 -9.11
C ALA A 94 -4.39 3.74 -7.64
N PRO A 95 -4.90 4.94 -7.30
CA PRO A 95 -4.91 5.46 -5.93
C PRO A 95 -6.25 5.24 -5.24
N CYS A 96 -6.30 5.56 -3.96
CA CYS A 96 -7.53 5.41 -3.19
C CYS A 96 -8.20 6.76 -2.95
N ARG A 97 -9.42 6.74 -2.43
CA ARG A 97 -10.16 7.96 -2.16
C ARG A 97 -10.93 7.86 -0.85
N LYS A 98 -10.90 8.93 -0.06
CA LYS A 98 -11.58 8.97 1.22
C LYS A 98 -13.01 9.50 1.06
N HIS A 99 -13.93 8.92 1.81
CA HIS A 99 -15.34 9.33 1.76
C HIS A 99 -15.74 10.04 3.03
N GLU A 100 -16.04 11.33 2.93
CA GLU A 100 -16.45 12.13 4.08
C GLU A 100 -17.80 11.66 4.60
N SER A 1 1.81 4.20 -11.55
CA SER A 1 2.42 4.20 -10.19
C SER A 1 2.03 5.45 -9.41
N GLU A 2 1.21 5.26 -8.39
CA GLU A 2 0.75 6.37 -7.55
C GLU A 2 -0.11 5.87 -6.40
N PRO A 3 0.52 5.41 -5.31
CA PRO A 3 -0.19 4.89 -4.14
C PRO A 3 -0.63 6.01 -3.19
N TRP A 4 0.18 7.07 -3.10
CA TRP A 4 -0.13 8.19 -2.24
C TRP A 4 -0.08 7.78 -0.77
N PHE A 5 1.05 8.07 -0.12
CA PHE A 5 1.22 7.72 1.29
C PHE A 5 0.52 8.75 2.19
N PHE A 6 0.01 8.28 3.33
CA PHE A 6 -0.67 9.17 4.26
C PHE A 6 0.16 9.37 5.52
N GLY A 7 -0.09 10.47 6.22
CA GLY A 7 0.65 10.76 7.43
C GLY A 7 -0.09 10.35 8.70
N CYS A 8 -1.39 10.09 8.59
CA CYS A 8 -2.18 9.69 9.75
C CYS A 8 -3.51 9.08 9.35
N ILE A 9 -3.47 7.85 8.84
CA ILE A 9 -4.68 7.14 8.45
C ILE A 9 -4.85 5.88 9.28
N SER A 10 -6.00 5.73 9.92
CA SER A 10 -6.27 4.57 10.75
C SER A 10 -6.68 3.37 9.90
N ARG A 11 -6.58 2.17 10.48
CA ARG A 11 -6.94 0.95 9.78
C ARG A 11 -8.41 0.97 9.37
N SER A 12 -9.18 1.83 10.02
CA SER A 12 -10.60 1.96 9.73
C SER A 12 -10.83 2.82 8.49
N GLU A 13 -9.95 3.80 8.29
CA GLU A 13 -10.07 4.69 7.13
C GLU A 13 -9.56 4.02 5.88
N ALA A 14 -8.46 3.29 5.99
CA ALA A 14 -7.86 2.61 4.85
C ALA A 14 -8.82 1.59 4.27
N VAL A 15 -9.41 0.78 5.14
CA VAL A 15 -10.36 -0.24 4.68
C VAL A 15 -11.55 0.40 3.97
N ARG A 16 -12.04 1.50 4.54
CA ARG A 16 -13.17 2.21 3.95
C ARG A 16 -12.72 3.15 2.83
N ARG A 17 -11.43 3.46 2.85
CA ARG A 17 -10.83 4.34 1.85
C ARG A 17 -10.53 3.54 0.59
N LEU A 18 -9.96 2.34 0.77
CA LEU A 18 -9.65 1.46 -0.35
C LEU A 18 -10.93 1.00 -1.02
N GLN A 19 -11.92 0.73 -0.18
CA GLN A 19 -13.23 0.26 -0.62
C GLN A 19 -14.05 1.36 -1.26
N ALA A 20 -13.72 2.62 -0.94
CA ALA A 20 -14.45 3.77 -1.49
C ALA A 20 -14.73 3.58 -2.98
N GLU A 21 -15.64 4.39 -3.53
CA GLU A 21 -15.97 4.28 -4.95
C GLU A 21 -15.05 5.13 -5.81
N GLY A 22 -13.98 5.58 -5.20
CA GLY A 22 -12.97 6.35 -5.90
C GLY A 22 -11.82 5.46 -6.35
N ASN A 23 -11.83 4.24 -5.83
CA ASN A 23 -10.78 3.26 -6.14
C ASN A 23 -11.26 2.23 -7.15
N ALA A 24 -10.57 2.17 -8.28
CA ALA A 24 -10.90 1.22 -9.32
C ALA A 24 -9.91 0.08 -9.35
N THR A 25 -9.91 -0.70 -8.28
CA THR A 25 -9.02 -1.84 -8.13
C THR A 25 -7.56 -1.43 -8.27
N GLY A 26 -6.73 -1.98 -7.39
CA GLY A 26 -5.32 -1.64 -7.39
C GLY A 26 -5.04 -0.43 -6.54
N ALA A 27 -6.09 0.32 -6.23
CA ALA A 27 -5.97 1.49 -5.40
C ALA A 27 -5.21 1.13 -4.13
N PHE A 28 -4.06 1.74 -3.94
CA PHE A 28 -3.23 1.45 -2.78
C PHE A 28 -2.88 2.74 -2.06
N LEU A 29 -2.43 2.61 -0.82
CA LEU A 29 -2.06 3.76 0.00
C LEU A 29 -0.98 3.36 1.00
N ILE A 30 -0.11 4.29 1.36
CA ILE A 30 0.97 3.96 2.28
C ILE A 30 0.90 4.79 3.55
N ARG A 31 0.73 4.10 4.66
CA ARG A 31 0.66 4.75 5.95
C ARG A 31 1.83 4.29 6.81
N VAL A 32 1.78 4.61 8.10
CA VAL A 32 2.83 4.20 9.00
C VAL A 32 2.48 2.89 9.70
N SER A 33 3.48 2.28 10.31
CA SER A 33 3.30 1.01 11.01
C SER A 33 2.25 1.11 12.11
N GLU A 34 0.99 1.00 11.73
CA GLU A 34 -0.11 1.04 12.70
C GLU A 34 -0.01 -0.14 13.65
N LYS A 35 0.73 -1.15 13.22
CA LYS A 35 0.94 -2.37 14.01
C LYS A 35 2.45 -2.66 14.09
N PRO A 36 3.12 -2.92 12.94
CA PRO A 36 4.56 -3.20 12.91
C PRO A 36 5.36 -2.21 13.76
N SER A 37 6.67 -2.43 13.86
CA SER A 37 7.53 -1.57 14.65
C SER A 37 7.81 -0.24 13.93
N ALA A 38 8.86 -0.22 13.09
CA ALA A 38 9.21 0.98 12.35
C ALA A 38 9.14 0.73 10.85
N ASP A 39 7.94 0.46 10.37
CA ASP A 39 7.72 0.19 8.96
C ASP A 39 6.54 0.99 8.41
N TYR A 40 6.09 0.65 7.21
CA TYR A 40 4.96 1.30 6.59
C TYR A 40 3.99 0.25 6.12
N VAL A 41 2.72 0.48 6.35
CA VAL A 41 1.73 -0.50 5.94
C VAL A 41 0.94 0.00 4.77
N LEU A 42 0.85 -0.81 3.75
CA LEU A 42 0.16 -0.45 2.54
C LEU A 42 -1.07 -1.33 2.31
N SER A 43 -2.22 -0.69 2.05
CA SER A 43 -3.46 -1.42 1.80
C SER A 43 -4.07 -1.07 0.45
N VAL A 44 -4.36 -2.11 -0.33
CA VAL A 44 -4.90 -1.95 -1.69
C VAL A 44 -6.30 -2.52 -1.84
N ARG A 45 -7.08 -1.92 -2.74
CA ARG A 45 -8.39 -2.44 -3.06
C ARG A 45 -8.20 -3.64 -3.98
N ASP A 46 -6.95 -3.81 -4.40
CA ASP A 46 -6.54 -4.89 -5.29
C ASP A 46 -7.51 -5.05 -6.46
N THR A 47 -8.52 -5.88 -6.28
CA THR A 47 -9.51 -6.13 -7.32
C THR A 47 -10.93 -6.07 -6.76
N GLN A 48 -11.06 -5.67 -5.49
CA GLN A 48 -12.37 -5.58 -4.85
C GLN A 48 -12.26 -5.18 -3.39
N ALA A 49 -12.03 -6.17 -2.54
CA ALA A 49 -11.92 -5.96 -1.11
C ALA A 49 -10.58 -5.30 -0.77
N VAL A 50 -10.44 -4.86 0.48
CA VAL A 50 -9.20 -4.23 0.90
C VAL A 50 -8.22 -5.25 1.47
N ARG A 51 -6.96 -5.07 1.12
CA ARG A 51 -5.91 -5.94 1.58
C ARG A 51 -4.75 -5.10 2.08
N HIS A 52 -4.54 -5.11 3.39
CA HIS A 52 -3.48 -4.32 3.99
C HIS A 52 -2.17 -5.07 3.94
N TYR A 53 -1.06 -4.36 4.00
CA TYR A 53 0.23 -5.01 3.93
C TYR A 53 1.31 -4.29 4.70
N LYS A 54 2.14 -5.06 5.39
CA LYS A 54 3.25 -4.52 6.14
C LYS A 54 4.45 -4.34 5.23
N ILE A 55 4.81 -3.10 4.97
CA ILE A 55 5.95 -2.80 4.12
C ILE A 55 7.17 -2.70 5.00
N TRP A 56 7.95 -3.78 5.04
CA TRP A 56 9.11 -3.84 5.90
C TRP A 56 10.34 -3.21 5.26
N ARG A 57 10.92 -2.24 5.97
CA ARG A 57 12.11 -1.54 5.51
C ARG A 57 13.36 -2.34 5.88
N ARG A 58 14.16 -2.67 4.88
CA ARG A 58 15.39 -3.43 5.08
C ARG A 58 16.29 -2.78 6.14
N ALA A 59 17.25 -2.00 5.67
CA ALA A 59 18.18 -1.32 6.57
C ALA A 59 18.85 -0.15 5.87
N GLY A 60 18.24 1.02 5.95
CA GLY A 60 18.78 2.19 5.31
C GLY A 60 17.92 2.67 4.15
N GLY A 61 17.19 1.74 3.54
CA GLY A 61 16.33 2.09 2.43
C GLY A 61 16.03 0.91 1.52
N ARG A 62 14.94 0.21 1.79
CA ARG A 62 14.53 -0.94 1.00
C ARG A 62 13.28 -1.59 1.57
N LEU A 63 12.12 -1.22 1.02
CA LEU A 63 10.84 -1.75 1.47
C LEU A 63 10.53 -3.08 0.80
N HIS A 64 9.82 -3.93 1.52
CA HIS A 64 9.43 -5.23 1.00
C HIS A 64 8.19 -5.76 1.70
N LEU A 65 7.03 -5.58 1.07
CA LEU A 65 5.78 -6.05 1.64
C LEU A 65 5.83 -7.56 1.85
N ASN A 66 6.62 -8.20 1.01
CA ASN A 66 6.80 -9.65 1.06
C ASN A 66 8.28 -10.00 0.89
N GLU A 67 8.59 -11.29 1.01
CA GLU A 67 9.96 -11.76 0.87
C GLU A 67 10.37 -11.88 -0.60
N ALA A 68 9.69 -11.15 -1.48
CA ALA A 68 10.00 -11.20 -2.90
C ALA A 68 9.75 -9.87 -3.60
N VAL A 69 9.52 -8.80 -2.82
CA VAL A 69 9.26 -7.49 -3.40
C VAL A 69 10.05 -6.39 -2.69
N SER A 70 11.37 -6.51 -2.66
CA SER A 70 12.22 -5.53 -2.02
C SER A 70 12.53 -4.35 -2.93
N PHE A 71 12.40 -3.14 -2.40
CA PHE A 71 12.66 -1.93 -3.17
C PHE A 71 13.04 -0.76 -2.26
N LEU A 72 14.21 -0.20 -2.55
CA LEU A 72 14.78 0.93 -1.81
C LEU A 72 13.76 1.77 -1.05
N SER A 73 12.62 2.07 -1.67
CA SER A 73 11.60 2.90 -1.03
C SER A 73 10.20 2.54 -1.49
N LEU A 74 9.20 3.17 -0.86
CA LEU A 74 7.81 2.93 -1.21
C LEU A 74 7.55 3.22 -2.68
N PRO A 75 7.74 4.50 -3.11
CA PRO A 75 7.54 4.92 -4.50
C PRO A 75 7.99 3.87 -5.51
N GLU A 76 9.18 3.32 -5.28
CA GLU A 76 9.72 2.31 -6.16
C GLU A 76 9.11 0.95 -5.82
N LEU A 77 8.89 0.72 -4.53
CA LEU A 77 8.29 -0.52 -4.08
C LEU A 77 6.88 -0.67 -4.66
N VAL A 78 6.12 0.42 -4.62
CA VAL A 78 4.78 0.43 -5.16
C VAL A 78 4.82 0.26 -6.67
N ASN A 79 5.83 0.86 -7.30
CA ASN A 79 6.01 0.75 -8.74
C ASN A 79 6.19 -0.71 -9.11
N TYR A 80 7.12 -1.37 -8.41
CA TYR A 80 7.37 -2.78 -8.62
C TYR A 80 6.12 -3.58 -8.27
N HIS A 81 5.40 -3.08 -7.27
CA HIS A 81 4.16 -3.72 -6.82
C HIS A 81 3.17 -3.72 -7.97
N ARG A 82 3.28 -2.74 -8.86
CA ARG A 82 2.40 -2.64 -10.01
C ARG A 82 2.79 -3.66 -11.06
N ALA A 83 4.07 -4.00 -11.07
CA ALA A 83 4.58 -4.98 -12.00
C ALA A 83 4.23 -6.38 -11.50
N GLN A 84 4.79 -6.72 -10.35
CA GLN A 84 4.54 -8.01 -9.72
C GLN A 84 3.44 -7.90 -8.67
N SER A 85 2.46 -8.78 -8.72
CA SER A 85 1.36 -8.78 -7.75
C SER A 85 1.64 -9.76 -6.61
N LEU A 86 2.89 -9.81 -6.16
CA LEU A 86 3.27 -10.71 -5.09
C LEU A 86 2.51 -10.39 -3.80
N SER A 87 2.78 -9.20 -3.23
CA SER A 87 2.12 -8.78 -2.00
C SER A 87 0.87 -7.95 -2.30
N HIS A 88 0.55 -7.77 -3.58
CA HIS A 88 -0.62 -7.00 -3.98
C HIS A 88 -1.56 -7.88 -4.78
N GLY A 89 -2.85 -7.83 -4.45
CA GLY A 89 -3.84 -8.65 -5.13
C GLY A 89 -4.39 -8.01 -6.41
N LEU A 90 -3.50 -7.65 -7.33
CA LEU A 90 -3.90 -7.04 -8.63
C LEU A 90 -2.90 -5.96 -9.08
N ARG A 91 -1.74 -5.87 -8.40
CA ARG A 91 -0.72 -4.90 -8.77
C ARG A 91 -1.23 -3.47 -8.60
N LEU A 92 -0.37 -2.57 -8.09
CA LEU A 92 -0.76 -1.18 -7.87
C LEU A 92 -1.08 -0.47 -9.18
N ALA A 93 -2.30 0.04 -9.27
CA ALA A 93 -2.74 0.74 -10.48
C ALA A 93 -2.81 2.25 -10.25
N ALA A 94 -3.48 2.65 -9.17
CA ALA A 94 -3.63 4.07 -8.86
C ALA A 94 -3.73 4.29 -7.35
N PRO A 95 -3.85 5.56 -6.91
CA PRO A 95 -3.94 5.88 -5.49
C PRO A 95 -5.37 5.73 -4.95
N CYS A 96 -5.48 5.61 -3.63
CA CYS A 96 -6.79 5.46 -3.00
C CYS A 96 -7.63 6.73 -3.15
N ARG A 97 -8.83 6.72 -2.59
CA ARG A 97 -9.72 7.88 -2.67
C ARG A 97 -10.64 7.93 -1.46
N LYS A 98 -10.99 9.14 -1.04
CA LYS A 98 -11.87 9.33 0.11
C LYS A 98 -12.12 10.81 0.37
N HIS A 99 -11.09 11.52 0.81
CA HIS A 99 -11.20 12.94 1.09
C HIS A 99 -12.28 13.21 2.13
N GLU A 100 -12.27 14.41 2.71
CA GLU A 100 -13.24 14.78 3.72
C GLU A 100 -14.43 15.50 3.10
N SER A 1 4.07 9.83 -6.50
CA SER A 1 2.86 9.93 -5.65
C SER A 1 1.72 9.08 -6.21
N GLU A 2 2.01 7.83 -6.50
CA GLU A 2 1.01 6.91 -7.05
C GLU A 2 0.10 6.38 -5.93
N PRO A 3 0.69 5.88 -4.83
CA PRO A 3 -0.07 5.34 -3.70
C PRO A 3 -0.64 6.45 -2.82
N TRP A 4 0.16 7.48 -2.60
CA TRP A 4 -0.21 8.60 -1.76
C TRP A 4 0.06 8.23 -0.30
N PHE A 5 1.23 8.60 0.20
CA PHE A 5 1.62 8.28 1.57
C PHE A 5 0.72 8.99 2.56
N PHE A 6 0.08 8.20 3.43
CA PHE A 6 -0.81 8.77 4.44
C PHE A 6 -0.09 8.91 5.77
N GLY A 7 -0.49 9.91 6.55
CA GLY A 7 0.14 10.15 7.83
C GLY A 7 -0.62 9.57 8.99
N CYS A 8 -1.94 9.48 8.85
CA CYS A 8 -2.78 8.94 9.92
C CYS A 8 -4.07 8.34 9.37
N ILE A 9 -3.99 7.12 8.84
CA ILE A 9 -5.15 6.45 8.30
C ILE A 9 -5.33 5.07 8.93
N SER A 10 -5.93 5.05 10.12
CA SER A 10 -6.15 3.80 10.85
C SER A 10 -6.68 2.70 9.93
N ARG A 11 -6.62 1.46 10.41
CA ARG A 11 -7.08 0.31 9.64
C ARG A 11 -8.53 0.50 9.21
N SER A 12 -9.26 1.29 9.98
CA SER A 12 -10.66 1.56 9.69
C SER A 12 -10.81 2.52 8.51
N GLU A 13 -9.81 3.39 8.33
CA GLU A 13 -9.85 4.35 7.23
C GLU A 13 -9.45 3.72 5.92
N ALA A 14 -8.27 3.12 5.87
CA ALA A 14 -7.78 2.51 4.64
C ALA A 14 -8.79 1.54 4.07
N VAL A 15 -9.49 0.83 4.94
CA VAL A 15 -10.49 -0.13 4.48
C VAL A 15 -11.66 0.57 3.80
N ARG A 16 -12.22 1.57 4.47
CA ARG A 16 -13.34 2.32 3.92
C ARG A 16 -12.87 3.29 2.85
N ARG A 17 -11.63 3.73 3.00
CA ARG A 17 -11.01 4.66 2.07
C ARG A 17 -10.68 3.94 0.76
N LEU A 18 -10.14 2.73 0.87
CA LEU A 18 -9.80 1.93 -0.31
C LEU A 18 -11.06 1.47 -1.00
N GLN A 19 -12.01 1.03 -0.21
CA GLN A 19 -13.27 0.53 -0.75
C GLN A 19 -14.35 1.60 -0.77
N ALA A 20 -13.96 2.87 -0.60
CA ALA A 20 -14.91 3.98 -0.63
C ALA A 20 -15.63 4.01 -1.97
N GLU A 21 -16.30 5.11 -2.27
CA GLU A 21 -17.00 5.24 -3.55
C GLU A 21 -16.13 5.89 -4.61
N GLY A 22 -14.98 6.32 -4.17
CA GLY A 22 -14.01 6.95 -5.05
C GLY A 22 -12.94 5.97 -5.50
N ASN A 23 -13.19 4.68 -5.29
CA ASN A 23 -12.21 3.64 -5.65
C ASN A 23 -12.31 3.17 -7.09
N ALA A 24 -11.28 2.43 -7.50
CA ALA A 24 -11.22 1.88 -8.83
C ALA A 24 -10.20 0.74 -8.93
N THR A 25 -10.17 -0.07 -7.88
CA THR A 25 -9.27 -1.22 -7.81
C THR A 25 -7.81 -0.80 -8.00
N GLY A 26 -6.90 -1.63 -7.48
CA GLY A 26 -5.47 -1.33 -7.57
C GLY A 26 -5.11 -0.16 -6.69
N ALA A 27 -6.07 0.73 -6.47
CA ALA A 27 -5.88 1.88 -5.63
C ALA A 27 -5.05 1.51 -4.42
N PHE A 28 -3.94 2.21 -4.22
CA PHE A 28 -3.05 1.91 -3.13
C PHE A 28 -2.67 3.15 -2.36
N LEU A 29 -2.20 2.95 -1.14
CA LEU A 29 -1.82 4.03 -0.25
C LEU A 29 -0.80 3.54 0.77
N ILE A 30 0.19 4.36 1.08
CA ILE A 30 1.18 3.94 2.06
C ILE A 30 1.06 4.73 3.36
N ARG A 31 0.73 4.01 4.43
CA ARG A 31 0.58 4.61 5.74
C ARG A 31 1.69 4.12 6.65
N VAL A 32 1.73 4.65 7.87
CA VAL A 32 2.75 4.24 8.82
C VAL A 32 2.33 2.98 9.56
N SER A 33 3.31 2.11 9.79
CA SER A 33 3.08 0.84 10.49
C SER A 33 2.21 1.03 11.74
N GLU A 34 0.90 0.84 11.58
CA GLU A 34 -0.01 0.96 12.70
C GLU A 34 0.26 -0.14 13.71
N LYS A 35 0.84 -1.23 13.23
CA LYS A 35 1.17 -2.37 14.07
C LYS A 35 2.69 -2.56 14.15
N PRO A 36 3.38 -2.74 13.00
CA PRO A 36 4.84 -2.93 12.97
C PRO A 36 5.61 -1.82 13.68
N SER A 37 6.90 -1.72 13.39
CA SER A 37 7.74 -0.70 14.00
C SER A 37 8.70 -0.09 12.98
N ALA A 38 8.67 1.24 12.87
CA ALA A 38 9.53 1.95 11.92
C ALA A 38 9.35 1.41 10.50
N ASP A 39 8.11 1.15 10.13
CA ASP A 39 7.81 0.64 8.80
C ASP A 39 6.58 1.35 8.21
N TYR A 40 6.05 0.81 7.12
CA TYR A 40 4.87 1.39 6.49
C TYR A 40 3.95 0.28 6.03
N VAL A 41 2.67 0.51 6.19
CA VAL A 41 1.70 -0.49 5.77
C VAL A 41 0.92 0.02 4.59
N LEU A 42 0.84 -0.80 3.56
CA LEU A 42 0.17 -0.44 2.34
C LEU A 42 -1.19 -1.10 2.26
N SER A 43 -2.10 -0.50 1.54
CA SER A 43 -3.42 -1.08 1.39
C SER A 43 -3.91 -0.91 -0.02
N VAL A 44 -4.73 -1.83 -0.45
CA VAL A 44 -5.24 -1.78 -1.80
C VAL A 44 -6.62 -2.41 -1.94
N ARG A 45 -7.44 -1.80 -2.78
CA ARG A 45 -8.77 -2.33 -3.04
C ARG A 45 -8.61 -3.70 -3.69
N ASP A 46 -7.43 -3.89 -4.27
CA ASP A 46 -7.06 -5.16 -4.93
C ASP A 46 -8.07 -5.65 -5.96
N THR A 47 -9.15 -4.89 -6.16
CA THR A 47 -10.22 -5.24 -7.10
C THR A 47 -11.53 -5.45 -6.35
N GLN A 48 -11.39 -5.87 -5.10
CA GLN A 48 -12.53 -6.13 -4.24
C GLN A 48 -12.08 -6.24 -2.79
N ALA A 49 -12.76 -5.54 -1.89
CA ALA A 49 -12.40 -5.57 -0.47
C ALA A 49 -11.01 -4.97 -0.29
N VAL A 50 -10.72 -4.48 0.92
CA VAL A 50 -9.41 -3.88 1.17
C VAL A 50 -8.45 -4.87 1.81
N ARG A 51 -7.26 -4.95 1.22
CA ARG A 51 -6.22 -5.83 1.71
C ARG A 51 -5.01 -5.00 2.10
N HIS A 52 -4.63 -5.05 3.37
CA HIS A 52 -3.51 -4.26 3.84
C HIS A 52 -2.20 -5.02 3.59
N TYR A 53 -1.08 -4.34 3.82
CA TYR A 53 0.22 -4.95 3.60
C TYR A 53 1.30 -4.29 4.45
N LYS A 54 2.10 -5.11 5.13
CA LYS A 54 3.19 -4.61 5.95
C LYS A 54 4.42 -4.38 5.10
N ILE A 55 4.85 -3.12 4.99
CA ILE A 55 6.02 -2.78 4.21
C ILE A 55 7.20 -2.55 5.15
N TRP A 56 8.05 -3.56 5.28
CA TRP A 56 9.19 -3.50 6.18
C TRP A 56 10.40 -2.83 5.53
N ARG A 57 11.19 -2.14 6.35
CA ARG A 57 12.38 -1.45 5.88
C ARG A 57 13.62 -2.33 6.06
N ARG A 58 14.62 -2.11 5.22
CA ARG A 58 15.84 -2.89 5.29
C ARG A 58 16.89 -2.21 6.18
N ALA A 59 16.43 -1.39 7.11
CA ALA A 59 17.33 -0.68 8.01
C ALA A 59 18.39 0.10 7.25
N GLY A 60 17.97 1.17 6.59
CA GLY A 60 18.89 1.99 5.82
C GLY A 60 18.23 2.61 4.60
N GLY A 61 17.29 1.90 4.02
CA GLY A 61 16.60 2.40 2.84
C GLY A 61 16.22 1.29 1.87
N ARG A 62 15.09 0.65 2.12
CA ARG A 62 14.60 -0.42 1.26
C ARG A 62 13.35 -1.07 1.85
N LEU A 63 12.24 -0.90 1.15
CA LEU A 63 10.97 -1.46 1.59
C LEU A 63 10.72 -2.81 0.95
N HIS A 64 10.10 -3.70 1.69
CA HIS A 64 9.80 -5.03 1.20
C HIS A 64 8.62 -5.60 1.95
N LEU A 65 7.45 -5.57 1.32
CA LEU A 65 6.24 -6.10 1.92
C LEU A 65 6.39 -7.60 2.12
N ASN A 66 7.32 -8.19 1.37
CA ASN A 66 7.59 -9.62 1.45
C ASN A 66 9.07 -9.89 1.19
N GLU A 67 9.47 -11.15 1.27
CA GLU A 67 10.86 -11.53 1.04
C GLU A 67 11.19 -11.63 -0.45
N ALA A 68 10.42 -10.93 -1.28
CA ALA A 68 10.66 -10.96 -2.71
C ALA A 68 10.28 -9.63 -3.38
N VAL A 69 10.03 -8.60 -2.58
CA VAL A 69 9.66 -7.29 -3.12
C VAL A 69 10.41 -6.16 -2.44
N SER A 70 11.73 -6.23 -2.43
CA SER A 70 12.56 -5.20 -1.80
C SER A 70 12.83 -4.03 -2.74
N PHE A 71 12.67 -2.82 -2.21
CA PHE A 71 12.89 -1.60 -3.00
C PHE A 71 13.23 -0.43 -2.10
N LEU A 72 14.39 0.17 -2.37
CA LEU A 72 14.92 1.33 -1.62
C LEU A 72 13.84 2.14 -0.89
N SER A 73 12.69 2.35 -1.53
CA SER A 73 11.62 3.12 -0.93
C SER A 73 10.25 2.64 -1.41
N LEU A 74 9.20 3.24 -0.85
CA LEU A 74 7.83 2.89 -1.22
C LEU A 74 7.61 3.08 -2.71
N PRO A 75 7.73 4.34 -3.21
CA PRO A 75 7.53 4.67 -4.62
C PRO A 75 8.08 3.59 -5.56
N GLU A 76 9.28 3.11 -5.26
CA GLU A 76 9.89 2.07 -6.08
C GLU A 76 9.30 0.72 -5.70
N LEU A 77 9.10 0.51 -4.41
CA LEU A 77 8.52 -0.74 -3.92
C LEU A 77 7.16 -0.98 -4.55
N VAL A 78 6.33 0.06 -4.56
CA VAL A 78 5.00 -0.04 -5.15
C VAL A 78 5.11 -0.21 -6.66
N ASN A 79 6.14 0.39 -7.25
CA ASN A 79 6.37 0.30 -8.69
C ASN A 79 6.36 -1.16 -9.12
N TYR A 80 7.13 -1.99 -8.42
CA TYR A 80 7.20 -3.41 -8.72
C TYR A 80 5.86 -4.07 -8.41
N HIS A 81 5.20 -3.58 -7.37
CA HIS A 81 3.90 -4.10 -6.99
C HIS A 81 2.89 -3.89 -8.11
N ARG A 82 3.06 -2.79 -8.83
CA ARG A 82 2.15 -2.47 -9.93
C ARG A 82 2.38 -3.40 -11.10
N ALA A 83 3.61 -3.83 -11.25
CA ALA A 83 3.93 -4.75 -12.33
C ALA A 83 3.45 -6.14 -11.94
N GLN A 84 4.10 -6.70 -10.93
CA GLN A 84 3.75 -8.02 -10.42
C GLN A 84 2.88 -7.94 -9.17
N SER A 85 1.90 -8.83 -9.06
CA SER A 85 1.03 -8.88 -7.90
C SER A 85 1.53 -9.95 -6.91
N LEU A 86 2.76 -10.43 -7.15
CA LEU A 86 3.39 -11.46 -6.32
C LEU A 86 2.99 -11.34 -4.85
N SER A 87 3.54 -10.35 -4.16
CA SER A 87 3.25 -10.15 -2.75
C SER A 87 2.25 -9.02 -2.57
N HIS A 88 1.23 -8.99 -3.41
CA HIS A 88 0.21 -7.95 -3.34
C HIS A 88 -1.05 -8.38 -4.09
N GLY A 89 -2.18 -8.31 -3.39
CA GLY A 89 -3.46 -8.69 -3.96
C GLY A 89 -3.64 -8.32 -5.42
N LEU A 90 -3.40 -7.05 -5.74
CA LEU A 90 -3.54 -6.58 -7.11
C LEU A 90 -2.40 -5.63 -7.47
N ARG A 91 -2.22 -5.41 -8.76
CA ARG A 91 -1.17 -4.52 -9.24
C ARG A 91 -1.50 -3.07 -8.94
N LEU A 92 -0.75 -2.48 -8.00
CA LEU A 92 -0.95 -1.07 -7.60
C LEU A 92 -1.14 -0.19 -8.83
N ALA A 93 -2.40 0.09 -9.19
CA ALA A 93 -2.71 0.90 -10.36
C ALA A 93 -2.87 2.38 -10.03
N ALA A 94 -4.05 2.77 -9.53
CA ALA A 94 -4.31 4.17 -9.20
C ALA A 94 -4.13 4.45 -7.70
N PRO A 95 -4.26 5.71 -7.28
CA PRO A 95 -4.10 6.11 -5.89
C PRO A 95 -5.38 5.94 -5.06
N CYS A 96 -5.24 5.95 -3.74
CA CYS A 96 -6.38 5.81 -2.85
C CYS A 96 -7.14 7.14 -2.73
N ARG A 97 -8.20 7.28 -3.52
CA ARG A 97 -9.00 8.49 -3.49
C ARG A 97 -9.58 8.74 -2.09
N LYS A 98 -9.54 10.00 -1.66
CA LYS A 98 -10.06 10.37 -0.34
C LYS A 98 -11.45 10.96 -0.46
N HIS A 99 -12.21 10.90 0.64
CA HIS A 99 -13.56 11.44 0.66
C HIS A 99 -13.98 11.81 2.08
N GLU A 100 -13.79 10.88 3.01
CA GLU A 100 -14.15 11.11 4.40
C GLU A 100 -13.26 12.20 5.02
N SER A 1 4.59 5.59 -10.21
CA SER A 1 3.43 4.98 -9.51
C SER A 1 2.50 6.05 -8.98
N GLU A 2 1.56 5.65 -8.12
CA GLU A 2 0.58 6.58 -7.55
C GLU A 2 -0.15 5.94 -6.37
N PRO A 3 0.55 5.78 -5.23
CA PRO A 3 -0.01 5.17 -4.02
C PRO A 3 -0.64 6.19 -3.07
N TRP A 4 0.01 7.35 -2.93
CA TRP A 4 -0.46 8.39 -2.02
C TRP A 4 -0.19 7.94 -0.58
N PHE A 5 0.97 8.35 -0.06
CA PHE A 5 1.38 7.98 1.29
C PHE A 5 0.64 8.78 2.35
N PHE A 6 0.08 8.07 3.32
CA PHE A 6 -0.64 8.70 4.42
C PHE A 6 -0.23 8.05 5.74
N GLY A 7 0.68 8.70 6.46
CA GLY A 7 1.14 8.14 7.73
C GLY A 7 0.23 8.50 8.89
N CYS A 8 -0.97 8.96 8.59
CA CYS A 8 -1.90 9.34 9.65
C CYS A 8 -3.23 8.59 9.54
N ILE A 9 -3.41 7.83 8.47
CA ILE A 9 -4.63 7.07 8.26
C ILE A 9 -4.66 5.82 9.14
N SER A 10 -5.81 5.57 9.75
CA SER A 10 -5.96 4.40 10.60
C SER A 10 -6.44 3.20 9.78
N ARG A 11 -6.20 1.99 10.28
CA ARG A 11 -6.61 0.78 9.58
C ARG A 11 -8.09 0.83 9.24
N SER A 12 -8.84 1.52 10.08
CA SER A 12 -10.27 1.66 9.89
C SER A 12 -10.58 2.48 8.64
N GLU A 13 -9.74 3.48 8.38
CA GLU A 13 -9.93 4.35 7.21
C GLU A 13 -9.50 3.65 5.93
N ALA A 14 -8.26 3.17 5.90
CA ALA A 14 -7.72 2.50 4.73
C ALA A 14 -8.67 1.41 4.26
N VAL A 15 -9.48 0.88 5.16
CA VAL A 15 -10.43 -0.17 4.81
C VAL A 15 -11.63 0.44 4.05
N ARG A 16 -12.21 1.50 4.60
CA ARG A 16 -13.34 2.16 3.97
C ARG A 16 -12.89 3.14 2.89
N ARG A 17 -11.61 3.50 2.96
CA ARG A 17 -11.02 4.43 2.01
C ARG A 17 -10.70 3.73 0.69
N LEU A 18 -10.10 2.54 0.77
CA LEU A 18 -9.76 1.78 -0.41
C LEU A 18 -11.02 1.29 -1.11
N GLN A 19 -11.96 0.83 -0.32
CA GLN A 19 -13.24 0.32 -0.84
C GLN A 19 -14.15 1.45 -1.31
N ALA A 20 -13.84 2.68 -0.88
CA ALA A 20 -14.65 3.84 -1.28
C ALA A 20 -14.88 3.86 -2.78
N GLU A 21 -15.68 4.81 -3.27
CA GLU A 21 -15.95 4.90 -4.70
C GLU A 21 -14.94 5.78 -5.41
N GLY A 22 -13.87 6.05 -4.71
CA GLY A 22 -12.78 6.84 -5.27
C GLY A 22 -11.67 5.95 -5.81
N ASN A 23 -11.78 4.65 -5.52
CA ASN A 23 -10.79 3.67 -5.94
C ASN A 23 -11.37 2.69 -6.93
N ALA A 24 -10.72 2.59 -8.09
CA ALA A 24 -11.16 1.68 -9.13
C ALA A 24 -10.23 0.47 -9.21
N THR A 25 -10.20 -0.29 -8.12
CA THR A 25 -9.36 -1.47 -8.01
C THR A 25 -7.89 -1.15 -8.22
N GLY A 26 -7.04 -1.77 -7.41
CA GLY A 26 -5.62 -1.52 -7.48
C GLY A 26 -5.23 -0.34 -6.65
N ALA A 27 -6.18 0.57 -6.42
CA ALA A 27 -5.94 1.75 -5.61
C ALA A 27 -5.17 1.35 -4.36
N PHE A 28 -4.02 1.96 -4.14
CA PHE A 28 -3.20 1.63 -3.01
C PHE A 28 -2.79 2.89 -2.25
N LEU A 29 -2.32 2.70 -1.04
CA LEU A 29 -1.91 3.80 -0.19
C LEU A 29 -0.89 3.34 0.85
N ILE A 30 0.10 4.16 1.11
CA ILE A 30 1.13 3.79 2.07
C ILE A 30 1.00 4.59 3.36
N ARG A 31 0.70 3.91 4.45
CA ARG A 31 0.55 4.56 5.74
C ARG A 31 1.61 4.07 6.72
N VAL A 32 1.54 4.57 7.96
CA VAL A 32 2.50 4.16 8.97
C VAL A 32 2.07 2.87 9.65
N SER A 33 3.06 2.05 9.98
CA SER A 33 2.82 0.77 10.65
C SER A 33 1.98 0.93 11.91
N GLU A 34 0.67 0.77 11.79
CA GLU A 34 -0.21 0.86 12.94
C GLU A 34 0.10 -0.24 13.94
N LYS A 35 0.76 -1.28 13.44
CA LYS A 35 1.16 -2.42 14.27
C LYS A 35 2.67 -2.58 14.28
N PRO A 36 3.30 -2.76 13.09
CA PRO A 36 4.76 -2.92 12.99
C PRO A 36 5.51 -1.75 13.63
N SER A 37 6.81 -1.68 13.37
CA SER A 37 7.63 -0.61 13.95
C SER A 37 8.58 -0.02 12.90
N ALA A 38 8.63 1.31 12.83
CA ALA A 38 9.50 2.01 11.89
C ALA A 38 9.31 1.48 10.47
N ASP A 39 8.06 1.22 10.11
CA ASP A 39 7.73 0.72 8.78
C ASP A 39 6.52 1.44 8.19
N TYR A 40 5.99 0.91 7.10
CA TYR A 40 4.83 1.49 6.45
C TYR A 40 3.93 0.38 5.96
N VAL A 41 2.65 0.52 6.23
CA VAL A 41 1.69 -0.49 5.81
C VAL A 41 0.95 -0.03 4.58
N LEU A 42 0.91 -0.90 3.58
CA LEU A 42 0.25 -0.58 2.33
C LEU A 42 -1.05 -1.34 2.20
N SER A 43 -2.06 -0.67 1.71
CA SER A 43 -3.34 -1.31 1.50
C SER A 43 -3.84 -1.06 0.12
N VAL A 44 -4.74 -1.91 -0.32
CA VAL A 44 -5.27 -1.79 -1.67
C VAL A 44 -6.69 -2.31 -1.78
N ARG A 45 -7.50 -1.60 -2.56
CA ARG A 45 -8.87 -2.01 -2.78
C ARG A 45 -8.87 -3.28 -3.60
N ASP A 46 -7.71 -3.61 -4.15
CA ASP A 46 -7.55 -4.81 -4.97
C ASP A 46 -8.63 -4.86 -6.05
N THR A 47 -9.69 -5.60 -5.79
CA THR A 47 -10.78 -5.73 -6.76
C THR A 47 -12.13 -5.34 -6.14
N GLN A 48 -12.15 -5.11 -4.83
CA GLN A 48 -13.38 -4.73 -4.13
C GLN A 48 -13.16 -4.71 -2.63
N ALA A 49 -12.31 -5.62 -2.17
CA ALA A 49 -12.00 -5.73 -0.75
C ALA A 49 -10.64 -5.12 -0.46
N VAL A 50 -10.48 -4.54 0.73
CA VAL A 50 -9.22 -3.93 1.10
C VAL A 50 -8.22 -4.96 1.62
N ARG A 51 -7.06 -4.97 0.99
CA ARG A 51 -5.99 -5.88 1.39
C ARG A 51 -4.81 -5.07 1.92
N HIS A 52 -4.64 -5.08 3.22
CA HIS A 52 -3.56 -4.33 3.85
C HIS A 52 -2.26 -5.12 3.84
N TYR A 53 -1.15 -4.41 4.04
CA TYR A 53 0.16 -5.04 4.01
C TYR A 53 1.17 -4.26 4.86
N LYS A 54 2.20 -4.97 5.31
CA LYS A 54 3.26 -4.40 6.11
C LYS A 54 4.51 -4.21 5.26
N ILE A 55 4.85 -2.97 4.98
CA ILE A 55 6.03 -2.65 4.20
C ILE A 55 7.20 -2.41 5.14
N TRP A 56 8.03 -3.44 5.30
CA TRP A 56 9.15 -3.38 6.23
C TRP A 56 10.38 -2.73 5.59
N ARG A 57 11.13 -1.99 6.41
CA ARG A 57 12.33 -1.31 5.95
C ARG A 57 13.55 -2.20 6.16
N ARG A 58 14.62 -1.91 5.42
CA ARG A 58 15.84 -2.69 5.53
C ARG A 58 16.86 -2.01 6.44
N ALA A 59 16.36 -1.16 7.35
CA ALA A 59 17.22 -0.44 8.28
C ALA A 59 18.32 0.32 7.53
N GLY A 60 18.07 0.64 6.27
CA GLY A 60 19.05 1.36 5.48
C GLY A 60 18.48 1.83 4.15
N GLY A 61 17.18 2.12 4.13
CA GLY A 61 16.56 2.58 2.91
C GLY A 61 16.21 1.44 1.97
N ARG A 62 15.09 0.77 2.24
CA ARG A 62 14.64 -0.34 1.40
C ARG A 62 13.38 -0.98 1.98
N LEU A 63 12.28 -0.86 1.24
CA LEU A 63 11.00 -1.40 1.65
C LEU A 63 10.74 -2.76 1.01
N HIS A 64 10.08 -3.63 1.75
CA HIS A 64 9.75 -4.95 1.25
C HIS A 64 8.54 -5.51 1.98
N LEU A 65 7.38 -5.45 1.33
CA LEU A 65 6.15 -5.97 1.92
C LEU A 65 6.27 -7.47 2.12
N ASN A 66 7.06 -8.08 1.25
CA ASN A 66 7.30 -9.51 1.30
C ASN A 66 8.76 -9.81 0.94
N GLU A 67 9.17 -11.05 1.10
CA GLU A 67 10.54 -11.46 0.79
C GLU A 67 10.75 -11.56 -0.71
N ALA A 68 10.35 -10.52 -1.43
CA ALA A 68 10.49 -10.49 -2.88
C ALA A 68 10.34 -9.08 -3.45
N VAL A 69 9.56 -8.24 -2.78
CA VAL A 69 9.35 -6.86 -3.24
C VAL A 69 10.23 -5.87 -2.49
N SER A 70 11.54 -6.10 -2.51
CA SER A 70 12.48 -5.21 -1.83
C SER A 70 12.84 -4.02 -2.72
N PHE A 71 12.69 -2.82 -2.19
CA PHE A 71 13.00 -1.60 -2.95
C PHE A 71 13.34 -0.44 -2.03
N LEU A 72 14.48 0.18 -2.29
CA LEU A 72 15.00 1.32 -1.55
C LEU A 72 13.92 2.14 -0.84
N SER A 73 12.78 2.34 -1.50
CA SER A 73 11.69 3.11 -0.91
C SER A 73 10.33 2.63 -1.41
N LEU A 74 9.27 3.22 -0.86
CA LEU A 74 7.91 2.85 -1.25
C LEU A 74 7.73 2.99 -2.76
N PRO A 75 7.87 4.23 -3.29
CA PRO A 75 7.71 4.52 -4.71
C PRO A 75 8.25 3.42 -5.60
N GLU A 76 9.47 2.96 -5.30
CA GLU A 76 10.07 1.89 -6.08
C GLU A 76 9.46 0.56 -5.70
N LEU A 77 9.22 0.37 -4.41
CA LEU A 77 8.61 -0.84 -3.89
C LEU A 77 7.25 -1.07 -4.56
N VAL A 78 6.42 -0.04 -4.57
CA VAL A 78 5.11 -0.11 -5.18
C VAL A 78 5.24 -0.26 -6.70
N ASN A 79 6.32 0.31 -7.25
CA ASN A 79 6.58 0.24 -8.68
C ASN A 79 6.58 -1.21 -9.16
N TYR A 80 7.14 -2.09 -8.35
CA TYR A 80 7.20 -3.51 -8.67
C TYR A 80 5.85 -4.16 -8.40
N HIS A 81 5.12 -3.60 -7.44
CA HIS A 81 3.81 -4.10 -7.07
C HIS A 81 2.79 -3.86 -8.19
N ARG A 82 2.98 -2.76 -8.92
CA ARG A 82 2.07 -2.42 -10.02
C ARG A 82 2.31 -3.28 -11.23
N ALA A 83 3.56 -3.48 -11.55
CA ALA A 83 3.91 -4.30 -12.69
C ALA A 83 3.60 -5.75 -12.38
N GLN A 84 4.28 -6.28 -11.37
CA GLN A 84 4.09 -7.66 -10.94
C GLN A 84 3.16 -7.76 -9.74
N SER A 85 2.18 -8.67 -9.82
CA SER A 85 1.26 -8.92 -8.72
C SER A 85 1.77 -10.11 -7.90
N LEU A 86 3.11 -10.24 -7.87
CA LEU A 86 3.80 -11.33 -7.18
C LEU A 86 3.02 -11.90 -5.99
N SER A 87 2.62 -11.05 -5.06
CA SER A 87 1.87 -11.52 -3.89
C SER A 87 1.12 -10.37 -3.22
N HIS A 88 0.80 -9.34 -4.01
CA HIS A 88 0.07 -8.20 -3.49
C HIS A 88 -1.34 -8.17 -4.09
N GLY A 89 -2.33 -7.93 -3.23
CA GLY A 89 -3.71 -7.90 -3.67
C GLY A 89 -3.95 -6.98 -4.86
N LEU A 90 -3.72 -7.51 -6.05
CA LEU A 90 -3.92 -6.75 -7.29
C LEU A 90 -2.80 -5.75 -7.49
N ARG A 91 -2.32 -5.64 -8.72
CA ARG A 91 -1.24 -4.74 -9.05
C ARG A 91 -1.60 -3.29 -8.74
N LEU A 92 -0.74 -2.64 -7.98
CA LEU A 92 -0.94 -1.24 -7.58
C LEU A 92 -1.08 -0.34 -8.80
N ALA A 93 -2.32 -0.09 -9.17
CA ALA A 93 -2.63 0.74 -10.34
C ALA A 93 -2.72 2.23 -10.02
N ALA A 94 -3.87 2.68 -9.53
CA ALA A 94 -4.07 4.09 -9.20
C ALA A 94 -3.92 4.36 -7.71
N PRO A 95 -4.03 5.64 -7.30
CA PRO A 95 -3.90 6.04 -5.90
C PRO A 95 -5.23 6.03 -5.16
N CYS A 96 -5.16 5.92 -3.84
CA CYS A 96 -6.35 5.90 -3.01
C CYS A 96 -7.08 7.25 -3.09
N ARG A 97 -8.39 7.23 -2.85
CA ARG A 97 -9.19 8.44 -2.89
C ARG A 97 -10.06 8.58 -1.65
N LYS A 98 -10.27 9.83 -1.23
CA LYS A 98 -11.09 10.11 -0.05
C LYS A 98 -11.21 11.61 0.18
N HIS A 99 -12.24 12.02 0.92
CA HIS A 99 -12.46 13.43 1.22
C HIS A 99 -11.20 14.08 1.78
N GLU A 100 -10.96 15.32 1.39
CA GLU A 100 -9.79 16.06 1.85
C GLU A 100 -10.16 17.04 2.96
N SER A 1 0.52 7.44 -12.13
CA SER A 1 -0.31 7.26 -10.91
C SER A 1 0.56 7.16 -9.66
N GLU A 2 -0.07 6.88 -8.52
CA GLU A 2 0.65 6.76 -7.26
C GLU A 2 -0.28 6.24 -6.15
N PRO A 3 0.29 5.94 -4.98
CA PRO A 3 -0.46 5.42 -3.83
C PRO A 3 -1.08 6.52 -2.96
N TRP A 4 -0.28 7.57 -2.72
CA TRP A 4 -0.69 8.68 -1.88
C TRP A 4 -0.25 8.39 -0.45
N PHE A 5 0.99 8.75 -0.15
CA PHE A 5 1.56 8.52 1.17
C PHE A 5 0.79 9.24 2.26
N PHE A 6 0.24 8.47 3.18
CA PHE A 6 -0.52 9.01 4.31
C PHE A 6 -0.08 8.34 5.59
N GLY A 7 0.81 8.98 6.32
CA GLY A 7 1.31 8.42 7.56
C GLY A 7 0.44 8.74 8.74
N CYS A 8 -0.83 9.04 8.47
CA CYS A 8 -1.75 9.37 9.55
C CYS A 8 -3.07 8.64 9.41
N ILE A 9 -3.14 7.68 8.49
CA ILE A 9 -4.36 6.91 8.29
C ILE A 9 -4.27 5.55 8.98
N SER A 10 -5.31 5.21 9.73
CA SER A 10 -5.34 3.94 10.45
C SER A 10 -5.93 2.83 9.58
N ARG A 11 -5.79 1.60 10.03
CA ARG A 11 -6.31 0.45 9.28
C ARG A 11 -7.82 0.56 9.11
N SER A 12 -8.46 1.36 9.95
CA SER A 12 -9.90 1.56 9.89
C SER A 12 -10.30 2.39 8.68
N GLU A 13 -9.55 3.47 8.43
CA GLU A 13 -9.83 4.35 7.30
C GLU A 13 -9.47 3.68 5.98
N ALA A 14 -8.27 3.11 5.92
CA ALA A 14 -7.81 2.47 4.70
C ALA A 14 -8.80 1.39 4.24
N VAL A 15 -9.45 0.74 5.20
CA VAL A 15 -10.42 -0.29 4.87
C VAL A 15 -11.64 0.32 4.17
N ARG A 16 -12.17 1.40 4.72
CA ARG A 16 -13.32 2.07 4.13
C ARG A 16 -12.89 3.04 3.04
N ARG A 17 -11.61 3.36 3.02
CA ARG A 17 -11.04 4.27 2.04
C ARG A 17 -10.80 3.54 0.72
N LEU A 18 -10.13 2.40 0.79
CA LEU A 18 -9.85 1.59 -0.40
C LEU A 18 -11.15 1.07 -0.99
N GLN A 19 -12.06 0.73 -0.10
CA GLN A 19 -13.38 0.20 -0.49
C GLN A 19 -14.28 1.28 -1.06
N ALA A 20 -14.01 2.55 -0.72
CA ALA A 20 -14.82 3.67 -1.21
C ALA A 20 -15.12 3.52 -2.70
N GLU A 21 -16.05 4.32 -3.22
CA GLU A 21 -16.40 4.24 -4.64
C GLU A 21 -15.50 5.12 -5.50
N GLY A 22 -14.42 5.55 -4.89
CA GLY A 22 -13.44 6.36 -5.59
C GLY A 22 -12.29 5.51 -6.10
N ASN A 23 -12.28 4.24 -5.71
CA ASN A 23 -11.22 3.31 -6.10
C ASN A 23 -11.75 2.23 -7.01
N ALA A 24 -11.13 2.11 -8.18
CA ALA A 24 -11.51 1.09 -9.15
C ALA A 24 -10.46 -0.01 -9.20
N THR A 25 -10.33 -0.73 -8.10
CA THR A 25 -9.37 -1.81 -7.97
C THR A 25 -7.95 -1.34 -8.27
N GLY A 26 -7.01 -1.82 -7.46
CA GLY A 26 -5.63 -1.42 -7.62
C GLY A 26 -5.32 -0.19 -6.81
N ALA A 27 -6.37 0.58 -6.50
CA ALA A 27 -6.21 1.77 -5.70
C ALA A 27 -5.37 1.44 -4.47
N PHE A 28 -4.28 2.17 -4.26
CA PHE A 28 -3.41 1.87 -3.15
C PHE A 28 -3.05 3.15 -2.40
N LEU A 29 -2.47 2.97 -1.23
CA LEU A 29 -2.07 4.07 -0.36
C LEU A 29 -0.93 3.64 0.55
N ILE A 30 -0.03 4.54 0.85
CA ILE A 30 1.08 4.18 1.71
C ILE A 30 1.05 4.94 3.03
N ARG A 31 0.79 4.22 4.11
CA ARG A 31 0.71 4.82 5.43
C ARG A 31 1.81 4.29 6.34
N VAL A 32 1.85 4.80 7.56
CA VAL A 32 2.86 4.37 8.50
C VAL A 32 2.42 3.11 9.24
N SER A 33 3.37 2.48 9.93
CA SER A 33 3.12 1.26 10.67
C SER A 33 2.06 1.48 11.75
N GLU A 34 0.79 1.42 11.37
CA GLU A 34 -0.29 1.59 12.32
C GLU A 34 -0.29 0.45 13.33
N LYS A 35 0.41 -0.62 12.98
CA LYS A 35 0.54 -1.79 13.84
C LYS A 35 2.02 -2.17 13.99
N PRO A 36 2.71 -2.53 12.87
CA PRO A 36 4.13 -2.90 12.91
C PRO A 36 4.98 -1.83 13.59
N SER A 37 6.30 -2.00 13.58
CA SER A 37 7.21 -1.05 14.19
C SER A 37 8.22 -0.50 13.18
N ALA A 38 8.39 0.82 13.17
CA ALA A 38 9.31 1.47 12.25
C ALA A 38 9.16 0.92 10.84
N ASP A 39 7.97 1.06 10.29
CA ASP A 39 7.70 0.57 8.94
C ASP A 39 6.54 1.34 8.31
N TYR A 40 6.02 0.82 7.21
CA TYR A 40 4.91 1.43 6.50
C TYR A 40 3.98 0.34 6.04
N VAL A 41 2.70 0.64 6.00
CA VAL A 41 1.74 -0.36 5.59
C VAL A 41 1.00 0.10 4.36
N LEU A 42 0.88 -0.78 3.40
CA LEU A 42 0.22 -0.47 2.16
C LEU A 42 -1.11 -1.19 2.08
N SER A 43 -2.07 -0.56 1.45
CA SER A 43 -3.37 -1.18 1.29
C SER A 43 -3.99 -0.88 -0.04
N VAL A 44 -4.56 -1.91 -0.64
CA VAL A 44 -5.17 -1.77 -1.95
C VAL A 44 -6.56 -2.39 -2.01
N ARG A 45 -7.49 -1.67 -2.63
CA ARG A 45 -8.85 -2.16 -2.78
C ARG A 45 -8.82 -3.43 -3.60
N ASP A 46 -7.70 -3.65 -4.27
CA ASP A 46 -7.55 -4.83 -5.11
C ASP A 46 -8.78 -4.97 -6.01
N THR A 47 -9.03 -6.16 -6.51
CA THR A 47 -10.20 -6.38 -7.36
C THR A 47 -11.49 -6.40 -6.52
N GLN A 48 -11.34 -6.31 -5.20
CA GLN A 48 -12.48 -6.31 -4.29
C GLN A 48 -12.00 -6.37 -2.84
N ALA A 49 -12.72 -5.69 -1.95
CA ALA A 49 -12.35 -5.66 -0.54
C ALA A 49 -10.97 -5.05 -0.37
N VAL A 50 -10.65 -4.60 0.84
CA VAL A 50 -9.35 -4.00 1.10
C VAL A 50 -8.31 -5.03 1.48
N ARG A 51 -7.13 -4.88 0.90
CA ARG A 51 -6.01 -5.77 1.17
C ARG A 51 -4.84 -4.96 1.69
N HIS A 52 -4.54 -5.09 2.97
CA HIS A 52 -3.45 -4.34 3.58
C HIS A 52 -2.14 -5.11 3.51
N TYR A 53 -1.03 -4.41 3.73
CA TYR A 53 0.27 -5.05 3.67
C TYR A 53 1.31 -4.32 4.51
N LYS A 54 2.10 -5.08 5.25
CA LYS A 54 3.15 -4.53 6.09
C LYS A 54 4.41 -4.31 5.25
N ILE A 55 4.78 -3.06 5.05
CA ILE A 55 5.97 -2.71 4.30
C ILE A 55 7.14 -2.62 5.26
N TRP A 56 7.94 -3.68 5.31
CA TRP A 56 9.06 -3.76 6.24
C TRP A 56 10.31 -3.09 5.67
N ARG A 57 10.87 -2.18 6.46
CA ARG A 57 12.07 -1.46 6.09
C ARG A 57 13.32 -2.26 6.43
N ARG A 58 14.22 -2.39 5.47
CA ARG A 58 15.46 -3.14 5.67
C ARG A 58 16.31 -2.51 6.77
N ALA A 59 17.20 -1.62 6.37
CA ALA A 59 18.08 -0.94 7.32
C ALA A 59 17.96 0.57 7.18
N GLY A 60 16.77 1.04 6.81
CA GLY A 60 16.55 2.47 6.66
C GLY A 60 16.75 2.93 5.22
N GLY A 61 16.55 2.01 4.27
CA GLY A 61 16.72 2.36 2.88
C GLY A 61 16.27 1.24 1.95
N ARG A 62 15.16 0.59 2.31
CA ARG A 62 14.63 -0.51 1.49
C ARG A 62 13.35 -1.07 2.11
N LEU A 63 12.30 -1.14 1.31
CA LEU A 63 11.02 -1.66 1.75
C LEU A 63 10.71 -3.01 1.10
N HIS A 64 10.02 -3.86 1.82
CA HIS A 64 9.67 -5.18 1.31
C HIS A 64 8.42 -5.72 2.01
N LEU A 65 7.28 -5.60 1.35
CA LEU A 65 6.03 -6.09 1.92
C LEU A 65 6.18 -7.55 2.30
N ASN A 66 7.03 -8.24 1.55
CA ASN A 66 7.33 -9.65 1.76
C ASN A 66 8.81 -9.91 1.56
N GLU A 67 9.22 -11.16 1.77
CA GLU A 67 10.63 -11.53 1.61
C GLU A 67 11.00 -11.75 0.15
N ALA A 68 10.27 -11.11 -0.76
CA ALA A 68 10.54 -11.25 -2.19
C ALA A 68 10.25 -9.96 -2.96
N VAL A 69 9.95 -8.87 -2.26
CA VAL A 69 9.66 -7.60 -2.92
C VAL A 69 10.38 -6.43 -2.25
N SER A 70 11.71 -6.46 -2.27
CA SER A 70 12.51 -5.40 -1.66
C SER A 70 12.72 -4.23 -2.62
N PHE A 71 12.60 -3.01 -2.08
CA PHE A 71 12.78 -1.79 -2.87
C PHE A 71 13.18 -0.62 -1.98
N LEU A 72 14.35 -0.06 -2.29
CA LEU A 72 14.92 1.09 -1.57
C LEU A 72 13.88 1.91 -0.81
N SER A 73 12.73 2.15 -1.44
CA SER A 73 11.68 2.94 -0.82
C SER A 73 10.30 2.46 -1.28
N LEU A 74 9.26 3.11 -0.77
CA LEU A 74 7.91 2.75 -1.13
C LEU A 74 7.55 3.13 -2.56
N PRO A 75 7.71 4.41 -2.94
CA PRO A 75 7.42 4.86 -4.30
C PRO A 75 7.97 3.87 -5.32
N GLU A 76 9.18 3.38 -5.05
CA GLU A 76 9.81 2.41 -5.91
C GLU A 76 9.27 1.03 -5.60
N LEU A 77 8.95 0.78 -4.32
CA LEU A 77 8.38 -0.49 -3.93
C LEU A 77 7.09 -0.74 -4.69
N VAL A 78 6.18 0.23 -4.59
CA VAL A 78 4.91 0.16 -5.28
C VAL A 78 5.16 -0.15 -6.75
N ASN A 79 6.18 0.48 -7.32
CA ASN A 79 6.54 0.24 -8.72
C ASN A 79 6.69 -1.25 -8.97
N TYR A 80 7.13 -1.98 -7.95
CA TYR A 80 7.30 -3.43 -8.06
C TYR A 80 5.94 -4.12 -8.01
N HIS A 81 5.11 -3.69 -7.06
CA HIS A 81 3.79 -4.26 -6.89
C HIS A 81 2.90 -3.91 -8.08
N ARG A 82 3.15 -2.74 -8.68
CA ARG A 82 2.36 -2.30 -9.81
C ARG A 82 2.50 -3.25 -10.98
N ALA A 83 3.73 -3.54 -11.32
CA ALA A 83 4.00 -4.45 -12.41
C ALA A 83 3.58 -5.86 -12.01
N GLN A 84 4.24 -6.38 -10.99
CA GLN A 84 3.98 -7.71 -10.47
C GLN A 84 3.07 -7.68 -9.24
N SER A 85 2.08 -8.57 -9.21
CA SER A 85 1.19 -8.67 -8.05
C SER A 85 1.66 -9.77 -7.10
N LEU A 86 2.91 -10.21 -7.29
CA LEU A 86 3.49 -11.28 -6.47
C LEU A 86 3.11 -11.16 -4.99
N SER A 87 3.68 -10.16 -4.32
CA SER A 87 3.42 -9.95 -2.90
C SER A 87 2.36 -8.86 -2.69
N HIS A 88 1.39 -8.82 -3.59
CA HIS A 88 0.34 -7.82 -3.50
C HIS A 88 -0.93 -8.31 -4.20
N GLY A 89 -2.06 -8.26 -3.49
CA GLY A 89 -3.32 -8.71 -4.05
C GLY A 89 -3.50 -8.36 -5.51
N LEU A 90 -3.27 -7.09 -5.84
CA LEU A 90 -3.41 -6.63 -7.21
C LEU A 90 -2.22 -5.77 -7.63
N ARG A 91 -2.20 -5.36 -8.88
CA ARG A 91 -1.14 -4.53 -9.40
C ARG A 91 -1.44 -3.05 -9.16
N LEU A 92 -0.73 -2.45 -8.20
CA LEU A 92 -0.92 -1.04 -7.85
C LEU A 92 -1.02 -0.17 -9.08
N ALA A 93 -2.23 0.28 -9.36
CA ALA A 93 -2.51 1.10 -10.55
C ALA A 93 -2.85 2.56 -10.22
N ALA A 94 -4.01 2.78 -9.61
CA ALA A 94 -4.44 4.14 -9.29
C ALA A 94 -4.28 4.45 -7.81
N PRO A 95 -4.33 5.75 -7.44
CA PRO A 95 -4.19 6.20 -6.06
C PRO A 95 -5.49 6.13 -5.28
N CYS A 96 -5.38 6.01 -3.95
CA CYS A 96 -6.55 5.94 -3.09
C CYS A 96 -7.19 7.32 -2.95
N ARG A 97 -8.51 7.36 -2.91
CA ARG A 97 -9.24 8.62 -2.78
C ARG A 97 -10.40 8.48 -1.80
N LYS A 98 -10.83 9.61 -1.24
CA LYS A 98 -11.92 9.62 -0.28
C LYS A 98 -12.39 11.04 0.00
N HIS A 99 -11.47 11.90 0.44
CA HIS A 99 -11.79 13.28 0.74
C HIS A 99 -10.79 14.23 0.08
N GLU A 100 -10.26 13.81 -1.07
CA GLU A 100 -9.29 14.62 -1.80
C GLU A 100 -8.96 13.98 -3.14
N SER A 1 3.11 5.76 -11.26
CA SER A 1 2.80 5.34 -9.88
C SER A 1 2.12 6.46 -9.10
N GLU A 2 1.36 6.10 -8.07
CA GLU A 2 0.66 7.07 -7.25
C GLU A 2 -0.15 6.39 -6.15
N PRO A 3 0.50 6.10 -5.00
CA PRO A 3 -0.16 5.44 -3.87
C PRO A 3 -0.80 6.43 -2.91
N TRP A 4 -0.14 7.58 -2.73
CA TRP A 4 -0.62 8.61 -1.81
C TRP A 4 -0.31 8.18 -0.38
N PHE A 5 0.81 8.68 0.14
CA PHE A 5 1.24 8.34 1.48
C PHE A 5 0.32 8.94 2.54
N PHE A 6 -0.25 8.08 3.37
CA PHE A 6 -1.14 8.51 4.44
C PHE A 6 -0.68 7.93 5.76
N GLY A 7 0.27 8.60 6.40
CA GLY A 7 0.78 8.13 7.66
C GLY A 7 -0.15 8.41 8.82
N CYS A 8 -1.32 8.94 8.53
CA CYS A 8 -2.27 9.26 9.57
C CYS A 8 -3.61 8.53 9.37
N ILE A 9 -3.58 7.45 8.59
CA ILE A 9 -4.80 6.68 8.35
C ILE A 9 -4.72 5.33 9.03
N SER A 10 -5.69 5.05 9.90
CA SER A 10 -5.73 3.78 10.62
C SER A 10 -6.29 2.69 9.73
N ARG A 11 -6.15 1.44 10.16
CA ARG A 11 -6.66 0.31 9.39
C ARG A 11 -8.15 0.47 9.12
N SER A 12 -8.81 1.23 9.96
CA SER A 12 -10.24 1.48 9.82
C SER A 12 -10.53 2.36 8.61
N GLU A 13 -9.68 3.35 8.39
CA GLU A 13 -9.86 4.26 7.26
C GLU A 13 -9.51 3.59 5.94
N ALA A 14 -8.29 3.07 5.84
CA ALA A 14 -7.84 2.41 4.63
C ALA A 14 -8.86 1.38 4.17
N VAL A 15 -9.58 0.79 5.11
CA VAL A 15 -10.59 -0.21 4.77
C VAL A 15 -11.76 0.44 4.02
N ARG A 16 -12.31 1.50 4.59
CA ARG A 16 -13.43 2.20 3.97
C ARG A 16 -12.95 3.19 2.92
N ARG A 17 -11.67 3.53 2.98
CA ARG A 17 -11.07 4.47 2.04
C ARG A 17 -10.78 3.76 0.71
N LEU A 18 -10.11 2.62 0.79
CA LEU A 18 -9.79 1.84 -0.38
C LEU A 18 -11.05 1.39 -1.09
N GLN A 19 -12.01 0.97 -0.29
CA GLN A 19 -13.30 0.49 -0.79
C GLN A 19 -14.19 1.63 -1.30
N ALA A 20 -13.88 2.87 -0.89
CA ALA A 20 -14.66 4.03 -1.32
C ALA A 20 -14.94 3.99 -2.82
N GLU A 21 -15.84 4.85 -3.29
CA GLU A 21 -16.16 4.87 -4.72
C GLU A 21 -15.20 5.75 -5.51
N GLY A 22 -14.13 6.11 -4.86
CA GLY A 22 -13.09 6.90 -5.49
C GLY A 22 -11.96 6.03 -6.02
N ASN A 23 -12.02 4.74 -5.70
CA ASN A 23 -11.00 3.80 -6.11
C ASN A 23 -11.54 2.75 -7.06
N ALA A 24 -10.91 2.63 -8.21
CA ALA A 24 -11.31 1.65 -9.21
C ALA A 24 -10.32 0.50 -9.25
N THR A 25 -10.29 -0.24 -8.16
CA THR A 25 -9.41 -1.40 -8.03
C THR A 25 -7.94 -1.02 -8.22
N GLY A 26 -7.08 -1.63 -7.41
CA GLY A 26 -5.66 -1.33 -7.46
C GLY A 26 -5.31 -0.17 -6.59
N ALA A 27 -6.27 0.74 -6.39
CA ALA A 27 -6.07 1.92 -5.55
C ALA A 27 -5.27 1.53 -4.31
N PHE A 28 -4.07 2.10 -4.18
CA PHE A 28 -3.21 1.77 -3.06
C PHE A 28 -2.82 3.03 -2.31
N LEU A 29 -2.32 2.84 -1.10
CA LEU A 29 -1.91 3.94 -0.24
C LEU A 29 -0.89 3.48 0.79
N ILE A 30 0.10 4.30 1.04
CA ILE A 30 1.11 3.93 2.03
C ILE A 30 0.95 4.74 3.30
N ARG A 31 0.65 4.03 4.38
CA ARG A 31 0.46 4.64 5.67
C ARG A 31 1.58 4.24 6.62
N VAL A 32 1.52 4.71 7.85
CA VAL A 32 2.53 4.36 8.83
C VAL A 32 2.12 3.13 9.63
N SER A 33 3.01 2.15 9.66
CA SER A 33 2.77 0.91 10.38
C SER A 33 2.17 1.14 11.76
N GLU A 34 0.86 0.89 11.88
CA GLU A 34 0.18 1.06 13.15
C GLU A 34 0.70 0.05 14.17
N LYS A 35 1.35 -0.99 13.66
CA LYS A 35 1.91 -2.04 14.50
C LYS A 35 3.43 -2.10 14.35
N PRO A 36 3.95 -2.44 13.14
CA PRO A 36 5.39 -2.51 12.90
C PRO A 36 6.13 -1.29 13.44
N SER A 37 7.45 -1.39 13.52
CA SER A 37 8.27 -0.29 14.03
C SER A 37 8.17 0.94 13.12
N ALA A 38 9.29 1.42 12.60
CA ALA A 38 9.29 2.59 11.73
C ALA A 38 9.13 2.18 10.27
N ASP A 39 8.13 1.34 10.02
CA ASP A 39 7.86 0.86 8.67
C ASP A 39 6.63 1.54 8.08
N TYR A 40 6.11 0.99 6.99
CA TYR A 40 4.92 1.53 6.35
C TYR A 40 4.06 0.40 5.86
N VAL A 41 2.77 0.54 6.07
CA VAL A 41 1.85 -0.50 5.65
C VAL A 41 1.08 -0.04 4.43
N LEU A 42 0.99 -0.91 3.44
CA LEU A 42 0.32 -0.55 2.21
C LEU A 42 -0.99 -1.31 2.04
N SER A 43 -2.04 -0.59 1.74
CA SER A 43 -3.32 -1.20 1.51
C SER A 43 -3.80 -0.92 0.11
N VAL A 44 -4.73 -1.72 -0.33
CA VAL A 44 -5.23 -1.59 -1.68
C VAL A 44 -6.67 -2.04 -1.79
N ARG A 45 -7.45 -1.37 -2.64
CA ARG A 45 -8.83 -1.77 -2.85
C ARG A 45 -8.83 -3.05 -3.67
N ASP A 46 -7.64 -3.43 -4.14
CA ASP A 46 -7.48 -4.65 -4.95
C ASP A 46 -8.56 -4.71 -6.03
N THR A 47 -9.50 -5.63 -5.90
CA THR A 47 -10.58 -5.77 -6.87
C THR A 47 -11.93 -5.47 -6.24
N GLN A 48 -11.95 -5.33 -4.92
CA GLN A 48 -13.18 -5.04 -4.20
C GLN A 48 -12.88 -4.63 -2.76
N ALA A 49 -12.77 -5.61 -1.89
CA ALA A 49 -12.46 -5.36 -0.49
C ALA A 49 -11.10 -4.68 -0.36
N VAL A 50 -10.61 -4.57 0.87
CA VAL A 50 -9.31 -3.94 1.10
C VAL A 50 -8.27 -4.95 1.57
N ARG A 51 -7.11 -4.90 0.96
CA ARG A 51 -6.00 -5.78 1.32
C ARG A 51 -4.83 -4.97 1.85
N HIS A 52 -4.66 -4.97 3.16
CA HIS A 52 -3.59 -4.22 3.79
C HIS A 52 -2.29 -5.01 3.79
N TYR A 53 -1.17 -4.31 3.86
CA TYR A 53 0.12 -4.95 3.83
C TYR A 53 1.15 -4.23 4.69
N LYS A 54 2.18 -4.96 5.10
CA LYS A 54 3.25 -4.40 5.92
C LYS A 54 4.50 -4.23 5.07
N ILE A 55 4.95 -2.98 4.92
CA ILE A 55 6.12 -2.67 4.13
C ILE A 55 7.28 -2.37 5.08
N TRP A 56 8.12 -3.37 5.33
CA TRP A 56 9.25 -3.23 6.23
C TRP A 56 10.47 -2.63 5.54
N ARG A 57 11.17 -1.75 6.25
CA ARG A 57 12.36 -1.11 5.72
C ARG A 57 13.61 -1.94 6.03
N ARG A 58 14.64 -1.77 5.20
CA ARG A 58 15.88 -2.51 5.39
C ARG A 58 16.88 -1.73 6.25
N ALA A 59 16.37 -1.00 7.24
CA ALA A 59 17.21 -0.21 8.13
C ALA A 59 18.25 0.61 7.34
N GLY A 60 17.77 1.50 6.49
CA GLY A 60 18.66 2.33 5.70
C GLY A 60 17.99 2.87 4.45
N GLY A 61 17.35 1.98 3.70
CA GLY A 61 16.68 2.40 2.49
C GLY A 61 16.33 1.23 1.59
N ARG A 62 15.23 0.55 1.90
CA ARG A 62 14.77 -0.58 1.12
C ARG A 62 13.53 -1.20 1.72
N LEU A 63 12.40 -1.00 1.05
CA LEU A 63 11.12 -1.54 1.51
C LEU A 63 10.89 -2.93 0.96
N HIS A 64 10.24 -3.75 1.75
CA HIS A 64 9.94 -5.12 1.35
C HIS A 64 8.73 -5.63 2.11
N LEU A 65 7.58 -5.68 1.43
CA LEU A 65 6.35 -6.14 2.05
C LEU A 65 6.45 -7.62 2.41
N ASN A 66 7.34 -8.31 1.72
CA ASN A 66 7.56 -9.74 1.96
C ASN A 66 9.00 -10.12 1.65
N GLU A 67 9.31 -11.41 1.80
CA GLU A 67 10.66 -11.90 1.54
C GLU A 67 10.91 -12.10 0.05
N ALA A 68 9.90 -11.81 -0.78
CA ALA A 68 10.02 -11.97 -2.22
C ALA A 68 10.02 -10.61 -2.94
N VAL A 69 9.90 -9.53 -2.17
CA VAL A 69 9.87 -8.18 -2.75
C VAL A 69 10.80 -7.25 -1.98
N SER A 70 11.56 -6.42 -2.70
CA SER A 70 12.47 -5.48 -2.08
C SER A 70 12.74 -4.29 -2.99
N PHE A 71 12.60 -3.09 -2.43
CA PHE A 71 12.84 -1.86 -3.21
C PHE A 71 13.23 -0.70 -2.31
N LEU A 72 14.39 -0.13 -2.62
CA LEU A 72 14.97 1.01 -1.90
C LEU A 72 13.95 1.84 -1.12
N SER A 73 12.81 2.15 -1.75
CA SER A 73 11.79 2.95 -1.08
C SER A 73 10.38 2.53 -1.51
N LEU A 74 9.40 3.32 -1.08
CA LEU A 74 8.00 3.05 -1.39
C LEU A 74 7.70 3.27 -2.87
N PRO A 75 7.87 4.51 -3.37
CA PRO A 75 7.61 4.84 -4.77
C PRO A 75 8.15 3.75 -5.70
N GLU A 76 9.27 3.18 -5.32
CA GLU A 76 9.88 2.11 -6.09
C GLU A 76 9.32 0.77 -5.64
N LEU A 77 9.01 0.66 -4.34
CA LEU A 77 8.45 -0.57 -3.80
C LEU A 77 7.10 -0.84 -4.44
N VAL A 78 6.28 0.20 -4.58
CA VAL A 78 4.97 0.07 -5.18
C VAL A 78 5.11 -0.16 -6.69
N ASN A 79 6.12 0.46 -7.29
CA ASN A 79 6.37 0.31 -8.72
C ASN A 79 6.47 -1.17 -9.08
N TYR A 80 7.18 -1.92 -8.26
CA TYR A 80 7.33 -3.35 -8.48
C TYR A 80 6.01 -4.06 -8.24
N HIS A 81 5.23 -3.54 -7.30
CA HIS A 81 3.94 -4.11 -6.96
C HIS A 81 2.97 -3.94 -8.12
N ARG A 82 2.97 -2.76 -8.73
CA ARG A 82 2.08 -2.49 -9.84
C ARG A 82 2.33 -3.44 -10.99
N ALA A 83 3.58 -3.73 -11.21
CA ALA A 83 3.97 -4.65 -12.26
C ALA A 83 3.61 -6.07 -11.83
N GLN A 84 4.29 -6.53 -10.80
CA GLN A 84 4.08 -7.86 -10.26
C GLN A 84 3.17 -7.83 -9.02
N SER A 85 2.20 -8.74 -8.97
CA SER A 85 1.31 -8.83 -7.81
C SER A 85 1.82 -9.88 -6.84
N LEU A 86 3.14 -9.90 -6.65
CA LEU A 86 3.79 -10.87 -5.77
C LEU A 86 3.15 -10.89 -4.37
N SER A 87 3.38 -9.85 -3.60
CA SER A 87 2.84 -9.78 -2.24
C SER A 87 1.81 -8.68 -2.08
N HIS A 88 1.12 -8.34 -3.16
CA HIS A 88 0.10 -7.30 -3.11
C HIS A 88 -1.29 -7.91 -3.24
N GLY A 89 -1.79 -8.02 -4.45
CA GLY A 89 -3.10 -8.59 -4.67
C GLY A 89 -3.68 -8.31 -6.05
N LEU A 90 -3.54 -7.08 -6.51
CA LEU A 90 -4.08 -6.70 -7.82
C LEU A 90 -3.19 -5.67 -8.53
N ARG A 91 -1.90 -5.69 -8.23
CA ARG A 91 -0.97 -4.76 -8.86
C ARG A 91 -1.40 -3.31 -8.65
N LEU A 92 -0.70 -2.62 -7.74
CA LEU A 92 -1.01 -1.21 -7.43
C LEU A 92 -1.26 -0.41 -8.71
N ALA A 93 -2.52 -0.06 -8.95
CA ALA A 93 -2.89 0.69 -10.16
C ALA A 93 -3.06 2.18 -9.89
N ALA A 94 -4.20 2.56 -9.33
CA ALA A 94 -4.48 3.98 -9.04
C ALA A 94 -4.22 4.30 -7.57
N PRO A 95 -4.42 5.57 -7.16
CA PRO A 95 -4.21 6.02 -5.79
C PRO A 95 -5.46 5.89 -4.92
N CYS A 96 -5.27 5.91 -3.60
CA CYS A 96 -6.39 5.82 -2.68
C CYS A 96 -7.10 7.17 -2.57
N ARG A 97 -8.43 7.12 -2.38
CA ARG A 97 -9.22 8.34 -2.27
C ARG A 97 -10.50 8.10 -1.49
N LYS A 98 -11.41 9.07 -1.53
CA LYS A 98 -12.68 8.96 -0.83
C LYS A 98 -13.64 10.06 -1.27
N HIS A 99 -13.19 11.31 -1.17
CA HIS A 99 -14.00 12.46 -1.55
C HIS A 99 -15.26 12.54 -0.70
N GLU A 100 -15.87 13.72 -0.66
CA GLU A 100 -17.08 13.94 0.12
C GLU A 100 -18.06 14.84 -0.62
N SER A 1 2.52 10.65 -7.03
CA SER A 1 1.89 9.97 -5.87
C SER A 1 0.83 8.97 -6.32
N GLU A 2 1.29 7.83 -6.83
CA GLU A 2 0.40 6.78 -7.30
C GLU A 2 -0.38 6.15 -6.13
N PRO A 3 0.32 5.81 -5.03
CA PRO A 3 -0.32 5.20 -3.85
C PRO A 3 -0.91 6.24 -2.91
N TRP A 4 -0.22 7.37 -2.79
CA TRP A 4 -0.63 8.44 -1.89
C TRP A 4 -0.26 8.05 -0.46
N PHE A 5 0.95 8.44 -0.05
CA PHE A 5 1.44 8.12 1.28
C PHE A 5 0.68 8.88 2.36
N PHE A 6 0.10 8.14 3.28
CA PHE A 6 -0.65 8.74 4.39
C PHE A 6 -0.21 8.08 5.70
N GLY A 7 0.73 8.72 6.38
CA GLY A 7 1.22 8.19 7.64
C GLY A 7 0.31 8.51 8.81
N CYS A 8 -0.91 8.94 8.53
CA CYS A 8 -1.84 9.27 9.58
C CYS A 8 -3.14 8.46 9.49
N ILE A 9 -3.32 7.72 8.40
CA ILE A 9 -4.52 6.92 8.22
C ILE A 9 -4.42 5.61 8.99
N SER A 10 -5.48 5.27 9.70
CA SER A 10 -5.53 4.04 10.47
C SER A 10 -6.21 2.93 9.67
N ARG A 11 -6.14 1.71 10.18
CA ARG A 11 -6.75 0.58 9.49
C ARG A 11 -8.23 0.82 9.24
N SER A 12 -8.82 1.69 10.04
CA SER A 12 -10.23 2.03 9.91
C SER A 12 -10.49 2.83 8.64
N GLU A 13 -9.61 3.78 8.35
CA GLU A 13 -9.77 4.62 7.16
C GLU A 13 -9.35 3.89 5.90
N ALA A 14 -8.15 3.32 5.91
CA ALA A 14 -7.63 2.61 4.75
C ALA A 14 -8.56 1.46 4.33
N VAL A 15 -9.38 0.99 5.25
CA VAL A 15 -10.31 -0.09 4.96
C VAL A 15 -11.54 0.44 4.21
N ARG A 16 -12.09 1.53 4.73
CA ARG A 16 -13.26 2.16 4.11
C ARG A 16 -12.86 3.11 3.01
N ARG A 17 -11.58 3.47 2.99
CA ARG A 17 -11.03 4.37 1.99
C ARG A 17 -10.80 3.63 0.67
N LEU A 18 -10.21 2.45 0.77
CA LEU A 18 -9.94 1.63 -0.40
C LEU A 18 -11.24 1.08 -0.96
N GLN A 19 -12.12 0.71 -0.06
CA GLN A 19 -13.42 0.16 -0.42
C GLN A 19 -14.35 1.24 -1.00
N ALA A 20 -14.05 2.50 -0.72
CA ALA A 20 -14.85 3.61 -1.22
C ALA A 20 -15.13 3.46 -2.72
N GLU A 21 -16.01 4.29 -3.25
CA GLU A 21 -16.34 4.21 -4.68
C GLU A 21 -15.43 5.10 -5.51
N GLY A 22 -14.35 5.52 -4.90
CA GLY A 22 -13.36 6.34 -5.57
C GLY A 22 -12.21 5.51 -6.10
N ASN A 23 -12.19 4.23 -5.69
CA ASN A 23 -11.14 3.30 -6.08
C ASN A 23 -11.65 2.29 -7.09
N ALA A 24 -10.99 2.25 -8.25
CA ALA A 24 -11.36 1.32 -9.30
C ALA A 24 -10.37 0.17 -9.36
N THR A 25 -10.34 -0.61 -8.29
CA THR A 25 -9.43 -1.75 -8.18
C THR A 25 -7.98 -1.34 -8.38
N GLY A 26 -7.11 -1.90 -7.53
CA GLY A 26 -5.70 -1.57 -7.60
C GLY A 26 -5.38 -0.37 -6.75
N ALA A 27 -6.39 0.48 -6.51
CA ALA A 27 -6.21 1.67 -5.69
C ALA A 27 -5.43 1.30 -4.43
N PHE A 28 -4.29 1.96 -4.21
CA PHE A 28 -3.46 1.63 -3.08
C PHE A 28 -3.08 2.88 -2.31
N LEU A 29 -2.56 2.68 -1.12
CA LEU A 29 -2.15 3.77 -0.25
C LEU A 29 -1.10 3.28 0.73
N ILE A 30 -0.16 4.14 1.08
CA ILE A 30 0.87 3.73 2.01
C ILE A 30 0.89 4.60 3.26
N ARG A 31 0.58 3.97 4.37
CA ARG A 31 0.55 4.65 5.66
C ARG A 31 1.70 4.18 6.52
N VAL A 32 1.74 4.66 7.76
CA VAL A 32 2.80 4.28 8.67
C VAL A 32 2.44 2.99 9.41
N SER A 33 3.43 2.42 10.07
CA SER A 33 3.24 1.19 10.80
C SER A 33 2.23 1.35 11.94
N GLU A 34 0.94 1.33 11.59
CA GLU A 34 -0.11 1.46 12.59
C GLU A 34 -0.02 0.30 13.59
N LYS A 35 0.61 -0.77 13.14
CA LYS A 35 0.81 -1.96 13.96
C LYS A 35 2.31 -2.24 14.10
N PRO A 36 3.01 -2.56 12.99
CA PRO A 36 4.45 -2.84 13.00
C PRO A 36 5.24 -1.72 13.68
N SER A 37 6.57 -1.80 13.60
CA SER A 37 7.42 -0.80 14.22
C SER A 37 8.43 -0.24 13.23
N ALA A 38 8.41 1.07 13.04
CA ALA A 38 9.32 1.74 12.11
C ALA A 38 9.20 1.14 10.71
N ASP A 39 8.00 1.20 10.15
CA ASP A 39 7.75 0.65 8.82
C ASP A 39 6.58 1.39 8.14
N TYR A 40 6.08 0.81 7.06
CA TYR A 40 4.95 1.39 6.35
C TYR A 40 4.02 0.28 5.93
N VAL A 41 2.74 0.53 6.03
CA VAL A 41 1.77 -0.47 5.65
C VAL A 41 0.97 0.01 4.46
N LEU A 42 0.88 -0.85 3.45
CA LEU A 42 0.18 -0.48 2.24
C LEU A 42 -1.06 -1.32 2.05
N SER A 43 -2.15 -0.67 1.68
CA SER A 43 -3.40 -1.37 1.42
C SER A 43 -3.89 -1.09 0.03
N VAL A 44 -4.84 -1.90 -0.40
CA VAL A 44 -5.37 -1.75 -1.74
C VAL A 44 -6.78 -2.30 -1.87
N ARG A 45 -7.58 -1.63 -2.70
CA ARG A 45 -8.94 -2.07 -2.96
C ARG A 45 -8.88 -3.33 -3.80
N ASP A 46 -7.67 -3.66 -4.27
CA ASP A 46 -7.45 -4.84 -5.10
C ASP A 46 -8.53 -4.95 -6.19
N THR A 47 -9.39 -5.95 -6.08
CA THR A 47 -10.46 -6.13 -7.05
C THR A 47 -11.84 -5.87 -6.43
N GLN A 48 -11.87 -5.70 -5.12
CA GLN A 48 -13.10 -5.44 -4.40
C GLN A 48 -12.82 -4.93 -2.99
N ALA A 49 -12.83 -5.84 -2.02
CA ALA A 49 -12.55 -5.49 -0.64
C ALA A 49 -11.17 -4.86 -0.51
N VAL A 50 -10.72 -4.69 0.73
CA VAL A 50 -9.41 -4.10 0.97
C VAL A 50 -8.41 -5.14 1.45
N ARG A 51 -7.16 -4.95 1.05
CA ARG A 51 -6.08 -5.84 1.43
C ARG A 51 -4.89 -5.01 1.91
N HIS A 52 -4.65 -5.02 3.21
CA HIS A 52 -3.55 -4.26 3.78
C HIS A 52 -2.26 -5.05 3.69
N TYR A 53 -1.12 -4.37 3.85
CA TYR A 53 0.15 -5.03 3.75
C TYR A 53 1.24 -4.34 4.56
N LYS A 54 2.02 -5.13 5.27
CA LYS A 54 3.11 -4.62 6.07
C LYS A 54 4.35 -4.44 5.20
N ILE A 55 4.79 -3.19 5.08
CA ILE A 55 5.97 -2.88 4.28
C ILE A 55 7.12 -2.57 5.24
N TRP A 56 7.97 -3.57 5.43
CA TRP A 56 9.09 -3.47 6.36
C TRP A 56 10.31 -2.80 5.73
N ARG A 57 10.85 -1.82 6.43
CA ARG A 57 12.03 -1.10 5.98
C ARG A 57 13.29 -1.85 6.39
N ARG A 58 14.19 -2.04 5.43
CA ARG A 58 15.43 -2.75 5.68
C ARG A 58 16.32 -2.02 6.68
N ALA A 59 17.19 -1.16 6.18
CA ALA A 59 18.09 -0.39 7.00
C ALA A 59 18.80 0.68 6.18
N GLY A 60 18.25 1.89 6.21
CA GLY A 60 18.84 2.98 5.46
C GLY A 60 17.95 3.42 4.31
N GLY A 61 17.16 2.49 3.79
CA GLY A 61 16.27 2.80 2.70
C GLY A 61 15.96 1.61 1.82
N ARG A 62 14.94 0.84 2.20
CA ARG A 62 14.54 -0.34 1.43
C ARG A 62 13.29 -0.97 2.03
N LEU A 63 12.22 -1.03 1.24
CA LEU A 63 10.96 -1.60 1.68
C LEU A 63 10.77 -3.00 1.14
N HIS A 64 10.13 -3.85 1.93
CA HIS A 64 9.89 -5.22 1.51
C HIS A 64 8.69 -5.78 2.26
N LEU A 65 7.54 -5.83 1.59
CA LEU A 65 6.34 -6.34 2.21
C LEU A 65 6.45 -7.84 2.45
N ASN A 66 7.19 -8.50 1.56
CA ASN A 66 7.41 -9.93 1.66
C ASN A 66 8.90 -10.25 1.68
N GLU A 67 9.24 -11.50 1.99
CA GLU A 67 10.62 -11.93 2.04
C GLU A 67 11.22 -12.11 0.65
N ALA A 68 10.36 -12.03 -0.38
CA ALA A 68 10.81 -12.19 -1.75
C ALA A 68 10.57 -10.93 -2.58
N VAL A 69 10.46 -9.79 -1.90
CA VAL A 69 10.20 -8.52 -2.57
C VAL A 69 10.76 -7.35 -1.77
N SER A 70 11.66 -6.57 -2.37
CA SER A 70 12.24 -5.43 -1.68
C SER A 70 12.58 -4.30 -2.65
N PHE A 71 12.47 -3.07 -2.17
CA PHE A 71 12.78 -1.89 -2.98
C PHE A 71 13.15 -0.70 -2.10
N LEU A 72 14.32 -0.14 -2.40
CA LEU A 72 14.90 1.00 -1.70
C LEU A 72 13.86 1.90 -1.03
N SER A 73 12.71 2.10 -1.67
CA SER A 73 11.67 2.96 -1.11
C SER A 73 10.28 2.53 -1.57
N LEU A 74 9.28 3.29 -1.14
CA LEU A 74 7.89 3.01 -1.48
C LEU A 74 7.60 3.29 -2.95
N PRO A 75 7.76 4.56 -3.39
CA PRO A 75 7.51 4.95 -4.79
C PRO A 75 8.12 3.94 -5.74
N GLU A 76 9.32 3.49 -5.42
CA GLU A 76 10.00 2.51 -6.24
C GLU A 76 9.45 1.13 -5.93
N LEU A 77 9.06 0.90 -4.67
CA LEU A 77 8.50 -0.38 -4.30
C LEU A 77 7.20 -0.60 -5.06
N VAL A 78 6.25 0.32 -4.86
CA VAL A 78 4.98 0.24 -5.56
C VAL A 78 5.23 0.09 -7.05
N ASN A 79 6.35 0.62 -7.51
CA ASN A 79 6.71 0.51 -8.92
C ASN A 79 6.74 -0.96 -9.33
N TYR A 80 7.30 -1.80 -8.45
CA TYR A 80 7.35 -3.23 -8.74
C TYR A 80 6.05 -3.90 -8.33
N HIS A 81 5.40 -3.33 -7.31
CA HIS A 81 4.13 -3.85 -6.83
C HIS A 81 3.03 -3.57 -7.85
N ARG A 82 3.21 -2.51 -8.63
CA ARG A 82 2.23 -2.13 -9.65
C ARG A 82 2.35 -3.05 -10.85
N ALA A 83 3.57 -3.33 -11.23
CA ALA A 83 3.82 -4.20 -12.35
C ALA A 83 3.47 -5.63 -11.97
N GLN A 84 4.20 -6.15 -11.00
CA GLN A 84 3.99 -7.51 -10.51
C GLN A 84 3.14 -7.54 -9.24
N SER A 85 2.18 -8.46 -9.20
CA SER A 85 1.31 -8.62 -8.03
C SER A 85 1.86 -9.73 -7.13
N LEU A 86 3.15 -10.01 -7.25
CA LEU A 86 3.80 -11.05 -6.46
C LEU A 86 3.37 -11.03 -5.00
N SER A 87 3.83 -10.01 -4.27
CA SER A 87 3.50 -9.88 -2.87
C SER A 87 2.43 -8.82 -2.63
N HIS A 88 1.41 -8.80 -3.49
CA HIS A 88 0.34 -7.83 -3.37
C HIS A 88 -0.92 -8.33 -4.07
N GLY A 89 -2.05 -8.22 -3.39
CA GLY A 89 -3.33 -8.68 -3.94
C GLY A 89 -3.57 -8.27 -5.38
N LEU A 90 -3.26 -7.01 -5.71
CA LEU A 90 -3.49 -6.52 -7.06
C LEU A 90 -2.41 -5.53 -7.49
N ARG A 91 -2.15 -5.47 -8.79
CA ARG A 91 -1.16 -4.56 -9.34
C ARG A 91 -1.51 -3.12 -9.02
N LEU A 92 -0.77 -2.51 -8.09
CA LEU A 92 -1.01 -1.12 -7.70
C LEU A 92 -1.17 -0.23 -8.92
N ALA A 93 -2.43 0.01 -9.26
CA ALA A 93 -2.77 0.82 -10.43
C ALA A 93 -2.85 2.32 -10.11
N ALA A 94 -3.99 2.75 -9.58
CA ALA A 94 -4.20 4.16 -9.25
C ALA A 94 -4.19 4.40 -7.75
N PRO A 95 -4.38 5.67 -7.31
CA PRO A 95 -4.40 6.02 -5.91
C PRO A 95 -5.77 5.84 -5.27
N CYS A 96 -5.80 5.74 -3.94
CA CYS A 96 -7.05 5.57 -3.21
C CYS A 96 -7.90 6.84 -3.28
N ARG A 97 -9.09 6.78 -2.70
CA ARG A 97 -9.99 7.92 -2.69
C ARG A 97 -11.11 7.73 -1.66
N LYS A 98 -11.67 8.84 -1.19
CA LYS A 98 -12.74 8.78 -0.20
C LYS A 98 -13.78 9.87 -0.47
N HIS A 99 -13.38 11.12 -0.28
CA HIS A 99 -14.27 12.26 -0.50
C HIS A 99 -13.49 13.53 -0.75
N GLU A 100 -13.20 13.80 -2.01
CA GLU A 100 -12.45 15.01 -2.39
C GLU A 100 -12.51 15.25 -3.89
N SER A 1 -1.53 10.58 -8.44
CA SER A 1 -0.35 10.02 -9.13
C SER A 1 0.21 8.83 -8.39
N GLU A 2 0.50 9.01 -7.10
CA GLU A 2 1.05 7.96 -6.27
C GLU A 2 0.03 7.50 -5.23
N PRO A 3 0.28 6.34 -4.58
CA PRO A 3 -0.62 5.80 -3.55
C PRO A 3 -0.99 6.84 -2.49
N TRP A 4 -0.14 7.85 -2.35
CA TRP A 4 -0.36 8.91 -1.37
C TRP A 4 -0.02 8.41 0.02
N PHE A 5 1.12 8.83 0.54
CA PHE A 5 1.55 8.41 1.87
C PHE A 5 0.68 9.04 2.95
N PHE A 6 -0.05 8.20 3.66
CA PHE A 6 -0.92 8.64 4.74
C PHE A 6 -0.58 7.88 6.01
N GLY A 7 0.36 8.41 6.78
CA GLY A 7 0.78 7.77 8.01
C GLY A 7 -0.17 8.03 9.16
N CYS A 8 -1.33 8.59 8.86
CA CYS A 8 -2.30 8.87 9.90
C CYS A 8 -3.65 8.20 9.64
N ILE A 9 -3.76 7.53 8.49
CA ILE A 9 -5.00 6.84 8.14
C ILE A 9 -5.14 5.54 8.92
N SER A 10 -6.02 5.54 9.92
CA SER A 10 -6.25 4.35 10.73
C SER A 10 -6.68 3.18 9.85
N ARG A 11 -6.50 1.96 10.36
CA ARG A 11 -6.88 0.77 9.60
C ARG A 11 -8.33 0.83 9.15
N SER A 12 -9.12 1.59 9.88
CA SER A 12 -10.53 1.75 9.58
C SER A 12 -10.73 2.64 8.34
N GLU A 13 -9.77 3.53 8.11
CA GLU A 13 -9.85 4.43 6.96
C GLU A 13 -9.41 3.75 5.68
N ALA A 14 -8.23 3.15 5.70
CA ALA A 14 -7.71 2.47 4.52
C ALA A 14 -8.68 1.43 4.00
N VAL A 15 -9.40 0.80 4.91
CA VAL A 15 -10.37 -0.22 4.52
C VAL A 15 -11.55 0.40 3.77
N ARG A 16 -12.15 1.43 4.37
CA ARG A 16 -13.28 2.12 3.74
C ARG A 16 -12.82 3.13 2.71
N ARG A 17 -11.53 3.45 2.73
CA ARG A 17 -10.95 4.40 1.79
C ARG A 17 -10.72 3.73 0.45
N LEU A 18 -10.08 2.57 0.48
CA LEU A 18 -9.80 1.81 -0.73
C LEU A 18 -11.09 1.25 -1.32
N GLN A 19 -12.06 1.00 -0.46
CA GLN A 19 -13.35 0.48 -0.87
C GLN A 19 -14.25 1.57 -1.43
N ALA A 20 -13.96 2.82 -1.08
CA ALA A 20 -14.75 3.95 -1.56
C ALA A 20 -15.00 3.85 -3.07
N GLU A 21 -15.86 4.72 -3.60
CA GLU A 21 -16.14 4.68 -5.03
C GLU A 21 -15.16 5.51 -5.83
N GLY A 22 -14.11 5.92 -5.16
CA GLY A 22 -13.06 6.68 -5.78
C GLY A 22 -11.89 5.79 -6.21
N ASN A 23 -11.97 4.52 -5.82
CA ASN A 23 -10.93 3.55 -6.12
C ASN A 23 -11.39 2.52 -7.15
N ALA A 24 -10.65 2.42 -8.24
CA ALA A 24 -10.98 1.48 -9.30
C ALA A 24 -9.98 0.33 -9.33
N THR A 25 -9.94 -0.40 -8.23
CA THR A 25 -9.03 -1.54 -8.08
C THR A 25 -7.58 -1.12 -8.25
N GLY A 26 -6.71 -1.68 -7.43
CA GLY A 26 -5.30 -1.32 -7.48
C GLY A 26 -5.01 -0.07 -6.70
N ALA A 27 -6.06 0.70 -6.40
CA ALA A 27 -5.92 1.92 -5.63
C ALA A 27 -5.11 1.60 -4.39
N PHE A 28 -3.96 2.23 -4.24
CA PHE A 28 -3.08 1.95 -3.12
C PHE A 28 -2.82 3.18 -2.28
N LEU A 29 -2.33 2.94 -1.08
CA LEU A 29 -2.01 4.00 -0.14
C LEU A 29 -0.96 3.52 0.85
N ILE A 30 0.00 4.38 1.14
CA ILE A 30 1.06 4.03 2.07
C ILE A 30 0.86 4.73 3.39
N ARG A 31 0.70 3.95 4.45
CA ARG A 31 0.48 4.51 5.77
C ARG A 31 1.61 4.13 6.73
N VAL A 32 1.41 4.39 8.01
CA VAL A 32 2.41 4.06 9.02
C VAL A 32 2.13 2.70 9.64
N SER A 33 3.19 2.03 10.08
CA SER A 33 3.06 0.72 10.70
C SER A 33 2.42 0.83 12.07
N GLU A 34 1.09 0.84 12.10
CA GLU A 34 0.36 0.92 13.36
C GLU A 34 0.61 -0.32 14.22
N LYS A 35 1.11 -1.37 13.57
CA LYS A 35 1.42 -2.62 14.26
C LYS A 35 2.94 -2.86 14.28
N PRO A 36 3.59 -2.89 13.10
CA PRO A 36 5.03 -3.11 13.01
C PRO A 36 5.84 -2.07 13.80
N SER A 37 7.16 -2.16 13.69
CA SER A 37 8.04 -1.23 14.39
C SER A 37 8.96 -0.51 13.41
N ALA A 38 8.80 0.81 13.30
CA ALA A 38 9.63 1.60 12.40
C ALA A 38 9.50 1.11 10.96
N ASP A 39 8.27 1.02 10.48
CA ASP A 39 8.00 0.56 9.12
C ASP A 39 6.82 1.31 8.51
N TYR A 40 6.30 0.78 7.41
CA TYR A 40 5.17 1.38 6.72
C TYR A 40 4.28 0.28 6.20
N VAL A 41 2.99 0.50 6.20
CA VAL A 41 2.07 -0.51 5.72
C VAL A 41 1.31 -0.01 4.52
N LEU A 42 1.18 -0.86 3.51
CA LEU A 42 0.50 -0.50 2.30
C LEU A 42 -0.81 -1.22 2.18
N SER A 43 -1.76 -0.56 1.56
CA SER A 43 -3.05 -1.16 1.38
C SER A 43 -3.59 -0.88 0.00
N VAL A 44 -4.51 -1.72 -0.44
CA VAL A 44 -5.08 -1.56 -1.77
C VAL A 44 -6.47 -2.18 -1.87
N ARG A 45 -7.34 -1.52 -2.62
CA ARG A 45 -8.69 -2.03 -2.84
C ARG A 45 -8.61 -3.36 -3.56
N ASP A 46 -7.43 -3.63 -4.12
CA ASP A 46 -7.19 -4.87 -4.85
C ASP A 46 -8.14 -4.98 -6.06
N THR A 47 -9.27 -5.65 -5.85
CA THR A 47 -10.25 -5.84 -6.92
C THR A 47 -11.68 -5.54 -6.44
N GLN A 48 -11.82 -5.28 -5.14
CA GLN A 48 -13.14 -4.98 -4.56
C GLN A 48 -13.04 -4.86 -3.05
N ALA A 49 -12.18 -5.69 -2.48
CA ALA A 49 -11.96 -5.70 -1.04
C ALA A 49 -10.57 -5.19 -0.72
N VAL A 50 -10.44 -4.49 0.41
CA VAL A 50 -9.14 -3.94 0.81
C VAL A 50 -8.19 -5.04 1.23
N ARG A 51 -6.91 -4.81 0.97
CA ARG A 51 -5.85 -5.75 1.31
C ARG A 51 -4.64 -4.97 1.80
N HIS A 52 -4.43 -5.00 3.11
CA HIS A 52 -3.32 -4.27 3.71
C HIS A 52 -2.03 -5.08 3.67
N TYR A 53 -0.92 -4.41 3.88
CA TYR A 53 0.39 -5.05 3.82
C TYR A 53 1.40 -4.36 4.73
N LYS A 54 2.41 -5.12 5.13
CA LYS A 54 3.49 -4.60 5.97
C LYS A 54 4.72 -4.31 5.12
N ILE A 55 5.10 -3.05 5.05
CA ILE A 55 6.27 -2.64 4.29
C ILE A 55 7.45 -2.50 5.25
N TRP A 56 8.27 -3.54 5.32
CA TRP A 56 9.40 -3.56 6.23
C TRP A 56 10.62 -2.90 5.62
N ARG A 57 11.27 -2.03 6.40
CA ARG A 57 12.45 -1.32 5.96
C ARG A 57 13.70 -2.17 6.16
N ARG A 58 14.72 -1.94 5.34
CA ARG A 58 15.97 -2.70 5.43
C ARG A 58 16.98 -1.98 6.32
N ALA A 59 16.50 -1.07 7.16
CA ALA A 59 17.37 -0.32 8.06
C ALA A 59 18.49 0.37 7.29
N GLY A 60 18.11 1.34 6.46
CA GLY A 60 19.10 2.07 5.68
C GLY A 60 18.49 2.77 4.48
N GLY A 61 17.59 2.07 3.78
CA GLY A 61 16.94 2.64 2.62
C GLY A 61 16.42 1.60 1.66
N ARG A 62 15.37 0.90 2.07
CA ARG A 62 14.77 -0.14 1.24
C ARG A 62 13.51 -0.69 1.89
N LEU A 63 12.51 -0.98 1.07
CA LEU A 63 11.23 -1.50 1.55
C LEU A 63 10.92 -2.84 0.91
N HIS A 64 10.22 -3.69 1.64
CA HIS A 64 9.85 -5.00 1.14
C HIS A 64 8.62 -5.52 1.85
N LEU A 65 7.47 -5.43 1.18
CA LEU A 65 6.23 -5.91 1.76
C LEU A 65 6.33 -7.40 2.05
N ASN A 66 7.24 -8.06 1.34
CA ASN A 66 7.48 -9.48 1.50
C ASN A 66 8.96 -9.79 1.34
N GLU A 67 9.33 -11.05 1.54
CA GLU A 67 10.72 -11.46 1.42
C GLU A 67 11.13 -11.66 -0.04
N ALA A 68 10.42 -11.02 -0.97
CA ALA A 68 10.73 -11.14 -2.39
C ALA A 68 10.39 -9.86 -3.15
N VAL A 69 10.12 -8.77 -2.44
CA VAL A 69 9.77 -7.52 -3.10
C VAL A 69 10.50 -6.32 -2.45
N SER A 70 11.83 -6.36 -2.49
CA SER A 70 12.63 -5.28 -1.90
C SER A 70 12.82 -4.11 -2.87
N PHE A 71 12.67 -2.89 -2.35
CA PHE A 71 12.83 -1.69 -3.15
C PHE A 71 13.22 -0.50 -2.28
N LEU A 72 14.35 0.11 -2.64
CA LEU A 72 14.91 1.28 -1.95
C LEU A 72 13.87 2.10 -1.17
N SER A 73 12.69 2.28 -1.75
CA SER A 73 11.65 3.07 -1.09
C SER A 73 10.26 2.56 -1.47
N LEU A 74 9.24 3.07 -0.77
CA LEU A 74 7.88 2.67 -1.04
C LEU A 74 7.50 2.92 -2.50
N PRO A 75 7.55 4.21 -2.93
CA PRO A 75 7.22 4.61 -4.30
C PRO A 75 7.71 3.61 -5.33
N GLU A 76 8.97 3.20 -5.21
CA GLU A 76 9.54 2.23 -6.13
C GLU A 76 9.02 0.84 -5.81
N LEU A 77 8.93 0.54 -4.52
CA LEU A 77 8.42 -0.75 -4.06
C LEU A 77 7.00 -0.97 -4.58
N VAL A 78 6.18 0.08 -4.47
CA VAL A 78 4.80 0.02 -4.94
C VAL A 78 4.77 -0.16 -6.46
N ASN A 79 5.77 0.39 -7.13
CA ASN A 79 5.87 0.28 -8.58
C ASN A 79 6.01 -1.19 -8.98
N TYR A 80 6.74 -1.94 -8.17
CA TYR A 80 6.95 -3.36 -8.42
C TYR A 80 5.63 -4.11 -8.25
N HIS A 81 4.90 -3.75 -7.20
CA HIS A 81 3.61 -4.36 -6.91
C HIS A 81 2.64 -4.12 -8.07
N ARG A 82 2.83 -3.00 -8.75
CA ARG A 82 1.97 -2.64 -9.87
C ARG A 82 2.09 -3.66 -10.97
N ALA A 83 3.31 -3.93 -11.36
CA ALA A 83 3.57 -4.90 -12.40
C ALA A 83 3.20 -6.29 -11.91
N GLN A 84 3.92 -6.72 -10.88
CA GLN A 84 3.69 -8.02 -10.27
C GLN A 84 2.83 -7.94 -9.01
N SER A 85 1.95 -8.92 -8.84
CA SER A 85 1.10 -8.98 -7.65
C SER A 85 1.73 -9.88 -6.60
N LEU A 86 3.01 -10.22 -6.80
CA LEU A 86 3.74 -11.09 -5.88
C LEU A 86 3.66 -10.58 -4.46
N SER A 87 3.16 -11.43 -3.56
CA SER A 87 3.02 -11.07 -2.15
C SER A 87 2.17 -9.81 -1.99
N HIS A 88 1.40 -9.48 -3.02
CA HIS A 88 0.53 -8.32 -2.97
C HIS A 88 -0.81 -8.62 -3.64
N GLY A 89 -1.89 -8.41 -2.90
CA GLY A 89 -3.23 -8.68 -3.38
C GLY A 89 -3.44 -8.45 -4.87
N LEU A 90 -3.33 -7.21 -5.30
CA LEU A 90 -3.54 -6.86 -6.70
C LEU A 90 -2.40 -6.03 -7.24
N ARG A 91 -2.34 -5.92 -8.56
CA ARG A 91 -1.30 -5.15 -9.23
C ARG A 91 -1.47 -3.65 -8.96
N LEU A 92 -0.72 -3.15 -7.98
CA LEU A 92 -0.75 -1.73 -7.60
C LEU A 92 -0.89 -0.84 -8.84
N ALA A 93 -1.65 0.26 -8.72
CA ALA A 93 -1.84 1.14 -9.87
C ALA A 93 -2.30 2.55 -9.50
N ALA A 94 -3.60 2.72 -9.26
CA ALA A 94 -4.14 4.03 -8.93
C ALA A 94 -4.01 4.37 -7.45
N PRO A 95 -4.25 5.63 -7.09
CA PRO A 95 -4.17 6.10 -5.71
C PRO A 95 -5.49 5.98 -4.97
N CYS A 96 -5.43 5.83 -3.66
CA CYS A 96 -6.63 5.71 -2.84
C CYS A 96 -7.52 6.94 -3.01
N ARG A 97 -8.74 6.86 -2.49
CA ARG A 97 -9.68 7.97 -2.58
C ARG A 97 -10.84 7.78 -1.60
N LYS A 98 -11.30 8.88 -1.02
CA LYS A 98 -12.40 8.85 -0.07
C LYS A 98 -13.70 9.31 -0.72
N HIS A 99 -14.81 9.17 0.02
CA HIS A 99 -16.11 9.58 -0.49
C HIS A 99 -16.17 11.08 -0.72
N GLU A 100 -15.47 11.83 0.12
CA GLU A 100 -15.43 13.29 0.01
C GLU A 100 -14.67 13.72 -1.23
N SER A 1 3.16 3.54 -8.53
CA SER A 1 4.10 4.51 -7.93
C SER A 1 3.39 5.78 -7.48
N GLU A 2 2.20 5.60 -6.91
CA GLU A 2 1.40 6.73 -6.44
C GLU A 2 0.28 6.26 -5.52
N PRO A 3 0.62 5.73 -4.33
CA PRO A 3 -0.35 5.25 -3.35
C PRO A 3 -0.91 6.37 -2.48
N TRP A 4 -0.10 7.42 -2.31
CA TRP A 4 -0.46 8.55 -1.46
C TRP A 4 -0.13 8.18 -0.02
N PHE A 5 1.06 8.56 0.42
CA PHE A 5 1.53 8.24 1.76
C PHE A 5 0.71 8.95 2.84
N PHE A 6 0.08 8.15 3.70
CA PHE A 6 -0.72 8.68 4.79
C PHE A 6 -0.29 8.02 6.10
N GLY A 7 0.62 8.68 6.81
CA GLY A 7 1.11 8.14 8.06
C GLY A 7 0.20 8.43 9.23
N CYS A 8 -1.02 8.88 8.94
CA CYS A 8 -1.97 9.20 10.00
C CYS A 8 -3.27 8.42 9.86
N ILE A 9 -3.44 7.71 8.74
CA ILE A 9 -4.64 6.93 8.52
C ILE A 9 -4.62 5.64 9.35
N SER A 10 -5.79 5.05 9.56
CA SER A 10 -5.89 3.82 10.32
C SER A 10 -6.42 2.69 9.44
N ARG A 11 -6.27 1.46 9.90
CA ARG A 11 -6.74 0.29 9.15
C ARG A 11 -8.23 0.41 8.85
N SER A 12 -8.92 1.21 9.65
CA SER A 12 -10.35 1.42 9.48
C SER A 12 -10.63 2.40 8.35
N GLU A 13 -9.82 3.46 8.27
CA GLU A 13 -9.99 4.46 7.22
C GLU A 13 -9.46 3.97 5.90
N ALA A 14 -8.27 3.37 5.92
CA ALA A 14 -7.65 2.88 4.69
C ALA A 14 -8.55 1.86 4.00
N VAL A 15 -9.18 1.00 4.79
CA VAL A 15 -10.06 -0.02 4.26
C VAL A 15 -11.26 0.62 3.55
N ARG A 16 -11.89 1.58 4.21
CA ARG A 16 -13.04 2.27 3.64
C ARG A 16 -12.59 3.31 2.62
N ARG A 17 -11.36 3.77 2.80
CA ARG A 17 -10.77 4.76 1.91
C ARG A 17 -10.38 4.12 0.59
N LEU A 18 -9.92 2.87 0.66
CA LEU A 18 -9.53 2.14 -0.53
C LEU A 18 -10.76 1.80 -1.35
N GLN A 19 -11.82 1.47 -0.66
CA GLN A 19 -13.08 1.10 -1.29
C GLN A 19 -13.93 2.33 -1.59
N ALA A 20 -13.46 3.51 -1.18
CA ALA A 20 -14.19 4.75 -1.39
C ALA A 20 -13.73 5.48 -2.66
N GLU A 21 -14.63 6.30 -3.22
CA GLU A 21 -14.32 7.07 -4.41
C GLU A 21 -14.33 6.23 -5.67
N GLY A 22 -13.77 6.77 -6.74
CA GLY A 22 -13.70 6.04 -7.98
C GLY A 22 -12.84 4.82 -7.82
N ASN A 23 -12.51 4.49 -6.56
CA ASN A 23 -11.67 3.32 -6.27
C ASN A 23 -11.98 2.17 -7.20
N ALA A 24 -11.07 1.90 -8.13
CA ALA A 24 -11.25 0.83 -9.10
C ALA A 24 -10.08 -0.15 -9.07
N THR A 25 -10.02 -0.95 -8.00
CA THR A 25 -8.98 -1.95 -7.83
C THR A 25 -7.58 -1.37 -8.02
N GLY A 26 -6.60 -1.99 -7.36
CA GLY A 26 -5.24 -1.52 -7.44
C GLY A 26 -5.00 -0.32 -6.58
N ALA A 27 -6.05 0.46 -6.33
CA ALA A 27 -5.96 1.64 -5.48
C ALA A 27 -5.13 1.31 -4.24
N PHE A 28 -4.07 2.07 -4.01
CA PHE A 28 -3.17 1.80 -2.90
C PHE A 28 -2.81 3.06 -2.13
N LEU A 29 -2.31 2.85 -0.92
CA LEU A 29 -1.91 3.94 -0.03
C LEU A 29 -0.87 3.46 0.97
N ILE A 30 0.10 4.29 1.30
CA ILE A 30 1.11 3.87 2.27
C ILE A 30 0.97 4.64 3.57
N ARG A 31 0.67 3.93 4.64
CA ARG A 31 0.51 4.55 5.94
C ARG A 31 1.60 4.07 6.90
N VAL A 32 1.57 4.57 8.13
CA VAL A 32 2.55 4.18 9.12
C VAL A 32 2.12 2.92 9.86
N SER A 33 3.10 2.07 10.14
CA SER A 33 2.85 0.82 10.84
C SER A 33 2.09 1.02 12.14
N GLU A 34 0.78 0.84 12.10
CA GLU A 34 -0.05 0.98 13.28
C GLU A 34 0.27 -0.13 14.29
N LYS A 35 0.93 -1.18 13.79
CA LYS A 35 1.31 -2.32 14.62
C LYS A 35 2.83 -2.52 14.59
N PRO A 36 3.43 -2.71 13.40
CA PRO A 36 4.89 -2.91 13.27
C PRO A 36 5.68 -1.82 13.98
N SER A 37 7.00 -1.96 14.00
CA SER A 37 7.87 -0.99 14.67
C SER A 37 8.07 0.27 13.83
N ALA A 38 9.14 0.30 13.03
CA ALA A 38 9.43 1.46 12.19
C ALA A 38 9.28 1.11 10.70
N ASP A 39 8.08 0.72 10.32
CA ASP A 39 7.80 0.35 8.93
C ASP A 39 6.60 1.11 8.41
N TYR A 40 6.11 0.72 7.23
CA TYR A 40 4.94 1.33 6.63
C TYR A 40 4.02 0.26 6.13
N VAL A 41 2.74 0.46 6.33
CA VAL A 41 1.77 -0.53 5.89
C VAL A 41 1.00 -0.03 4.68
N LEU A 42 0.97 -0.84 3.64
CA LEU A 42 0.30 -0.48 2.42
C LEU A 42 -0.98 -1.28 2.26
N SER A 43 -2.01 -0.64 1.77
CA SER A 43 -3.26 -1.32 1.56
C SER A 43 -3.77 -1.08 0.17
N VAL A 44 -4.59 -1.99 -0.30
CA VAL A 44 -5.12 -1.91 -1.64
C VAL A 44 -6.48 -2.56 -1.74
N ARG A 45 -7.32 -1.99 -2.58
CA ARG A 45 -8.64 -2.51 -2.80
C ARG A 45 -8.56 -3.72 -3.70
N ASP A 46 -7.38 -3.92 -4.30
CA ASP A 46 -7.18 -5.05 -5.20
C ASP A 46 -8.38 -5.19 -6.14
N THR A 47 -8.56 -6.36 -6.74
CA THR A 47 -9.68 -6.57 -7.63
C THR A 47 -11.01 -6.57 -6.86
N GLN A 48 -10.93 -6.54 -5.53
CA GLN A 48 -12.12 -6.52 -4.69
C GLN A 48 -11.75 -6.53 -3.21
N ALA A 49 -12.46 -5.74 -2.41
CA ALA A 49 -12.18 -5.66 -0.99
C ALA A 49 -10.76 -5.16 -0.72
N VAL A 50 -10.54 -4.55 0.44
CA VAL A 50 -9.23 -4.04 0.78
C VAL A 50 -8.35 -5.12 1.38
N ARG A 51 -7.04 -4.94 1.21
CA ARG A 51 -6.05 -5.86 1.72
C ARG A 51 -4.82 -5.08 2.14
N HIS A 52 -4.50 -5.13 3.42
CA HIS A 52 -3.36 -4.38 3.94
C HIS A 52 -2.07 -5.16 3.77
N TYR A 53 -0.94 -4.48 3.95
CA TYR A 53 0.36 -5.10 3.79
C TYR A 53 1.43 -4.38 4.60
N LYS A 54 2.25 -5.15 5.30
CA LYS A 54 3.34 -4.58 6.09
C LYS A 54 4.56 -4.36 5.21
N ILE A 55 4.92 -3.10 5.03
CA ILE A 55 6.07 -2.73 4.22
C ILE A 55 7.27 -2.52 5.12
N TRP A 56 8.13 -3.52 5.21
CA TRP A 56 9.29 -3.46 6.08
C TRP A 56 10.47 -2.74 5.42
N ARG A 57 11.22 -2.01 6.22
CA ARG A 57 12.37 -1.27 5.74
C ARG A 57 13.65 -2.07 5.90
N ARG A 58 14.45 -2.13 4.84
CA ARG A 58 15.70 -2.87 4.85
C ARG A 58 16.62 -2.38 5.97
N ALA A 59 17.46 -1.41 5.66
CA ALA A 59 18.39 -0.85 6.62
C ALA A 59 19.12 0.36 6.04
N GLY A 60 18.35 1.40 5.71
CA GLY A 60 18.94 2.61 5.15
C GLY A 60 18.04 3.27 4.13
N GLY A 61 17.28 2.46 3.39
CA GLY A 61 16.39 2.99 2.38
C GLY A 61 15.88 1.92 1.44
N ARG A 62 14.87 1.19 1.86
CA ARG A 62 14.29 0.12 1.04
C ARG A 62 12.98 -0.37 1.66
N LEU A 63 12.10 -0.90 0.82
CA LEU A 63 10.82 -1.42 1.30
C LEU A 63 10.55 -2.79 0.71
N HIS A 64 10.06 -3.69 1.53
CA HIS A 64 9.75 -5.03 1.08
C HIS A 64 8.59 -5.62 1.88
N LEU A 65 7.41 -5.65 1.27
CA LEU A 65 6.24 -6.20 1.93
C LEU A 65 6.51 -7.64 2.33
N ASN A 66 7.40 -8.26 1.57
CA ASN A 66 7.80 -9.65 1.80
C ASN A 66 9.31 -9.80 1.58
N GLU A 67 9.81 -11.02 1.82
CA GLU A 67 11.24 -11.28 1.66
C GLU A 67 11.61 -11.51 0.19
N ALA A 68 10.87 -10.88 -0.72
CA ALA A 68 11.15 -11.03 -2.15
C ALA A 68 10.70 -9.81 -2.96
N VAL A 69 10.30 -8.73 -2.29
CA VAL A 69 9.86 -7.53 -2.99
C VAL A 69 10.48 -6.26 -2.39
N SER A 70 11.81 -6.20 -2.39
CA SER A 70 12.52 -5.04 -1.84
C SER A 70 12.66 -3.92 -2.86
N PHE A 71 12.50 -2.68 -2.39
CA PHE A 71 12.62 -1.49 -3.24
C PHE A 71 13.04 -0.27 -2.44
N LEU A 72 14.12 0.35 -2.90
CA LEU A 72 14.71 1.54 -2.28
C LEU A 72 13.70 2.39 -1.49
N SER A 73 12.49 2.56 -2.01
CA SER A 73 11.48 3.37 -1.34
C SER A 73 10.08 2.80 -1.53
N LEU A 74 9.09 3.52 -1.03
CA LEU A 74 7.70 3.11 -1.13
C LEU A 74 7.17 3.24 -2.57
N PRO A 75 7.13 4.47 -3.11
CA PRO A 75 6.65 4.71 -4.47
C PRO A 75 7.26 3.72 -5.46
N GLU A 76 8.53 3.40 -5.28
CA GLU A 76 9.18 2.44 -6.14
C GLU A 76 8.72 1.05 -5.75
N LEU A 77 8.59 0.84 -4.44
CA LEU A 77 8.14 -0.43 -3.90
C LEU A 77 6.83 -0.84 -4.57
N VAL A 78 5.83 0.04 -4.54
CA VAL A 78 4.55 -0.26 -5.17
C VAL A 78 4.75 -0.45 -6.68
N ASN A 79 5.79 0.19 -7.23
CA ASN A 79 6.10 0.07 -8.64
C ASN A 79 6.26 -1.40 -9.00
N TYR A 80 7.01 -2.13 -8.17
CA TYR A 80 7.23 -3.55 -8.38
C TYR A 80 5.90 -4.28 -8.17
N HIS A 81 5.13 -3.80 -7.20
CA HIS A 81 3.83 -4.37 -6.89
C HIS A 81 2.90 -4.18 -8.09
N ARG A 82 3.03 -3.03 -8.74
CA ARG A 82 2.21 -2.70 -9.89
C ARG A 82 2.51 -3.62 -11.05
N ALA A 83 3.76 -3.95 -11.20
CA ALA A 83 4.16 -4.84 -12.26
C ALA A 83 3.72 -6.24 -11.88
N GLN A 84 4.37 -6.76 -10.85
CA GLN A 84 4.05 -8.07 -10.31
C GLN A 84 3.17 -7.97 -9.07
N SER A 85 2.12 -8.79 -9.02
CA SER A 85 1.23 -8.80 -7.86
C SER A 85 1.65 -9.91 -6.89
N LEU A 86 2.87 -10.42 -7.07
CA LEU A 86 3.41 -11.50 -6.24
C LEU A 86 3.04 -11.34 -4.76
N SER A 87 3.66 -10.36 -4.10
CA SER A 87 3.39 -10.12 -2.69
C SER A 87 2.38 -9.00 -2.51
N HIS A 88 1.37 -8.98 -3.38
CA HIS A 88 0.34 -7.97 -3.31
C HIS A 88 -0.95 -8.46 -3.98
N GLY A 89 -2.05 -8.43 -3.22
CA GLY A 89 -3.34 -8.89 -3.74
C GLY A 89 -3.56 -8.53 -5.19
N LEU A 90 -3.01 -7.40 -5.60
CA LEU A 90 -3.14 -6.92 -6.97
C LEU A 90 -1.94 -6.06 -7.32
N ARG A 91 -2.01 -5.39 -8.47
CA ARG A 91 -0.92 -4.54 -8.91
C ARG A 91 -1.25 -3.06 -8.68
N LEU A 92 -0.50 -2.43 -7.77
CA LEU A 92 -0.71 -1.02 -7.45
C LEU A 92 -0.88 -0.18 -8.72
N ALA A 93 -2.13 0.19 -9.01
CA ALA A 93 -2.44 0.97 -10.21
C ALA A 93 -2.49 2.47 -9.94
N ALA A 94 -3.60 2.94 -9.36
CA ALA A 94 -3.77 4.36 -9.06
C ALA A 94 -3.78 4.64 -7.56
N PRO A 95 -3.66 5.92 -7.17
CA PRO A 95 -3.66 6.33 -5.76
C PRO A 95 -5.03 6.19 -5.10
N CYS A 96 -5.03 6.01 -3.79
CA CYS A 96 -6.28 5.88 -3.05
C CYS A 96 -7.11 7.15 -3.17
N ARG A 97 -8.36 7.00 -3.56
CA ARG A 97 -9.25 8.15 -3.72
C ARG A 97 -10.32 8.17 -2.64
N LYS A 98 -10.80 9.36 -2.30
CA LYS A 98 -11.83 9.51 -1.28
C LYS A 98 -12.43 10.91 -1.31
N HIS A 99 -11.57 11.91 -1.40
CA HIS A 99 -12.02 13.30 -1.43
C HIS A 99 -11.35 14.06 -2.57
N GLU A 100 -11.24 13.40 -3.72
CA GLU A 100 -10.61 14.02 -4.89
C GLU A 100 -9.15 14.37 -4.61
N SER A 1 -2.04 7.80 -10.35
CA SER A 1 -0.90 6.89 -10.63
C SER A 1 -0.33 6.31 -9.34
N GLU A 2 0.19 7.18 -8.48
CA GLU A 2 0.77 6.76 -7.21
C GLU A 2 -0.33 6.36 -6.21
N PRO A 3 0.03 5.55 -5.20
CA PRO A 3 -0.92 5.11 -4.18
C PRO A 3 -1.19 6.17 -3.11
N TRP A 4 -0.39 7.24 -3.14
CA TRP A 4 -0.55 8.33 -2.17
C TRP A 4 -0.20 7.84 -0.76
N PHE A 5 0.86 8.40 -0.20
CA PHE A 5 1.31 8.02 1.14
C PHE A 5 0.56 8.80 2.21
N PHE A 6 0.09 8.09 3.23
CA PHE A 6 -0.63 8.70 4.33
C PHE A 6 -0.15 8.08 5.65
N GLY A 7 0.80 8.75 6.30
CA GLY A 7 1.33 8.25 7.54
C GLY A 7 0.47 8.61 8.73
N CYS A 8 -0.75 9.07 8.47
CA CYS A 8 -1.65 9.44 9.55
C CYS A 8 -2.97 8.67 9.49
N ILE A 9 -3.19 7.92 8.41
CA ILE A 9 -4.41 7.15 8.27
C ILE A 9 -4.35 5.88 9.12
N SER A 10 -5.52 5.31 9.39
CA SER A 10 -5.59 4.08 10.18
C SER A 10 -6.33 2.99 9.41
N ARG A 11 -6.42 1.81 10.01
CA ARG A 11 -7.10 0.69 9.38
C ARG A 11 -8.59 0.98 9.20
N SER A 12 -9.08 1.99 9.90
CA SER A 12 -10.48 2.37 9.82
C SER A 12 -10.76 3.13 8.52
N GLU A 13 -9.96 4.14 8.23
CA GLU A 13 -10.15 4.95 7.02
C GLU A 13 -9.67 4.20 5.79
N ALA A 14 -8.51 3.56 5.89
CA ALA A 14 -7.96 2.82 4.77
C ALA A 14 -8.91 1.75 4.27
N VAL A 15 -9.62 1.11 5.19
CA VAL A 15 -10.57 0.06 4.82
C VAL A 15 -11.75 0.66 4.05
N ARG A 16 -12.30 1.75 4.57
CA ARG A 16 -13.42 2.42 3.91
C ARG A 16 -12.94 3.27 2.74
N ARG A 17 -11.66 3.61 2.77
CA ARG A 17 -11.04 4.41 1.72
C ARG A 17 -10.68 3.51 0.55
N LEU A 18 -10.17 2.33 0.86
CA LEU A 18 -9.78 1.35 -0.14
C LEU A 18 -11.01 0.77 -0.83
N GLN A 19 -12.11 0.75 -0.10
CA GLN A 19 -13.37 0.22 -0.60
C GLN A 19 -14.26 1.31 -1.20
N ALA A 20 -13.91 2.57 -0.98
CA ALA A 20 -14.70 3.70 -1.51
C ALA A 20 -15.04 3.46 -2.97
N GLU A 21 -15.96 4.27 -3.52
CA GLU A 21 -16.35 4.11 -4.92
C GLU A 21 -15.39 4.82 -5.85
N GLY A 22 -14.35 5.36 -5.27
CA GLY A 22 -13.32 6.04 -6.01
C GLY A 22 -12.14 5.12 -6.28
N ASN A 23 -12.22 3.89 -5.73
CA ASN A 23 -11.16 2.92 -5.88
C ASN A 23 -11.57 1.76 -6.78
N ALA A 24 -11.01 1.74 -7.99
CA ALA A 24 -11.30 0.70 -8.95
C ALA A 24 -10.13 -0.28 -9.02
N THR A 25 -9.99 -1.08 -7.97
CA THR A 25 -8.92 -2.07 -7.87
C THR A 25 -7.55 -1.43 -8.01
N GLY A 26 -6.61 -1.89 -7.19
CA GLY A 26 -5.27 -1.34 -7.19
C GLY A 26 -5.18 -0.06 -6.38
N ALA A 27 -6.33 0.44 -5.92
CA ALA A 27 -6.35 1.65 -5.10
C ALA A 27 -5.52 1.41 -3.85
N PHE A 28 -4.25 1.78 -3.95
CA PHE A 28 -3.29 1.58 -2.89
C PHE A 28 -3.03 2.85 -2.09
N LEU A 29 -2.45 2.66 -0.91
CA LEU A 29 -2.07 3.76 -0.03
C LEU A 29 -0.97 3.34 0.94
N ILE A 30 0.03 4.19 1.11
CA ILE A 30 1.11 3.86 2.03
C ILE A 30 1.02 4.67 3.32
N ARG A 31 0.76 3.98 4.42
CA ARG A 31 0.66 4.63 5.71
C ARG A 31 1.79 4.16 6.61
N VAL A 32 1.84 4.68 7.83
CA VAL A 32 2.88 4.27 8.77
C VAL A 32 2.47 3.00 9.51
N SER A 33 3.41 2.06 9.56
CA SER A 33 3.16 0.78 10.23
C SER A 33 2.55 1.00 11.61
N GLU A 34 1.23 0.95 11.68
CA GLU A 34 0.51 1.12 12.94
C GLU A 34 0.97 0.09 13.97
N LYS A 35 1.57 -0.99 13.46
CA LYS A 35 2.06 -2.06 14.32
C LYS A 35 3.54 -2.37 14.03
N PRO A 36 3.89 -2.76 12.79
CA PRO A 36 5.29 -3.09 12.42
C PRO A 36 6.25 -1.92 12.60
N SER A 37 6.75 -1.73 13.82
CA SER A 37 7.71 -0.67 14.12
C SER A 37 7.44 0.61 13.32
N ALA A 38 8.51 1.32 12.93
CA ALA A 38 8.37 2.56 12.18
C ALA A 38 8.20 2.29 10.67
N ASP A 39 8.04 1.03 10.30
CA ASP A 39 7.87 0.65 8.91
C ASP A 39 6.66 1.35 8.30
N TYR A 40 6.15 0.81 7.19
CA TYR A 40 4.98 1.39 6.54
C TYR A 40 4.07 0.28 6.08
N VAL A 41 2.79 0.47 6.25
CA VAL A 41 1.83 -0.54 5.85
C VAL A 41 1.10 -0.09 4.62
N LEU A 42 1.01 -0.98 3.64
CA LEU A 42 0.35 -0.66 2.41
C LEU A 42 -0.89 -1.50 2.20
N SER A 43 -1.94 -0.85 1.74
CA SER A 43 -3.18 -1.53 1.47
C SER A 43 -3.66 -1.23 0.07
N VAL A 44 -4.42 -2.15 -0.47
CA VAL A 44 -4.93 -2.02 -1.84
C VAL A 44 -6.34 -2.59 -1.94
N ARG A 45 -7.22 -1.92 -2.68
CA ARG A 45 -8.57 -2.44 -2.86
C ARG A 45 -8.52 -3.74 -3.65
N ASP A 46 -7.32 -4.06 -4.14
CA ASP A 46 -7.12 -5.29 -4.92
C ASP A 46 -8.25 -5.42 -5.96
N THR A 47 -8.79 -6.61 -6.15
CA THR A 47 -9.89 -6.79 -7.11
C THR A 47 -11.24 -6.71 -6.41
N GLN A 48 -11.22 -6.61 -5.08
CA GLN A 48 -12.42 -6.52 -4.27
C GLN A 48 -12.06 -6.46 -2.80
N ALA A 49 -12.77 -5.63 -2.03
CA ALA A 49 -12.47 -5.49 -0.62
C ALA A 49 -11.07 -4.91 -0.43
N VAL A 50 -10.60 -4.86 0.81
CA VAL A 50 -9.28 -4.32 1.07
C VAL A 50 -8.30 -5.39 1.51
N ARG A 51 -7.03 -5.11 1.26
CA ARG A 51 -5.95 -6.00 1.63
C ARG A 51 -4.78 -5.17 2.12
N HIS A 52 -4.58 -5.14 3.44
CA HIS A 52 -3.50 -4.37 4.01
C HIS A 52 -2.21 -5.15 4.00
N TYR A 53 -1.10 -4.45 4.14
CA TYR A 53 0.19 -5.11 4.11
C TYR A 53 1.27 -4.34 4.87
N LYS A 54 2.21 -5.08 5.43
CA LYS A 54 3.32 -4.50 6.17
C LYS A 54 4.52 -4.32 5.26
N ILE A 55 4.91 -3.08 5.04
CA ILE A 55 6.07 -2.78 4.21
C ILE A 55 7.24 -2.58 5.15
N TRP A 56 8.08 -3.60 5.26
CA TRP A 56 9.20 -3.56 6.17
C TRP A 56 10.42 -2.87 5.57
N ARG A 57 10.98 -1.96 6.35
CA ARG A 57 12.15 -1.19 5.93
C ARG A 57 13.44 -1.95 6.24
N ARG A 58 14.38 -1.90 5.29
CA ARG A 58 15.65 -2.59 5.47
C ARG A 58 16.71 -1.62 6.01
N ALA A 59 16.45 -1.09 7.20
CA ALA A 59 17.37 -0.15 7.83
C ALA A 59 17.23 1.25 7.21
N GLY A 60 16.01 1.58 6.81
CA GLY A 60 15.77 2.88 6.21
C GLY A 60 16.39 3.01 4.84
N GLY A 61 16.22 1.99 4.00
CA GLY A 61 16.79 2.04 2.66
C GLY A 61 16.31 0.90 1.77
N ARG A 62 15.11 0.38 2.04
CA ARG A 62 14.55 -0.71 1.24
C ARG A 62 13.26 -1.23 1.84
N LEU A 63 12.20 -1.18 1.04
CA LEU A 63 10.89 -1.64 1.47
C LEU A 63 10.60 -3.01 0.87
N HIS A 64 9.95 -3.86 1.65
CA HIS A 64 9.61 -5.21 1.19
C HIS A 64 8.40 -5.74 1.95
N LEU A 65 7.23 -5.67 1.31
CA LEU A 65 6.01 -6.14 1.94
C LEU A 65 6.07 -7.65 2.14
N ASN A 66 6.79 -8.32 1.27
CA ASN A 66 6.95 -9.77 1.33
C ASN A 66 8.41 -10.18 1.22
N GLU A 67 8.71 -11.41 1.64
CA GLU A 67 10.07 -11.95 1.57
C GLU A 67 10.44 -12.32 0.14
N ALA A 68 10.19 -11.39 -0.77
CA ALA A 68 10.49 -11.59 -2.18
C ALA A 68 10.53 -10.25 -2.90
N VAL A 69 9.64 -9.36 -2.51
CA VAL A 69 9.55 -8.04 -3.09
C VAL A 69 10.30 -7.02 -2.25
N SER A 70 11.36 -6.43 -2.81
CA SER A 70 12.16 -5.46 -2.10
C SER A 70 12.53 -4.27 -2.99
N PHE A 71 12.44 -3.07 -2.43
CA PHE A 71 12.77 -1.85 -3.18
C PHE A 71 13.19 -0.72 -2.24
N LEU A 72 14.38 -0.18 -2.51
CA LEU A 72 14.97 0.91 -1.75
C LEU A 72 13.96 1.78 -1.00
N SER A 73 12.86 2.13 -1.66
CA SER A 73 11.85 2.97 -1.02
C SER A 73 10.44 2.60 -1.48
N LEU A 74 9.44 3.14 -0.77
CA LEU A 74 8.04 2.87 -1.10
C LEU A 74 7.78 3.16 -2.58
N PRO A 75 8.16 4.36 -3.06
CA PRO A 75 7.97 4.76 -4.45
C PRO A 75 8.32 3.64 -5.42
N GLU A 76 9.53 3.12 -5.29
CA GLU A 76 9.97 2.03 -6.14
C GLU A 76 9.20 0.75 -5.80
N LEU A 77 9.08 0.50 -4.49
CA LEU A 77 8.35 -0.68 -4.02
C LEU A 77 6.94 -0.68 -4.59
N VAL A 78 6.40 0.51 -4.81
CA VAL A 78 5.06 0.66 -5.37
C VAL A 78 5.12 0.50 -6.89
N ASN A 79 6.21 0.98 -7.48
CA ASN A 79 6.39 0.87 -8.93
C ASN A 79 6.51 -0.60 -9.34
N TYR A 80 7.18 -1.38 -8.50
CA TYR A 80 7.36 -2.80 -8.75
C TYR A 80 6.06 -3.55 -8.47
N HIS A 81 5.34 -3.10 -7.44
CA HIS A 81 4.07 -3.73 -7.09
C HIS A 81 3.07 -3.60 -8.23
N ARG A 82 3.17 -2.50 -8.97
CA ARG A 82 2.26 -2.26 -10.09
C ARG A 82 2.52 -3.23 -11.22
N ALA A 83 3.77 -3.36 -11.59
CA ALA A 83 4.16 -4.25 -12.66
C ALA A 83 3.96 -5.70 -12.21
N GLN A 84 4.68 -6.07 -11.16
CA GLN A 84 4.61 -7.42 -10.61
C GLN A 84 3.67 -7.49 -9.41
N SER A 85 2.90 -8.56 -9.33
CA SER A 85 1.98 -8.76 -8.22
C SER A 85 2.64 -9.65 -7.16
N LEU A 86 3.90 -9.33 -6.85
CA LEU A 86 4.68 -10.09 -5.87
C LEU A 86 3.89 -10.42 -4.61
N SER A 87 3.43 -11.67 -4.54
CA SER A 87 2.67 -12.16 -3.38
C SER A 87 1.73 -11.11 -2.80
N HIS A 88 1.20 -10.25 -3.65
CA HIS A 88 0.27 -9.21 -3.18
C HIS A 88 -1.09 -9.37 -3.86
N GLY A 89 -2.15 -9.12 -3.09
CA GLY A 89 -3.52 -9.24 -3.58
C GLY A 89 -3.71 -8.74 -5.01
N LEU A 90 -2.91 -7.76 -5.42
CA LEU A 90 -3.04 -7.20 -6.76
C LEU A 90 -1.88 -6.27 -7.07
N ARG A 91 -1.87 -5.73 -8.28
CA ARG A 91 -0.81 -4.82 -8.71
C ARG A 91 -1.22 -3.36 -8.51
N LEU A 92 -0.28 -2.56 -8.03
CA LEU A 92 -0.52 -1.13 -7.81
C LEU A 92 -1.20 -0.51 -9.02
N ALA A 93 -2.26 0.27 -8.78
CA ALA A 93 -2.98 0.91 -9.88
C ALA A 93 -3.06 2.43 -9.69
N ALA A 94 -3.95 2.87 -8.81
CA ALA A 94 -4.13 4.29 -8.57
C ALA A 94 -4.20 4.60 -7.07
N PRO A 95 -4.24 5.89 -6.70
CA PRO A 95 -4.31 6.31 -5.30
C PRO A 95 -5.71 6.10 -4.71
N CYS A 96 -5.75 5.71 -3.45
CA CYS A 96 -7.03 5.48 -2.78
C CYS A 96 -7.90 6.73 -2.81
N ARG A 97 -9.20 6.55 -2.65
CA ARG A 97 -10.14 7.68 -2.65
C ARG A 97 -11.11 7.58 -1.48
N LYS A 98 -11.34 8.71 -0.83
CA LYS A 98 -12.25 8.76 0.32
C LYS A 98 -13.50 9.55 -0.03
N HIS A 99 -14.45 9.59 0.91
CA HIS A 99 -15.70 10.32 0.70
C HIS A 99 -15.78 11.52 1.62
N GLU A 100 -16.96 12.14 1.71
CA GLU A 100 -17.17 13.30 2.55
C GLU A 100 -16.29 14.46 2.10
#